data_1RRB
# 
_entry.id   1RRB 
# 
_audit_conform.dict_name       mmcif_pdbx.dic 
_audit_conform.dict_version    5.392 
_audit_conform.dict_location   http://mmcif.pdb.org/dictionaries/ascii/mmcif_pdbx.dic 
# 
loop_
_database_2.database_id 
_database_2.database_code 
_database_2.pdbx_database_accession 
_database_2.pdbx_DOI 
PDB   1RRB         pdb_00001rrb 10.2210/pdb1rrb/pdb 
WWPDB D_1000176186 ?            ?                   
# 
loop_
_pdbx_audit_revision_history.ordinal 
_pdbx_audit_revision_history.data_content_type 
_pdbx_audit_revision_history.major_revision 
_pdbx_audit_revision_history.minor_revision 
_pdbx_audit_revision_history.revision_date 
1 'Structure model' 1 0 1999-03-30 
2 'Structure model' 1 1 2008-03-24 
3 'Structure model' 1 2 2011-07-13 
4 'Structure model' 1 3 2022-03-02 
5 'Structure model' 1 4 2024-05-22 
# 
_pdbx_audit_revision_details.ordinal             1 
_pdbx_audit_revision_details.revision_ordinal    1 
_pdbx_audit_revision_details.data_content_type   'Structure model' 
_pdbx_audit_revision_details.provider            repository 
_pdbx_audit_revision_details.type                'Initial release' 
_pdbx_audit_revision_details.description         ? 
_pdbx_audit_revision_details.details             ? 
# 
loop_
_pdbx_audit_revision_group.ordinal 
_pdbx_audit_revision_group.revision_ordinal 
_pdbx_audit_revision_group.data_content_type 
_pdbx_audit_revision_group.group 
1 2 'Structure model' 'Version format compliance' 
2 3 'Structure model' 'Version format compliance' 
3 4 'Structure model' 'Data collection'           
4 4 'Structure model' 'Database references'       
5 4 'Structure model' 'Derived calculations'      
6 4 'Structure model' Other                       
7 5 'Structure model' 'Data collection'           
# 
loop_
_pdbx_audit_revision_category.ordinal 
_pdbx_audit_revision_category.revision_ordinal 
_pdbx_audit_revision_category.data_content_type 
_pdbx_audit_revision_category.category 
1 4 'Structure model' database_2            
2 4 'Structure model' pdbx_database_status  
3 4 'Structure model' pdbx_nmr_software     
4 4 'Structure model' pdbx_struct_assembly  
5 4 'Structure model' pdbx_struct_oper_list 
6 5 'Structure model' chem_comp_atom        
7 5 'Structure model' chem_comp_bond        
# 
loop_
_pdbx_audit_revision_item.ordinal 
_pdbx_audit_revision_item.revision_ordinal 
_pdbx_audit_revision_item.data_content_type 
_pdbx_audit_revision_item.item 
1 4 'Structure model' '_database_2.pdbx_DOI'                
2 4 'Structure model' '_database_2.pdbx_database_accession' 
3 4 'Structure model' '_pdbx_database_status.process_site'  
4 4 'Structure model' '_pdbx_nmr_software.name'             
# 
_pdbx_database_status.status_code                     REL 
_pdbx_database_status.entry_id                        1RRB 
_pdbx_database_status.recvd_initial_deposition_date   1998-03-26 
_pdbx_database_status.deposit_site                    ? 
_pdbx_database_status.process_site                    BNL 
_pdbx_database_status.SG_entry                        Y 
_pdbx_database_status.pdb_format_compatible           Y 
_pdbx_database_status.status_code_mr                  ? 
_pdbx_database_status.status_code_sf                  ? 
_pdbx_database_status.status_code_cs                  ? 
_pdbx_database_status.status_code_nmr_data            ? 
_pdbx_database_status.methods_development_category    ? 
# 
_pdbx_database_related.db_name        TargetDB 
_pdbx_database_related.db_id          my_001000014.1 
_pdbx_database_related.details        . 
_pdbx_database_related.content_type   unspecified 
# 
loop_
_audit_author.name 
_audit_author.pdbx_ordinal 
'Terada, T.'                                             1  
'Ito, Y.'                                                2  
'Shirouzu, M.'                                           3  
'Tateno, M.'                                             4  
'Hashimoto, K.'                                          5  
'Kigawa, T.'                                             6  
'Ebisuzaki, T.'                                          7  
'Takio, K.'                                              8  
'Shibata, T.'                                            9  
'Yokoyama, S.'                                           10 
'Smith, B.O.'                                            11 
'Laue, E.D.'                                             12 
'Cooper, J.A.'                                           13 
'RIKEN Structural Genomics/Proteomics Initiative (RSGI)' 14 
# 
_citation.id                        primary 
_citation.title                     
;Nuclear magnetic resonance and molecular dynamics studies on the interactions of the Ras-binding domain of Raf-1 with wild-type and mutant Ras proteins.
;
_citation.journal_abbrev            J.Mol.Biol. 
_citation.journal_volume            286 
_citation.page_first                219 
_citation.page_last                 232 
_citation.year                      1999 
_citation.journal_id_ASTM           JMOBAK 
_citation.country                   UK 
_citation.journal_id_ISSN           0022-2836 
_citation.journal_id_CSD            0070 
_citation.book_publisher            ? 
_citation.pdbx_database_id_PubMed   9931261 
_citation.pdbx_database_id_DOI      10.1006/jmbi.1998.2472 
# 
loop_
_citation_author.citation_id 
_citation_author.name 
_citation_author.ordinal 
_citation_author.identifier_ORCID 
primary 'Terada, T.'    1  ? 
primary 'Ito, Y.'       2  ? 
primary 'Shirouzu, M.'  3  ? 
primary 'Tateno, M.'    4  ? 
primary 'Hashimoto, K.' 5  ? 
primary 'Kigawa, T.'    6  ? 
primary 'Ebisuzaki, T.' 7  ? 
primary 'Takio, K.'     8  ? 
primary 'Shibata, T.'   9  ? 
primary 'Yokoyama, S.'  10 ? 
primary 'Smith, B.O.'   11 ? 
primary 'Laue, E.D.'    12 ? 
primary 'Cooper, J.A.'  13 ? 
# 
_entity.id                         1 
_entity.type                       polymer 
_entity.src_method                 man 
_entity.pdbx_description           'RAF PROTO-ONCOGENE SERINE/THREONINE-PROTEIN KINASE' 
_entity.formula_weight             11960.821 
_entity.pdbx_number_of_molecules   1 
_entity.pdbx_ec                    2.7.1.- 
_entity.pdbx_mutation              ? 
_entity.pdbx_fragment              'RAS-BINDING DOMAIN, RESIDUES 56-131' 
_entity.details                    ? 
# 
_entity_name_com.entity_id   1 
_entity_name_com.name        'RAF-1 RBD' 
# 
_entity_poly.entity_id                      1 
_entity_poly.type                           'polypeptide(L)' 
_entity_poly.nstd_linkage                   no 
_entity_poly.nstd_monomer                   no 
_entity_poly.pdbx_seq_one_letter_code       
;ASMTGGQQMGRGSSSKTSNTIRVFLPNKQRTVVNVRNGMSLHDCLMKALKVRGLQPECCAVFRLLQEHKGKKARLDWNTD
AASLIGEELQVDFLKLAAALEHHHHHH
;
_entity_poly.pdbx_seq_one_letter_code_can   
;ASMTGGQQMGRGSSSKTSNTIRVFLPNKQRTVVNVRNGMSLHDCLMKALKVRGLQPECCAVFRLLQEHKGKKARLDWNTD
AASLIGEELQVDFLKLAAALEHHHHHH
;
_entity_poly.pdbx_strand_id                 A 
_entity_poly.pdbx_target_identifier         my_001000014.1 
# 
loop_
_entity_poly_seq.entity_id 
_entity_poly_seq.num 
_entity_poly_seq.mon_id 
_entity_poly_seq.hetero 
1 1   ALA n 
1 2   SER n 
1 3   MET n 
1 4   THR n 
1 5   GLY n 
1 6   GLY n 
1 7   GLN n 
1 8   GLN n 
1 9   MET n 
1 10  GLY n 
1 11  ARG n 
1 12  GLY n 
1 13  SER n 
1 14  SER n 
1 15  SER n 
1 16  LYS n 
1 17  THR n 
1 18  SER n 
1 19  ASN n 
1 20  THR n 
1 21  ILE n 
1 22  ARG n 
1 23  VAL n 
1 24  PHE n 
1 25  LEU n 
1 26  PRO n 
1 27  ASN n 
1 28  LYS n 
1 29  GLN n 
1 30  ARG n 
1 31  THR n 
1 32  VAL n 
1 33  VAL n 
1 34  ASN n 
1 35  VAL n 
1 36  ARG n 
1 37  ASN n 
1 38  GLY n 
1 39  MET n 
1 40  SER n 
1 41  LEU n 
1 42  HIS n 
1 43  ASP n 
1 44  CYS n 
1 45  LEU n 
1 46  MET n 
1 47  LYS n 
1 48  ALA n 
1 49  LEU n 
1 50  LYS n 
1 51  VAL n 
1 52  ARG n 
1 53  GLY n 
1 54  LEU n 
1 55  GLN n 
1 56  PRO n 
1 57  GLU n 
1 58  CYS n 
1 59  CYS n 
1 60  ALA n 
1 61  VAL n 
1 62  PHE n 
1 63  ARG n 
1 64  LEU n 
1 65  LEU n 
1 66  GLN n 
1 67  GLU n 
1 68  HIS n 
1 69  LYS n 
1 70  GLY n 
1 71  LYS n 
1 72  LYS n 
1 73  ALA n 
1 74  ARG n 
1 75  LEU n 
1 76  ASP n 
1 77  TRP n 
1 78  ASN n 
1 79  THR n 
1 80  ASP n 
1 81  ALA n 
1 82  ALA n 
1 83  SER n 
1 84  LEU n 
1 85  ILE n 
1 86  GLY n 
1 87  GLU n 
1 88  GLU n 
1 89  LEU n 
1 90  GLN n 
1 91  VAL n 
1 92  ASP n 
1 93  PHE n 
1 94  LEU n 
1 95  LYS n 
1 96  LEU n 
1 97  ALA n 
1 98  ALA n 
1 99  ALA n 
1 100 LEU n 
1 101 GLU n 
1 102 HIS n 
1 103 HIS n 
1 104 HIS n 
1 105 HIS n 
1 106 HIS n 
1 107 HIS n 
# 
_entity_src_gen.entity_id                          1 
_entity_src_gen.pdbx_src_id                        1 
_entity_src_gen.pdbx_alt_source_flag               sample 
_entity_src_gen.pdbx_seq_type                      ? 
_entity_src_gen.pdbx_beg_seq_num                   ? 
_entity_src_gen.pdbx_end_seq_num                   ? 
_entity_src_gen.gene_src_common_name               'Norway rat' 
_entity_src_gen.gene_src_genus                     Rattus 
_entity_src_gen.pdbx_gene_src_gene                 ? 
_entity_src_gen.gene_src_species                   ? 
_entity_src_gen.gene_src_strain                    ? 
_entity_src_gen.gene_src_tissue                    ? 
_entity_src_gen.gene_src_tissue_fraction           ? 
_entity_src_gen.gene_src_details                   ? 
_entity_src_gen.pdbx_gene_src_fragment             ? 
_entity_src_gen.pdbx_gene_src_scientific_name      'Rattus norvegicus' 
_entity_src_gen.pdbx_gene_src_ncbi_taxonomy_id     10116 
_entity_src_gen.pdbx_gene_src_variant              ? 
_entity_src_gen.pdbx_gene_src_cell_line            BL21 
_entity_src_gen.pdbx_gene_src_atcc                 ? 
_entity_src_gen.pdbx_gene_src_organ                ? 
_entity_src_gen.pdbx_gene_src_organelle            ? 
_entity_src_gen.pdbx_gene_src_cell                 ? 
_entity_src_gen.pdbx_gene_src_cellular_location    ? 
_entity_src_gen.host_org_common_name               ? 
_entity_src_gen.pdbx_host_org_scientific_name      'Escherichia coli BL21(DE3)' 
_entity_src_gen.pdbx_host_org_ncbi_taxonomy_id     469008 
_entity_src_gen.host_org_genus                     Escherichia 
_entity_src_gen.pdbx_host_org_gene                 ? 
_entity_src_gen.pdbx_host_org_organ                ? 
_entity_src_gen.host_org_species                   'Escherichia coli' 
_entity_src_gen.pdbx_host_org_tissue               ? 
_entity_src_gen.pdbx_host_org_tissue_fraction      ? 
_entity_src_gen.pdbx_host_org_strain               'BL21 (DE3)' 
_entity_src_gen.pdbx_host_org_variant              ? 
_entity_src_gen.pdbx_host_org_cell_line            ? 
_entity_src_gen.pdbx_host_org_atcc                 ? 
_entity_src_gen.pdbx_host_org_culture_collection   ? 
_entity_src_gen.pdbx_host_org_cell                 ? 
_entity_src_gen.pdbx_host_org_organelle            ? 
_entity_src_gen.pdbx_host_org_cellular_location    ? 
_entity_src_gen.pdbx_host_org_vector_type          ? 
_entity_src_gen.pdbx_host_org_vector               ? 
_entity_src_gen.host_org_details                   ? 
_entity_src_gen.expression_system_id               ? 
_entity_src_gen.plasmid_name                       PET-RID 
_entity_src_gen.plasmid_details                    ? 
_entity_src_gen.pdbx_description                   ? 
# 
loop_
_chem_comp.id 
_chem_comp.type 
_chem_comp.mon_nstd_flag 
_chem_comp.name 
_chem_comp.pdbx_synonyms 
_chem_comp.formula 
_chem_comp.formula_weight 
ALA 'L-peptide linking' y ALANINE         ? 'C3 H7 N O2'     89.093  
ARG 'L-peptide linking' y ARGININE        ? 'C6 H15 N4 O2 1' 175.209 
ASN 'L-peptide linking' y ASPARAGINE      ? 'C4 H8 N2 O3'    132.118 
ASP 'L-peptide linking' y 'ASPARTIC ACID' ? 'C4 H7 N O4'     133.103 
CYS 'L-peptide linking' y CYSTEINE        ? 'C3 H7 N O2 S'   121.158 
GLN 'L-peptide linking' y GLUTAMINE       ? 'C5 H10 N2 O3'   146.144 
GLU 'L-peptide linking' y 'GLUTAMIC ACID' ? 'C5 H9 N O4'     147.129 
GLY 'peptide linking'   y GLYCINE         ? 'C2 H5 N O2'     75.067  
HIS 'L-peptide linking' y HISTIDINE       ? 'C6 H10 N3 O2 1' 156.162 
ILE 'L-peptide linking' y ISOLEUCINE      ? 'C6 H13 N O2'    131.173 
LEU 'L-peptide linking' y LEUCINE         ? 'C6 H13 N O2'    131.173 
LYS 'L-peptide linking' y LYSINE          ? 'C6 H15 N2 O2 1' 147.195 
MET 'L-peptide linking' y METHIONINE      ? 'C5 H11 N O2 S'  149.211 
PHE 'L-peptide linking' y PHENYLALANINE   ? 'C9 H11 N O2'    165.189 
PRO 'L-peptide linking' y PROLINE         ? 'C5 H9 N O2'     115.130 
SER 'L-peptide linking' y SERINE          ? 'C3 H7 N O3'     105.093 
THR 'L-peptide linking' y THREONINE       ? 'C4 H9 N O3'     119.119 
TRP 'L-peptide linking' y TRYPTOPHAN      ? 'C11 H12 N2 O2'  204.225 
VAL 'L-peptide linking' y VALINE          ? 'C5 H11 N O2'    117.146 
# 
loop_
_pdbx_poly_seq_scheme.asym_id 
_pdbx_poly_seq_scheme.entity_id 
_pdbx_poly_seq_scheme.seq_id 
_pdbx_poly_seq_scheme.mon_id 
_pdbx_poly_seq_scheme.ndb_seq_num 
_pdbx_poly_seq_scheme.pdb_seq_num 
_pdbx_poly_seq_scheme.auth_seq_num 
_pdbx_poly_seq_scheme.pdb_mon_id 
_pdbx_poly_seq_scheme.auth_mon_id 
_pdbx_poly_seq_scheme.pdb_strand_id 
_pdbx_poly_seq_scheme.pdb_ins_code 
_pdbx_poly_seq_scheme.hetero 
A 1 1   ALA 1   38  ?   ?   ?   A . n 
A 1 2   SER 2   39  ?   ?   ?   A . n 
A 1 3   MET 3   40  ?   ?   ?   A . n 
A 1 4   THR 4   41  ?   ?   ?   A . n 
A 1 5   GLY 5   42  ?   ?   ?   A . n 
A 1 6   GLY 6   43  ?   ?   ?   A . n 
A 1 7   GLN 7   44  ?   ?   ?   A . n 
A 1 8   GLN 8   45  ?   ?   ?   A . n 
A 1 9   MET 9   46  ?   ?   ?   A . n 
A 1 10  GLY 10  47  ?   ?   ?   A . n 
A 1 11  ARG 11  48  ?   ?   ?   A . n 
A 1 12  GLY 12  49  ?   ?   ?   A . n 
A 1 13  SER 13  50  ?   ?   ?   A . n 
A 1 14  SER 14  51  ?   ?   ?   A . n 
A 1 15  SER 15  52  ?   ?   ?   A . n 
A 1 16  LYS 16  53  ?   ?   ?   A . n 
A 1 17  THR 17  54  ?   ?   ?   A . n 
A 1 18  SER 18  55  ?   ?   ?   A . n 
A 1 19  ASN 19  56  56  ASN ASN A . n 
A 1 20  THR 20  57  57  THR THR A . n 
A 1 21  ILE 21  58  58  ILE ILE A . n 
A 1 22  ARG 22  59  59  ARG ARG A . n 
A 1 23  VAL 23  60  60  VAL VAL A . n 
A 1 24  PHE 24  61  61  PHE PHE A . n 
A 1 25  LEU 25  62  62  LEU LEU A . n 
A 1 26  PRO 26  63  63  PRO PRO A . n 
A 1 27  ASN 27  64  64  ASN ASN A . n 
A 1 28  LYS 28  65  65  LYS LYS A . n 
A 1 29  GLN 29  66  66  GLN GLN A . n 
A 1 30  ARG 30  67  67  ARG ARG A . n 
A 1 31  THR 31  68  68  THR THR A . n 
A 1 32  VAL 32  69  69  VAL VAL A . n 
A 1 33  VAL 33  70  70  VAL VAL A . n 
A 1 34  ASN 34  71  71  ASN ASN A . n 
A 1 35  VAL 35  72  72  VAL VAL A . n 
A 1 36  ARG 36  73  73  ARG ARG A . n 
A 1 37  ASN 37  74  74  ASN ASN A . n 
A 1 38  GLY 38  75  75  GLY GLY A . n 
A 1 39  MET 39  76  76  MET MET A . n 
A 1 40  SER 40  77  77  SER SER A . n 
A 1 41  LEU 41  78  78  LEU LEU A . n 
A 1 42  HIS 42  79  79  HIS HIS A . n 
A 1 43  ASP 43  80  80  ASP ASP A . n 
A 1 44  CYS 44  81  81  CYS CYS A . n 
A 1 45  LEU 45  82  82  LEU LEU A . n 
A 1 46  MET 46  83  83  MET MET A . n 
A 1 47  LYS 47  84  84  LYS LYS A . n 
A 1 48  ALA 48  85  85  ALA ALA A . n 
A 1 49  LEU 49  86  86  LEU LEU A . n 
A 1 50  LYS 50  87  87  LYS LYS A . n 
A 1 51  VAL 51  88  88  VAL VAL A . n 
A 1 52  ARG 52  89  89  ARG ARG A . n 
A 1 53  GLY 53  90  90  GLY GLY A . n 
A 1 54  LEU 54  91  91  LEU LEU A . n 
A 1 55  GLN 55  92  92  GLN GLN A . n 
A 1 56  PRO 56  93  93  PRO PRO A . n 
A 1 57  GLU 57  94  94  GLU GLU A . n 
A 1 58  CYS 58  95  95  CYS CYS A . n 
A 1 59  CYS 59  96  96  CYS CYS A . n 
A 1 60  ALA 60  97  97  ALA ALA A . n 
A 1 61  VAL 61  98  98  VAL VAL A . n 
A 1 62  PHE 62  99  99  PHE PHE A . n 
A 1 63  ARG 63  100 100 ARG ARG A . n 
A 1 64  LEU 64  101 101 LEU LEU A . n 
A 1 65  LEU 65  102 102 LEU LEU A . n 
A 1 66  GLN 66  103 103 GLN GLN A . n 
A 1 67  GLU 67  104 104 GLU GLU A . n 
A 1 68  HIS 68  105 105 HIS HIS A . n 
A 1 69  LYS 69  106 106 LYS LYS A . n 
A 1 70  GLY 70  107 107 GLY GLY A . n 
A 1 71  LYS 71  108 108 LYS LYS A . n 
A 1 72  LYS 72  109 109 LYS LYS A . n 
A 1 73  ALA 73  110 110 ALA ALA A . n 
A 1 74  ARG 74  111 111 ARG ARG A . n 
A 1 75  LEU 75  112 112 LEU LEU A . n 
A 1 76  ASP 76  113 113 ASP ASP A . n 
A 1 77  TRP 77  114 114 TRP TRP A . n 
A 1 78  ASN 78  115 115 ASN ASN A . n 
A 1 79  THR 79  116 116 THR THR A . n 
A 1 80  ASP 80  117 117 ASP ASP A . n 
A 1 81  ALA 81  118 118 ALA ALA A . n 
A 1 82  ALA 82  119 119 ALA ALA A . n 
A 1 83  SER 83  120 120 SER SER A . n 
A 1 84  LEU 84  121 121 LEU LEU A . n 
A 1 85  ILE 85  122 122 ILE ILE A . n 
A 1 86  GLY 86  123 123 GLY GLY A . n 
A 1 87  GLU 87  124 124 GLU GLU A . n 
A 1 88  GLU 88  125 125 GLU GLU A . n 
A 1 89  LEU 89  126 126 LEU LEU A . n 
A 1 90  GLN 90  127 127 GLN GLN A . n 
A 1 91  VAL 91  128 128 VAL VAL A . n 
A 1 92  ASP 92  129 129 ASP ASP A . n 
A 1 93  PHE 93  130 130 PHE PHE A . n 
A 1 94  LEU 94  131 131 LEU LEU A . n 
A 1 95  LYS 95  132 ?   ?   ?   A . n 
A 1 96  LEU 96  133 ?   ?   ?   A . n 
A 1 97  ALA 97  134 ?   ?   ?   A . n 
A 1 98  ALA 98  135 ?   ?   ?   A . n 
A 1 99  ALA 99  136 ?   ?   ?   A . n 
A 1 100 LEU 100 137 ?   ?   ?   A . n 
A 1 101 GLU 101 138 ?   ?   ?   A . n 
A 1 102 HIS 102 139 ?   ?   ?   A . n 
A 1 103 HIS 103 140 ?   ?   ?   A . n 
A 1 104 HIS 104 141 ?   ?   ?   A . n 
A 1 105 HIS 105 142 ?   ?   ?   A . n 
A 1 106 HIS 106 143 ?   ?   ?   A . n 
A 1 107 HIS 107 144 ?   ?   ?   A . n 
# 
loop_
_software.name 
_software.classification 
_software.version 
_software.citation_id 
_software.pdbx_ordinal 
X-PLOR 'model building' 3.1 ? 1 
X-PLOR refinement       3.1 ? 2 
X-PLOR phasing          3.1 ? 3 
# 
_cell.entry_id           1RRB 
_cell.length_a           1.000 
_cell.length_b           1.000 
_cell.length_c           1.000 
_cell.angle_alpha        90.00 
_cell.angle_beta         90.00 
_cell.angle_gamma        90.00 
_cell.Z_PDB              1 
_cell.pdbx_unique_axis   ? 
# 
_symmetry.entry_id                         1RRB 
_symmetry.space_group_name_H-M             'P 1' 
_symmetry.pdbx_full_space_group_name_H-M   ? 
_symmetry.cell_setting                     ? 
_symmetry.Int_Tables_number                1 
# 
_exptl.entry_id          1RRB 
_exptl.method            'SOLUTION NMR' 
_exptl.crystals_number   ? 
# 
_struct.entry_id                  1RRB 
_struct.title                     'THE RAS-BINDING DOMAIN OF RAF-1 FROM RAT, NMR, 1 STRUCTURE' 
_struct.pdbx_model_details        ? 
_struct.pdbx_CASP_flag            ? 
_struct.pdbx_model_type_details   ? 
# 
_struct_keywords.entry_id        1RRB 
_struct_keywords.pdbx_keywords   TRANSFERASE 
_struct_keywords.text            
;RAF-1, RAS-BINDING DOMAIN, TRANSFERASE, SERINE/THREONINE-PROTEIN KINASE, RIKEN Structural Genomics/Proteomics Initiative, RSGI, Structural Genomics
;
# 
_struct_asym.id                            A 
_struct_asym.pdbx_blank_PDB_chainid_flag   Y 
_struct_asym.pdbx_modified                 N 
_struct_asym.entity_id                     1 
_struct_asym.details                       ? 
# 
_struct_ref.id                         1 
_struct_ref.db_name                    UNP 
_struct_ref.db_code                    RAF1_RAT 
_struct_ref.entity_id                  1 
_struct_ref.pdbx_db_accession          P11345 
_struct_ref.pdbx_align_begin           1 
_struct_ref.pdbx_seq_one_letter_code   
;MEHIQGAWKTISNGFGLKDAVFDGSSCISPTIVQQFGYQRRASDDGKLTDSSKTSNTIRVFLPNKQRTVVNVRNGMSLHD
CLMKALKVRGLQPECCAVFRLLQEHKGKKARLDWNTDAASLIGEELQVDFLDHVPLTTHNFARKTFLKLAFCDICQKFLL
NGFRCQTCGYKFHEHCSTKVPTMCVDWSNIRQLLLFPNSTASDSGVPAPPSFTMRRMRESVSRMPASSQHRYSTPHAFTF
NTSSPSSEGSLSQRQRSTSTPNVHMVSTTLPVDSRMIEDAIRSHSESASPSALSSSPNNLSPTGWSQPKTPVPAQRERAP
GSGTQEKNKIRPRGQRDSSYYWEIEASEVMLSTRIGSGSFGTVYKGKWHGDVAVKILKVVDPTPEQLQAFRNEVAVLRKT
RHVNILLFMGYMTKDNLAIVTQWCEGSSLYKHLHVQETKFQMFQLIDIARQTAQGMDYLHAKNIIHRDMKSNNIFLHEGL
TVKIGDFGLATVKSRWSGSQQVEQPTGSVLWMAPEVIRMQDNNPFSFQSDVYSYGIVLYELMTGELPYSHINNRDQIIFM
VGRGYASPDLSRLYKNCPKAMKRLVADCVKKVKEERPLFPQILSSIELLQHSLPKINRSASEPSLHRAAHTEDINACTLT
TSPRLPVF
;
_struct_ref.pdbx_db_isoform            ? 
# 
_struct_ref_seq.align_id                      1 
_struct_ref_seq.ref_id                        1 
_struct_ref_seq.pdbx_PDB_id_code              1RRB 
_struct_ref_seq.pdbx_strand_id                A 
_struct_ref_seq.seq_align_beg                 14 
_struct_ref_seq.pdbx_seq_align_beg_ins_code   ? 
_struct_ref_seq.seq_align_end                 94 
_struct_ref_seq.pdbx_seq_align_end_ins_code   ? 
_struct_ref_seq.pdbx_db_accession             P11345 
_struct_ref_seq.db_align_beg                  51 
_struct_ref_seq.pdbx_db_align_beg_ins_code    ? 
_struct_ref_seq.db_align_end                  131 
_struct_ref_seq.pdbx_db_align_end_ins_code    ? 
_struct_ref_seq.pdbx_auth_seq_align_beg       51 
_struct_ref_seq.pdbx_auth_seq_align_end       131 
# 
_pdbx_struct_assembly.id                   1 
_pdbx_struct_assembly.details              author_defined_assembly 
_pdbx_struct_assembly.method_details       ? 
_pdbx_struct_assembly.oligomeric_details   monomeric 
_pdbx_struct_assembly.oligomeric_count     1 
# 
_pdbx_struct_assembly_gen.assembly_id       1 
_pdbx_struct_assembly_gen.oper_expression   1 
_pdbx_struct_assembly_gen.asym_id_list      A 
# 
_pdbx_struct_oper_list.id                   1 
_pdbx_struct_oper_list.type                 'identity operation' 
_pdbx_struct_oper_list.name                 1_555 
_pdbx_struct_oper_list.symmetry_operation   x,y,z 
_pdbx_struct_oper_list.matrix[1][1]         1.0000000000 
_pdbx_struct_oper_list.matrix[1][2]         0.0000000000 
_pdbx_struct_oper_list.matrix[1][3]         0.0000000000 
_pdbx_struct_oper_list.vector[1]            0.0000000000 
_pdbx_struct_oper_list.matrix[2][1]         0.0000000000 
_pdbx_struct_oper_list.matrix[2][2]         1.0000000000 
_pdbx_struct_oper_list.matrix[2][3]         0.0000000000 
_pdbx_struct_oper_list.vector[2]            0.0000000000 
_pdbx_struct_oper_list.matrix[3][1]         0.0000000000 
_pdbx_struct_oper_list.matrix[3][2]         0.0000000000 
_pdbx_struct_oper_list.matrix[3][3]         1.0000000000 
_pdbx_struct_oper_list.vector[3]            0.0000000000 
# 
_struct_biol.id   1 
# 
loop_
_struct_conf.conf_type_id 
_struct_conf.id 
_struct_conf.pdbx_PDB_helix_id 
_struct_conf.beg_label_comp_id 
_struct_conf.beg_label_asym_id 
_struct_conf.beg_label_seq_id 
_struct_conf.pdbx_beg_PDB_ins_code 
_struct_conf.end_label_comp_id 
_struct_conf.end_label_asym_id 
_struct_conf.end_label_seq_id 
_struct_conf.pdbx_end_PDB_ins_code 
_struct_conf.beg_auth_comp_id 
_struct_conf.beg_auth_asym_id 
_struct_conf.beg_auth_seq_id 
_struct_conf.end_auth_comp_id 
_struct_conf.end_auth_asym_id 
_struct_conf.end_auth_seq_id 
_struct_conf.pdbx_PDB_helix_class 
_struct_conf.details 
_struct_conf.pdbx_PDB_helix_length 
HELX_P HELX_P1 H1 LEU A 41 ? ARG A 52 ? LEU A 78  ARG A 89  1 ? 12 
HELX_P HELX_P2 H2 ALA A 81 ? LEU A 84 ? ALA A 118 LEU A 121 1 ? 4  
# 
_struct_conf_type.id          HELX_P 
_struct_conf_type.criteria    ? 
_struct_conf_type.reference   ? 
# 
_struct_sheet.id               S 
_struct_sheet.type             ? 
_struct_sheet.number_strands   5 
_struct_sheet.details          ? 
# 
loop_
_struct_sheet_order.sheet_id 
_struct_sheet_order.range_id_1 
_struct_sheet_order.range_id_2 
_struct_sheet_order.offset 
_struct_sheet_order.sense 
S 1 2 ? anti-parallel 
S 2 3 ? parallel      
S 3 4 ? anti-parallel 
S 4 5 ? anti-parallel 
# 
loop_
_struct_sheet_range.sheet_id 
_struct_sheet_range.id 
_struct_sheet_range.beg_label_comp_id 
_struct_sheet_range.beg_label_asym_id 
_struct_sheet_range.beg_label_seq_id 
_struct_sheet_range.pdbx_beg_PDB_ins_code 
_struct_sheet_range.end_label_comp_id 
_struct_sheet_range.end_label_asym_id 
_struct_sheet_range.end_label_seq_id 
_struct_sheet_range.pdbx_end_PDB_ins_code 
_struct_sheet_range.beg_auth_comp_id 
_struct_sheet_range.beg_auth_asym_id 
_struct_sheet_range.beg_auth_seq_id 
_struct_sheet_range.end_auth_comp_id 
_struct_sheet_range.end_auth_asym_id 
_struct_sheet_range.end_auth_seq_id 
S 1 GLN A 29 ? ASN A 34 ? GLN A 66  ASN A 71  
S 2 THR A 20 ? LEU A 25 ? THR A 57  LEU A 62  
S 3 GLU A 88 ? ASP A 92 ? GLU A 125 ASP A 129 
S 4 CYS A 59 ? LEU A 64 ? CYS A 96  LEU A 101 
S 5 LYS A 72 ? LEU A 75 ? LYS A 109 LEU A 112 
# 
loop_
_pdbx_struct_sheet_hbond.sheet_id 
_pdbx_struct_sheet_hbond.range_id_1 
_pdbx_struct_sheet_hbond.range_id_2 
_pdbx_struct_sheet_hbond.range_1_label_atom_id 
_pdbx_struct_sheet_hbond.range_1_label_comp_id 
_pdbx_struct_sheet_hbond.range_1_label_asym_id 
_pdbx_struct_sheet_hbond.range_1_label_seq_id 
_pdbx_struct_sheet_hbond.range_1_PDB_ins_code 
_pdbx_struct_sheet_hbond.range_1_auth_atom_id 
_pdbx_struct_sheet_hbond.range_1_auth_comp_id 
_pdbx_struct_sheet_hbond.range_1_auth_asym_id 
_pdbx_struct_sheet_hbond.range_1_auth_seq_id 
_pdbx_struct_sheet_hbond.range_2_label_atom_id 
_pdbx_struct_sheet_hbond.range_2_label_comp_id 
_pdbx_struct_sheet_hbond.range_2_label_asym_id 
_pdbx_struct_sheet_hbond.range_2_label_seq_id 
_pdbx_struct_sheet_hbond.range_2_PDB_ins_code 
_pdbx_struct_sheet_hbond.range_2_auth_atom_id 
_pdbx_struct_sheet_hbond.range_2_auth_comp_id 
_pdbx_struct_sheet_hbond.range_2_auth_asym_id 
_pdbx_struct_sheet_hbond.range_2_auth_seq_id 
S 1 2 O GLN A 29 ? O GLN A 66  N LEU A 25 ? N LEU A 62  
S 2 3 O ARG A 22 ? O ARG A 59  N LEU A 89 ? N LEU A 126 
S 3 4 O GLN A 90 ? O GLN A 127 N PHE A 62 ? N PHE A 99  
S 4 5 O ARG A 63 ? O ARG A 100 N ALA A 73 ? N ALA A 110 
# 
loop_
_pdbx_validate_torsion.id 
_pdbx_validate_torsion.PDB_model_num 
_pdbx_validate_torsion.auth_comp_id 
_pdbx_validate_torsion.auth_asym_id 
_pdbx_validate_torsion.auth_seq_id 
_pdbx_validate_torsion.PDB_ins_code 
_pdbx_validate_torsion.label_alt_id 
_pdbx_validate_torsion.phi 
_pdbx_validate_torsion.psi 
1  1 PRO A 63  ? ? -66.93  -177.86 
2  1 ASN A 64  ? ? 57.61   -85.66  
3  1 LYS A 65  ? ? -170.55 76.13   
4  1 VAL A 72  ? ? -118.99 66.96   
5  1 ASN A 74  ? ? 56.51   -85.63  
6  1 MET A 76  ? ? -58.68  89.13   
7  1 LEU A 91  ? ? -89.99  -153.66 
8  1 LEU A 102 ? ? -56.17  103.44  
9  1 HIS A 105 ? ? -118.38 -157.26 
10 1 LYS A 106 ? ? -63.88  -76.00  
11 1 TRP A 114 ? ? -96.12  33.86   
12 1 ASN A 115 ? ? -157.26 23.20   
13 1 GLU A 124 ? ? -100.07 -166.40 
# 
_pdbx_SG_project.id                    1 
_pdbx_SG_project.project_name          ? 
_pdbx_SG_project.full_name_of_center   'RIKEN Structural Genomics/Proteomics Initiative' 
_pdbx_SG_project.initial_of_center     RSGI 
# 
_pdbx_nmr_ensemble.entry_id                             1RRB 
_pdbx_nmr_ensemble.conformers_calculated_total_number   80 
_pdbx_nmr_ensemble.conformers_submitted_total_number    1 
_pdbx_nmr_ensemble.conformer_selection_criteria         'CLOSEST TO THE AVERAGE OF 20 LEAST ENERGY STRUCTURES' 
# 
_pdbx_nmr_sample_details.solution_id   1 
_pdbx_nmr_sample_details.contents      '20 MM SODIUM PHOSPHATE BUFFER (PH 6.5)' 
# 
_pdbx_nmr_exptl_sample_conditions.conditions_id       1 
_pdbx_nmr_exptl_sample_conditions.temperature         303 
_pdbx_nmr_exptl_sample_conditions.pressure            1 
_pdbx_nmr_exptl_sample_conditions.pH                  6.5 
_pdbx_nmr_exptl_sample_conditions.ionic_strength      '5 mM MGCL2' 
_pdbx_nmr_exptl_sample_conditions.pressure_units      atm 
_pdbx_nmr_exptl_sample_conditions.temperature_units   K 
# 
loop_
_pdbx_nmr_exptl.experiment_id 
_pdbx_nmr_exptl.conditions_id 
_pdbx_nmr_exptl.type 
_pdbx_nmr_exptl.solution_id 
1 1 '1H-1H NOESY'         1 
2 1 '1H-15N HSQC'         1 
3 1 '3D 15N-EDITED NOESY' 1 
4 1 '3D 15N-EDITED TOCSY' 1 
5 1 HMQC-J                1 
6 1 '3D HNCA'             1 
7 1 '3D HCCH-TOCSY'       1 
# 
_pdbx_nmr_details.entry_id   1RRB 
_pdbx_nmr_details.text       'THE STRUCTURE WAS DETERMINED USING TRIPLE-RESONANCE NMR SPECTROSCOPY ON 13C/15N-LABELED RAF-1 RBD' 
# 
_pdbx_nmr_refine.entry_id           1RRB 
_pdbx_nmr_refine.method             'simulated annealing' 
_pdbx_nmr_refine.details            'SIMULATED ANNEALING REFINEMENT FOR NMR STRUCTURE DETERMINATION' 
_pdbx_nmr_refine.software_ordinal   1 
# 
loop_
_pdbx_nmr_software.classification 
_pdbx_nmr_software.name 
_pdbx_nmr_software.version 
_pdbx_nmr_software.authors 
_pdbx_nmr_software.ordinal 
refinement           X-PLOR 3.1 BRUNGER 1 
'structure solution' Felix  2.3 ?       2 
'structure solution' Azara  1.0 ?       3 
'structure solution' X-PLOR 3.1 ?       4 
# 
loop_
_pdbx_unobs_or_zero_occ_residues.id 
_pdbx_unobs_or_zero_occ_residues.PDB_model_num 
_pdbx_unobs_or_zero_occ_residues.polymer_flag 
_pdbx_unobs_or_zero_occ_residues.occupancy_flag 
_pdbx_unobs_or_zero_occ_residues.auth_asym_id 
_pdbx_unobs_or_zero_occ_residues.auth_comp_id 
_pdbx_unobs_or_zero_occ_residues.auth_seq_id 
_pdbx_unobs_or_zero_occ_residues.PDB_ins_code 
_pdbx_unobs_or_zero_occ_residues.label_asym_id 
_pdbx_unobs_or_zero_occ_residues.label_comp_id 
_pdbx_unobs_or_zero_occ_residues.label_seq_id 
1  1 Y 1 A ALA 38  ? A ALA 1   
2  1 Y 1 A SER 39  ? A SER 2   
3  1 Y 1 A MET 40  ? A MET 3   
4  1 Y 1 A THR 41  ? A THR 4   
5  1 Y 1 A GLY 42  ? A GLY 5   
6  1 Y 1 A GLY 43  ? A GLY 6   
7  1 Y 1 A GLN 44  ? A GLN 7   
8  1 Y 1 A GLN 45  ? A GLN 8   
9  1 Y 1 A MET 46  ? A MET 9   
10 1 Y 1 A GLY 47  ? A GLY 10  
11 1 Y 1 A ARG 48  ? A ARG 11  
12 1 Y 1 A GLY 49  ? A GLY 12  
13 1 Y 1 A SER 50  ? A SER 13  
14 1 Y 1 A SER 51  ? A SER 14  
15 1 Y 1 A SER 52  ? A SER 15  
16 1 Y 1 A LYS 53  ? A LYS 16  
17 1 Y 1 A THR 54  ? A THR 17  
18 1 Y 1 A SER 55  ? A SER 18  
19 1 Y 1 A LYS 132 ? A LYS 95  
20 1 Y 1 A LEU 133 ? A LEU 96  
21 1 Y 1 A ALA 134 ? A ALA 97  
22 1 Y 1 A ALA 135 ? A ALA 98  
23 1 Y 1 A ALA 136 ? A ALA 99  
24 1 Y 1 A LEU 137 ? A LEU 100 
25 1 Y 1 A GLU 138 ? A GLU 101 
26 1 Y 1 A HIS 139 ? A HIS 102 
27 1 Y 1 A HIS 140 ? A HIS 103 
28 1 Y 1 A HIS 141 ? A HIS 104 
29 1 Y 1 A HIS 142 ? A HIS 105 
30 1 Y 1 A HIS 143 ? A HIS 106 
31 1 Y 1 A HIS 144 ? A HIS 107 
# 
loop_
_chem_comp_atom.comp_id 
_chem_comp_atom.atom_id 
_chem_comp_atom.type_symbol 
_chem_comp_atom.pdbx_aromatic_flag 
_chem_comp_atom.pdbx_stereo_config 
_chem_comp_atom.pdbx_ordinal 
ALA N    N N N 1   
ALA CA   C N S 2   
ALA C    C N N 3   
ALA O    O N N 4   
ALA CB   C N N 5   
ALA OXT  O N N 6   
ALA H    H N N 7   
ALA H2   H N N 8   
ALA HA   H N N 9   
ALA HB1  H N N 10  
ALA HB2  H N N 11  
ALA HB3  H N N 12  
ALA HXT  H N N 13  
ARG N    N N N 14  
ARG CA   C N S 15  
ARG C    C N N 16  
ARG O    O N N 17  
ARG CB   C N N 18  
ARG CG   C N N 19  
ARG CD   C N N 20  
ARG NE   N N N 21  
ARG CZ   C N N 22  
ARG NH1  N N N 23  
ARG NH2  N N N 24  
ARG OXT  O N N 25  
ARG H    H N N 26  
ARG H2   H N N 27  
ARG HA   H N N 28  
ARG HB2  H N N 29  
ARG HB3  H N N 30  
ARG HG2  H N N 31  
ARG HG3  H N N 32  
ARG HD2  H N N 33  
ARG HD3  H N N 34  
ARG HE   H N N 35  
ARG HH11 H N N 36  
ARG HH12 H N N 37  
ARG HH21 H N N 38  
ARG HH22 H N N 39  
ARG HXT  H N N 40  
ASN N    N N N 41  
ASN CA   C N S 42  
ASN C    C N N 43  
ASN O    O N N 44  
ASN CB   C N N 45  
ASN CG   C N N 46  
ASN OD1  O N N 47  
ASN ND2  N N N 48  
ASN OXT  O N N 49  
ASN H    H N N 50  
ASN H2   H N N 51  
ASN HA   H N N 52  
ASN HB2  H N N 53  
ASN HB3  H N N 54  
ASN HD21 H N N 55  
ASN HD22 H N N 56  
ASN HXT  H N N 57  
ASP N    N N N 58  
ASP CA   C N S 59  
ASP C    C N N 60  
ASP O    O N N 61  
ASP CB   C N N 62  
ASP CG   C N N 63  
ASP OD1  O N N 64  
ASP OD2  O N N 65  
ASP OXT  O N N 66  
ASP H    H N N 67  
ASP H2   H N N 68  
ASP HA   H N N 69  
ASP HB2  H N N 70  
ASP HB3  H N N 71  
ASP HD2  H N N 72  
ASP HXT  H N N 73  
CYS N    N N N 74  
CYS CA   C N R 75  
CYS C    C N N 76  
CYS O    O N N 77  
CYS CB   C N N 78  
CYS SG   S N N 79  
CYS OXT  O N N 80  
CYS H    H N N 81  
CYS H2   H N N 82  
CYS HA   H N N 83  
CYS HB2  H N N 84  
CYS HB3  H N N 85  
CYS HG   H N N 86  
CYS HXT  H N N 87  
GLN N    N N N 88  
GLN CA   C N S 89  
GLN C    C N N 90  
GLN O    O N N 91  
GLN CB   C N N 92  
GLN CG   C N N 93  
GLN CD   C N N 94  
GLN OE1  O N N 95  
GLN NE2  N N N 96  
GLN OXT  O N N 97  
GLN H    H N N 98  
GLN H2   H N N 99  
GLN HA   H N N 100 
GLN HB2  H N N 101 
GLN HB3  H N N 102 
GLN HG2  H N N 103 
GLN HG3  H N N 104 
GLN HE21 H N N 105 
GLN HE22 H N N 106 
GLN HXT  H N N 107 
GLU N    N N N 108 
GLU CA   C N S 109 
GLU C    C N N 110 
GLU O    O N N 111 
GLU CB   C N N 112 
GLU CG   C N N 113 
GLU CD   C N N 114 
GLU OE1  O N N 115 
GLU OE2  O N N 116 
GLU OXT  O N N 117 
GLU H    H N N 118 
GLU H2   H N N 119 
GLU HA   H N N 120 
GLU HB2  H N N 121 
GLU HB3  H N N 122 
GLU HG2  H N N 123 
GLU HG3  H N N 124 
GLU HE2  H N N 125 
GLU HXT  H N N 126 
GLY N    N N N 127 
GLY CA   C N N 128 
GLY C    C N N 129 
GLY O    O N N 130 
GLY OXT  O N N 131 
GLY H    H N N 132 
GLY H2   H N N 133 
GLY HA2  H N N 134 
GLY HA3  H N N 135 
GLY HXT  H N N 136 
HIS N    N N N 137 
HIS CA   C N S 138 
HIS C    C N N 139 
HIS O    O N N 140 
HIS CB   C N N 141 
HIS CG   C Y N 142 
HIS ND1  N Y N 143 
HIS CD2  C Y N 144 
HIS CE1  C Y N 145 
HIS NE2  N Y N 146 
HIS OXT  O N N 147 
HIS H    H N N 148 
HIS H2   H N N 149 
HIS HA   H N N 150 
HIS HB2  H N N 151 
HIS HB3  H N N 152 
HIS HD1  H N N 153 
HIS HD2  H N N 154 
HIS HE1  H N N 155 
HIS HE2  H N N 156 
HIS HXT  H N N 157 
ILE N    N N N 158 
ILE CA   C N S 159 
ILE C    C N N 160 
ILE O    O N N 161 
ILE CB   C N S 162 
ILE CG1  C N N 163 
ILE CG2  C N N 164 
ILE CD1  C N N 165 
ILE OXT  O N N 166 
ILE H    H N N 167 
ILE H2   H N N 168 
ILE HA   H N N 169 
ILE HB   H N N 170 
ILE HG12 H N N 171 
ILE HG13 H N N 172 
ILE HG21 H N N 173 
ILE HG22 H N N 174 
ILE HG23 H N N 175 
ILE HD11 H N N 176 
ILE HD12 H N N 177 
ILE HD13 H N N 178 
ILE HXT  H N N 179 
LEU N    N N N 180 
LEU CA   C N S 181 
LEU C    C N N 182 
LEU O    O N N 183 
LEU CB   C N N 184 
LEU CG   C N N 185 
LEU CD1  C N N 186 
LEU CD2  C N N 187 
LEU OXT  O N N 188 
LEU H    H N N 189 
LEU H2   H N N 190 
LEU HA   H N N 191 
LEU HB2  H N N 192 
LEU HB3  H N N 193 
LEU HG   H N N 194 
LEU HD11 H N N 195 
LEU HD12 H N N 196 
LEU HD13 H N N 197 
LEU HD21 H N N 198 
LEU HD22 H N N 199 
LEU HD23 H N N 200 
LEU HXT  H N N 201 
LYS N    N N N 202 
LYS CA   C N S 203 
LYS C    C N N 204 
LYS O    O N N 205 
LYS CB   C N N 206 
LYS CG   C N N 207 
LYS CD   C N N 208 
LYS CE   C N N 209 
LYS NZ   N N N 210 
LYS OXT  O N N 211 
LYS H    H N N 212 
LYS H2   H N N 213 
LYS HA   H N N 214 
LYS HB2  H N N 215 
LYS HB3  H N N 216 
LYS HG2  H N N 217 
LYS HG3  H N N 218 
LYS HD2  H N N 219 
LYS HD3  H N N 220 
LYS HE2  H N N 221 
LYS HE3  H N N 222 
LYS HZ1  H N N 223 
LYS HZ2  H N N 224 
LYS HZ3  H N N 225 
LYS HXT  H N N 226 
MET N    N N N 227 
MET CA   C N S 228 
MET C    C N N 229 
MET O    O N N 230 
MET CB   C N N 231 
MET CG   C N N 232 
MET SD   S N N 233 
MET CE   C N N 234 
MET OXT  O N N 235 
MET H    H N N 236 
MET H2   H N N 237 
MET HA   H N N 238 
MET HB2  H N N 239 
MET HB3  H N N 240 
MET HG2  H N N 241 
MET HG3  H N N 242 
MET HE1  H N N 243 
MET HE2  H N N 244 
MET HE3  H N N 245 
MET HXT  H N N 246 
PHE N    N N N 247 
PHE CA   C N S 248 
PHE C    C N N 249 
PHE O    O N N 250 
PHE CB   C N N 251 
PHE CG   C Y N 252 
PHE CD1  C Y N 253 
PHE CD2  C Y N 254 
PHE CE1  C Y N 255 
PHE CE2  C Y N 256 
PHE CZ   C Y N 257 
PHE OXT  O N N 258 
PHE H    H N N 259 
PHE H2   H N N 260 
PHE HA   H N N 261 
PHE HB2  H N N 262 
PHE HB3  H N N 263 
PHE HD1  H N N 264 
PHE HD2  H N N 265 
PHE HE1  H N N 266 
PHE HE2  H N N 267 
PHE HZ   H N N 268 
PHE HXT  H N N 269 
PRO N    N N N 270 
PRO CA   C N S 271 
PRO C    C N N 272 
PRO O    O N N 273 
PRO CB   C N N 274 
PRO CG   C N N 275 
PRO CD   C N N 276 
PRO OXT  O N N 277 
PRO H    H N N 278 
PRO HA   H N N 279 
PRO HB2  H N N 280 
PRO HB3  H N N 281 
PRO HG2  H N N 282 
PRO HG3  H N N 283 
PRO HD2  H N N 284 
PRO HD3  H N N 285 
PRO HXT  H N N 286 
SER N    N N N 287 
SER CA   C N S 288 
SER C    C N N 289 
SER O    O N N 290 
SER CB   C N N 291 
SER OG   O N N 292 
SER OXT  O N N 293 
SER H    H N N 294 
SER H2   H N N 295 
SER HA   H N N 296 
SER HB2  H N N 297 
SER HB3  H N N 298 
SER HG   H N N 299 
SER HXT  H N N 300 
THR N    N N N 301 
THR CA   C N S 302 
THR C    C N N 303 
THR O    O N N 304 
THR CB   C N R 305 
THR OG1  O N N 306 
THR CG2  C N N 307 
THR OXT  O N N 308 
THR H    H N N 309 
THR H2   H N N 310 
THR HA   H N N 311 
THR HB   H N N 312 
THR HG1  H N N 313 
THR HG21 H N N 314 
THR HG22 H N N 315 
THR HG23 H N N 316 
THR HXT  H N N 317 
TRP N    N N N 318 
TRP CA   C N S 319 
TRP C    C N N 320 
TRP O    O N N 321 
TRP CB   C N N 322 
TRP CG   C Y N 323 
TRP CD1  C Y N 324 
TRP CD2  C Y N 325 
TRP NE1  N Y N 326 
TRP CE2  C Y N 327 
TRP CE3  C Y N 328 
TRP CZ2  C Y N 329 
TRP CZ3  C Y N 330 
TRP CH2  C Y N 331 
TRP OXT  O N N 332 
TRP H    H N N 333 
TRP H2   H N N 334 
TRP HA   H N N 335 
TRP HB2  H N N 336 
TRP HB3  H N N 337 
TRP HD1  H N N 338 
TRP HE1  H N N 339 
TRP HE3  H N N 340 
TRP HZ2  H N N 341 
TRP HZ3  H N N 342 
TRP HH2  H N N 343 
TRP HXT  H N N 344 
VAL N    N N N 345 
VAL CA   C N S 346 
VAL C    C N N 347 
VAL O    O N N 348 
VAL CB   C N N 349 
VAL CG1  C N N 350 
VAL CG2  C N N 351 
VAL OXT  O N N 352 
VAL H    H N N 353 
VAL H2   H N N 354 
VAL HA   H N N 355 
VAL HB   H N N 356 
VAL HG11 H N N 357 
VAL HG12 H N N 358 
VAL HG13 H N N 359 
VAL HG21 H N N 360 
VAL HG22 H N N 361 
VAL HG23 H N N 362 
VAL HXT  H N N 363 
# 
loop_
_chem_comp_bond.comp_id 
_chem_comp_bond.atom_id_1 
_chem_comp_bond.atom_id_2 
_chem_comp_bond.value_order 
_chem_comp_bond.pdbx_aromatic_flag 
_chem_comp_bond.pdbx_stereo_config 
_chem_comp_bond.pdbx_ordinal 
ALA N   CA   sing N N 1   
ALA N   H    sing N N 2   
ALA N   H2   sing N N 3   
ALA CA  C    sing N N 4   
ALA CA  CB   sing N N 5   
ALA CA  HA   sing N N 6   
ALA C   O    doub N N 7   
ALA C   OXT  sing N N 8   
ALA CB  HB1  sing N N 9   
ALA CB  HB2  sing N N 10  
ALA CB  HB3  sing N N 11  
ALA OXT HXT  sing N N 12  
ARG N   CA   sing N N 13  
ARG N   H    sing N N 14  
ARG N   H2   sing N N 15  
ARG CA  C    sing N N 16  
ARG CA  CB   sing N N 17  
ARG CA  HA   sing N N 18  
ARG C   O    doub N N 19  
ARG C   OXT  sing N N 20  
ARG CB  CG   sing N N 21  
ARG CB  HB2  sing N N 22  
ARG CB  HB3  sing N N 23  
ARG CG  CD   sing N N 24  
ARG CG  HG2  sing N N 25  
ARG CG  HG3  sing N N 26  
ARG CD  NE   sing N N 27  
ARG CD  HD2  sing N N 28  
ARG CD  HD3  sing N N 29  
ARG NE  CZ   sing N N 30  
ARG NE  HE   sing N N 31  
ARG CZ  NH1  sing N N 32  
ARG CZ  NH2  doub N N 33  
ARG NH1 HH11 sing N N 34  
ARG NH1 HH12 sing N N 35  
ARG NH2 HH21 sing N N 36  
ARG NH2 HH22 sing N N 37  
ARG OXT HXT  sing N N 38  
ASN N   CA   sing N N 39  
ASN N   H    sing N N 40  
ASN N   H2   sing N N 41  
ASN CA  C    sing N N 42  
ASN CA  CB   sing N N 43  
ASN CA  HA   sing N N 44  
ASN C   O    doub N N 45  
ASN C   OXT  sing N N 46  
ASN CB  CG   sing N N 47  
ASN CB  HB2  sing N N 48  
ASN CB  HB3  sing N N 49  
ASN CG  OD1  doub N N 50  
ASN CG  ND2  sing N N 51  
ASN ND2 HD21 sing N N 52  
ASN ND2 HD22 sing N N 53  
ASN OXT HXT  sing N N 54  
ASP N   CA   sing N N 55  
ASP N   H    sing N N 56  
ASP N   H2   sing N N 57  
ASP CA  C    sing N N 58  
ASP CA  CB   sing N N 59  
ASP CA  HA   sing N N 60  
ASP C   O    doub N N 61  
ASP C   OXT  sing N N 62  
ASP CB  CG   sing N N 63  
ASP CB  HB2  sing N N 64  
ASP CB  HB3  sing N N 65  
ASP CG  OD1  doub N N 66  
ASP CG  OD2  sing N N 67  
ASP OD2 HD2  sing N N 68  
ASP OXT HXT  sing N N 69  
CYS N   CA   sing N N 70  
CYS N   H    sing N N 71  
CYS N   H2   sing N N 72  
CYS CA  C    sing N N 73  
CYS CA  CB   sing N N 74  
CYS CA  HA   sing N N 75  
CYS C   O    doub N N 76  
CYS C   OXT  sing N N 77  
CYS CB  SG   sing N N 78  
CYS CB  HB2  sing N N 79  
CYS CB  HB3  sing N N 80  
CYS SG  HG   sing N N 81  
CYS OXT HXT  sing N N 82  
GLN N   CA   sing N N 83  
GLN N   H    sing N N 84  
GLN N   H2   sing N N 85  
GLN CA  C    sing N N 86  
GLN CA  CB   sing N N 87  
GLN CA  HA   sing N N 88  
GLN C   O    doub N N 89  
GLN C   OXT  sing N N 90  
GLN CB  CG   sing N N 91  
GLN CB  HB2  sing N N 92  
GLN CB  HB3  sing N N 93  
GLN CG  CD   sing N N 94  
GLN CG  HG2  sing N N 95  
GLN CG  HG3  sing N N 96  
GLN CD  OE1  doub N N 97  
GLN CD  NE2  sing N N 98  
GLN NE2 HE21 sing N N 99  
GLN NE2 HE22 sing N N 100 
GLN OXT HXT  sing N N 101 
GLU N   CA   sing N N 102 
GLU N   H    sing N N 103 
GLU N   H2   sing N N 104 
GLU CA  C    sing N N 105 
GLU CA  CB   sing N N 106 
GLU CA  HA   sing N N 107 
GLU C   O    doub N N 108 
GLU C   OXT  sing N N 109 
GLU CB  CG   sing N N 110 
GLU CB  HB2  sing N N 111 
GLU CB  HB3  sing N N 112 
GLU CG  CD   sing N N 113 
GLU CG  HG2  sing N N 114 
GLU CG  HG3  sing N N 115 
GLU CD  OE1  doub N N 116 
GLU CD  OE2  sing N N 117 
GLU OE2 HE2  sing N N 118 
GLU OXT HXT  sing N N 119 
GLY N   CA   sing N N 120 
GLY N   H    sing N N 121 
GLY N   H2   sing N N 122 
GLY CA  C    sing N N 123 
GLY CA  HA2  sing N N 124 
GLY CA  HA3  sing N N 125 
GLY C   O    doub N N 126 
GLY C   OXT  sing N N 127 
GLY OXT HXT  sing N N 128 
HIS N   CA   sing N N 129 
HIS N   H    sing N N 130 
HIS N   H2   sing N N 131 
HIS CA  C    sing N N 132 
HIS CA  CB   sing N N 133 
HIS CA  HA   sing N N 134 
HIS C   O    doub N N 135 
HIS C   OXT  sing N N 136 
HIS CB  CG   sing N N 137 
HIS CB  HB2  sing N N 138 
HIS CB  HB3  sing N N 139 
HIS CG  ND1  sing Y N 140 
HIS CG  CD2  doub Y N 141 
HIS ND1 CE1  doub Y N 142 
HIS ND1 HD1  sing N N 143 
HIS CD2 NE2  sing Y N 144 
HIS CD2 HD2  sing N N 145 
HIS CE1 NE2  sing Y N 146 
HIS CE1 HE1  sing N N 147 
HIS NE2 HE2  sing N N 148 
HIS OXT HXT  sing N N 149 
ILE N   CA   sing N N 150 
ILE N   H    sing N N 151 
ILE N   H2   sing N N 152 
ILE CA  C    sing N N 153 
ILE CA  CB   sing N N 154 
ILE CA  HA   sing N N 155 
ILE C   O    doub N N 156 
ILE C   OXT  sing N N 157 
ILE CB  CG1  sing N N 158 
ILE CB  CG2  sing N N 159 
ILE CB  HB   sing N N 160 
ILE CG1 CD1  sing N N 161 
ILE CG1 HG12 sing N N 162 
ILE CG1 HG13 sing N N 163 
ILE CG2 HG21 sing N N 164 
ILE CG2 HG22 sing N N 165 
ILE CG2 HG23 sing N N 166 
ILE CD1 HD11 sing N N 167 
ILE CD1 HD12 sing N N 168 
ILE CD1 HD13 sing N N 169 
ILE OXT HXT  sing N N 170 
LEU N   CA   sing N N 171 
LEU N   H    sing N N 172 
LEU N   H2   sing N N 173 
LEU CA  C    sing N N 174 
LEU CA  CB   sing N N 175 
LEU CA  HA   sing N N 176 
LEU C   O    doub N N 177 
LEU C   OXT  sing N N 178 
LEU CB  CG   sing N N 179 
LEU CB  HB2  sing N N 180 
LEU CB  HB3  sing N N 181 
LEU CG  CD1  sing N N 182 
LEU CG  CD2  sing N N 183 
LEU CG  HG   sing N N 184 
LEU CD1 HD11 sing N N 185 
LEU CD1 HD12 sing N N 186 
LEU CD1 HD13 sing N N 187 
LEU CD2 HD21 sing N N 188 
LEU CD2 HD22 sing N N 189 
LEU CD2 HD23 sing N N 190 
LEU OXT HXT  sing N N 191 
LYS N   CA   sing N N 192 
LYS N   H    sing N N 193 
LYS N   H2   sing N N 194 
LYS CA  C    sing N N 195 
LYS CA  CB   sing N N 196 
LYS CA  HA   sing N N 197 
LYS C   O    doub N N 198 
LYS C   OXT  sing N N 199 
LYS CB  CG   sing N N 200 
LYS CB  HB2  sing N N 201 
LYS CB  HB3  sing N N 202 
LYS CG  CD   sing N N 203 
LYS CG  HG2  sing N N 204 
LYS CG  HG3  sing N N 205 
LYS CD  CE   sing N N 206 
LYS CD  HD2  sing N N 207 
LYS CD  HD3  sing N N 208 
LYS CE  NZ   sing N N 209 
LYS CE  HE2  sing N N 210 
LYS CE  HE3  sing N N 211 
LYS NZ  HZ1  sing N N 212 
LYS NZ  HZ2  sing N N 213 
LYS NZ  HZ3  sing N N 214 
LYS OXT HXT  sing N N 215 
MET N   CA   sing N N 216 
MET N   H    sing N N 217 
MET N   H2   sing N N 218 
MET CA  C    sing N N 219 
MET CA  CB   sing N N 220 
MET CA  HA   sing N N 221 
MET C   O    doub N N 222 
MET C   OXT  sing N N 223 
MET CB  CG   sing N N 224 
MET CB  HB2  sing N N 225 
MET CB  HB3  sing N N 226 
MET CG  SD   sing N N 227 
MET CG  HG2  sing N N 228 
MET CG  HG3  sing N N 229 
MET SD  CE   sing N N 230 
MET CE  HE1  sing N N 231 
MET CE  HE2  sing N N 232 
MET CE  HE3  sing N N 233 
MET OXT HXT  sing N N 234 
PHE N   CA   sing N N 235 
PHE N   H    sing N N 236 
PHE N   H2   sing N N 237 
PHE CA  C    sing N N 238 
PHE CA  CB   sing N N 239 
PHE CA  HA   sing N N 240 
PHE C   O    doub N N 241 
PHE C   OXT  sing N N 242 
PHE CB  CG   sing N N 243 
PHE CB  HB2  sing N N 244 
PHE CB  HB3  sing N N 245 
PHE CG  CD1  doub Y N 246 
PHE CG  CD2  sing Y N 247 
PHE CD1 CE1  sing Y N 248 
PHE CD1 HD1  sing N N 249 
PHE CD2 CE2  doub Y N 250 
PHE CD2 HD2  sing N N 251 
PHE CE1 CZ   doub Y N 252 
PHE CE1 HE1  sing N N 253 
PHE CE2 CZ   sing Y N 254 
PHE CE2 HE2  sing N N 255 
PHE CZ  HZ   sing N N 256 
PHE OXT HXT  sing N N 257 
PRO N   CA   sing N N 258 
PRO N   CD   sing N N 259 
PRO N   H    sing N N 260 
PRO CA  C    sing N N 261 
PRO CA  CB   sing N N 262 
PRO CA  HA   sing N N 263 
PRO C   O    doub N N 264 
PRO C   OXT  sing N N 265 
PRO CB  CG   sing N N 266 
PRO CB  HB2  sing N N 267 
PRO CB  HB3  sing N N 268 
PRO CG  CD   sing N N 269 
PRO CG  HG2  sing N N 270 
PRO CG  HG3  sing N N 271 
PRO CD  HD2  sing N N 272 
PRO CD  HD3  sing N N 273 
PRO OXT HXT  sing N N 274 
SER N   CA   sing N N 275 
SER N   H    sing N N 276 
SER N   H2   sing N N 277 
SER CA  C    sing N N 278 
SER CA  CB   sing N N 279 
SER CA  HA   sing N N 280 
SER C   O    doub N N 281 
SER C   OXT  sing N N 282 
SER CB  OG   sing N N 283 
SER CB  HB2  sing N N 284 
SER CB  HB3  sing N N 285 
SER OG  HG   sing N N 286 
SER OXT HXT  sing N N 287 
THR N   CA   sing N N 288 
THR N   H    sing N N 289 
THR N   H2   sing N N 290 
THR CA  C    sing N N 291 
THR CA  CB   sing N N 292 
THR CA  HA   sing N N 293 
THR C   O    doub N N 294 
THR C   OXT  sing N N 295 
THR CB  OG1  sing N N 296 
THR CB  CG2  sing N N 297 
THR CB  HB   sing N N 298 
THR OG1 HG1  sing N N 299 
THR CG2 HG21 sing N N 300 
THR CG2 HG22 sing N N 301 
THR CG2 HG23 sing N N 302 
THR OXT HXT  sing N N 303 
TRP N   CA   sing N N 304 
TRP N   H    sing N N 305 
TRP N   H2   sing N N 306 
TRP CA  C    sing N N 307 
TRP CA  CB   sing N N 308 
TRP CA  HA   sing N N 309 
TRP C   O    doub N N 310 
TRP C   OXT  sing N N 311 
TRP CB  CG   sing N N 312 
TRP CB  HB2  sing N N 313 
TRP CB  HB3  sing N N 314 
TRP CG  CD1  doub Y N 315 
TRP CG  CD2  sing Y N 316 
TRP CD1 NE1  sing Y N 317 
TRP CD1 HD1  sing N N 318 
TRP CD2 CE2  doub Y N 319 
TRP CD2 CE3  sing Y N 320 
TRP NE1 CE2  sing Y N 321 
TRP NE1 HE1  sing N N 322 
TRP CE2 CZ2  sing Y N 323 
TRP CE3 CZ3  doub Y N 324 
TRP CE3 HE3  sing N N 325 
TRP CZ2 CH2  doub Y N 326 
TRP CZ2 HZ2  sing N N 327 
TRP CZ3 CH2  sing Y N 328 
TRP CZ3 HZ3  sing N N 329 
TRP CH2 HH2  sing N N 330 
TRP OXT HXT  sing N N 331 
VAL N   CA   sing N N 332 
VAL N   H    sing N N 333 
VAL N   H2   sing N N 334 
VAL CA  C    sing N N 335 
VAL CA  CB   sing N N 336 
VAL CA  HA   sing N N 337 
VAL C   O    doub N N 338 
VAL C   OXT  sing N N 339 
VAL CB  CG1  sing N N 340 
VAL CB  CG2  sing N N 341 
VAL CB  HB   sing N N 342 
VAL CG1 HG11 sing N N 343 
VAL CG1 HG12 sing N N 344 
VAL CG1 HG13 sing N N 345 
VAL CG2 HG21 sing N N 346 
VAL CG2 HG22 sing N N 347 
VAL CG2 HG23 sing N N 348 
VAL OXT HXT  sing N N 349 
# 
_pdbx_nmr_spectrometer.spectrometer_id   1 
_pdbx_nmr_spectrometer.model             AMX600 
_pdbx_nmr_spectrometer.manufacturer      Bruker 
_pdbx_nmr_spectrometer.field_strength    600 
# 
_atom_sites.entry_id                    1RRB 
_atom_sites.fract_transf_matrix[1][1]   1.000000 
_atom_sites.fract_transf_matrix[1][2]   0.000000 
_atom_sites.fract_transf_matrix[1][3]   0.000000 
_atom_sites.fract_transf_matrix[2][1]   0.000000 
_atom_sites.fract_transf_matrix[2][2]   1.000000 
_atom_sites.fract_transf_matrix[2][3]   0.000000 
_atom_sites.fract_transf_matrix[3][1]   0.000000 
_atom_sites.fract_transf_matrix[3][2]   0.000000 
_atom_sites.fract_transf_matrix[3][3]   1.000000 
_atom_sites.fract_transf_vector[1]      0.00000 
_atom_sites.fract_transf_vector[2]      0.00000 
_atom_sites.fract_transf_vector[3]      0.00000 
# 
loop_
_atom_type.symbol 
C 
H 
N 
O 
S 
# 
loop_
_atom_site.group_PDB 
_atom_site.id 
_atom_site.type_symbol 
_atom_site.label_atom_id 
_atom_site.label_alt_id 
_atom_site.label_comp_id 
_atom_site.label_asym_id 
_atom_site.label_entity_id 
_atom_site.label_seq_id 
_atom_site.pdbx_PDB_ins_code 
_atom_site.Cartn_x 
_atom_site.Cartn_y 
_atom_site.Cartn_z 
_atom_site.occupancy 
_atom_site.B_iso_or_equiv 
_atom_site.pdbx_formal_charge 
_atom_site.auth_seq_id 
_atom_site.auth_comp_id 
_atom_site.auth_asym_id 
_atom_site.auth_atom_id 
_atom_site.pdbx_PDB_model_num 
ATOM 1    N N    . ASN A 1 19 ? 3.072   1.673   15.828  1.00 0.00 ? 56  ASN A N    1 
ATOM 2    C CA   . ASN A 1 19 ? 3.717   2.301   14.639  1.00 0.00 ? 56  ASN A CA   1 
ATOM 3    C C    . ASN A 1 19 ? 3.672   1.343   13.446  1.00 0.00 ? 56  ASN A C    1 
ATOM 4    O O    . ASN A 1 19 ? 4.648   0.687   13.130  1.00 0.00 ? 56  ASN A O    1 
ATOM 5    C CB   . ASN A 1 19 ? 5.163   2.562   15.066  1.00 0.00 ? 56  ASN A CB   1 
ATOM 6    C CG   . ASN A 1 19 ? 5.763   3.666   14.192  1.00 0.00 ? 56  ASN A CG   1 
ATOM 7    O OD1  . ASN A 1 19 ? 5.671   4.833   14.518  1.00 0.00 ? 56  ASN A OD1  1 
ATOM 8    N ND2  . ASN A 1 19 ? 6.377   3.344   13.086  1.00 0.00 ? 56  ASN A ND2  1 
ATOM 9    H HA   . ASN A 1 19 ? 3.232   3.233   14.395  1.00 0.00 ? 56  ASN A HA   1 
ATOM 10   H HB2  . ASN A 1 19 ? 5.182   2.871   16.101  1.00 0.00 ? 56  ASN A HB2  1 
ATOM 11   H HB3  . ASN A 1 19 ? 5.741   1.658   14.948  1.00 0.00 ? 56  ASN A HB3  1 
ATOM 12   H HD21 . ASN A 1 19 ? 6.451   2.403   12.822  1.00 0.00 ? 56  ASN A HD21 1 
ATOM 13   H HD22 . ASN A 1 19 ? 6.764   4.043   12.520  1.00 0.00 ? 56  ASN A HD22 1 
ATOM 14   N N    . THR A 1 20 ? 2.547   1.261   12.783  1.00 0.00 ? 57  THR A N    1 
ATOM 15   C CA   . THR A 1 20 ? 2.427   0.345   11.606  1.00 0.00 ? 57  THR A CA   1 
ATOM 16   C C    . THR A 1 20 ? 1.562   0.987   10.520  1.00 0.00 ? 57  THR A C    1 
ATOM 17   O O    . THR A 1 20 ? 0.731   1.831   10.794  1.00 0.00 ? 57  THR A O    1 
ATOM 18   C CB   . THR A 1 20 ? 1.750   -0.924  12.140  1.00 0.00 ? 57  THR A CB   1 
ATOM 19   O OG1  . THR A 1 20 ? 0.789   -0.577  13.132  1.00 0.00 ? 57  THR A OG1  1 
ATOM 20   C CG2  . THR A 1 20 ? 2.802   -1.861  12.742  1.00 0.00 ? 57  THR A CG2  1 
ATOM 21   H H    . THR A 1 20 ? 1.778   1.801   13.059  1.00 0.00 ? 57  THR A H    1 
ATOM 22   H HA   . THR A 1 20 ? 3.403   0.105   11.217  1.00 0.00 ? 57  THR A HA   1 
ATOM 23   H HB   . THR A 1 20 ? 1.253   -1.430  11.326  1.00 0.00 ? 57  THR A HB   1 
ATOM 24   H HG1  . THR A 1 20 ? 1.259   -0.319  13.929  1.00 0.00 ? 57  THR A HG1  1 
ATOM 25   H HG21 . THR A 1 20 ? 3.744   -1.342  12.835  1.00 0.00 ? 57  THR A HG21 1 
ATOM 26   H HG22 . THR A 1 20 ? 2.474   -2.189  13.717  1.00 0.00 ? 57  THR A HG22 1 
ATOM 27   H HG23 . THR A 1 20 ? 2.926   -2.718  12.098  1.00 0.00 ? 57  THR A HG23 1 
ATOM 28   N N    . ILE A 1 21 ? 1.743   0.578   9.290   1.00 0.00 ? 58  ILE A N    1 
ATOM 29   C CA   . ILE A 1 21 ? 0.921   1.151   8.181   1.00 0.00 ? 58  ILE A CA   1 
ATOM 30   C C    . ILE A 1 21 ? -0.144  0.133   7.756   1.00 0.00 ? 58  ILE A C    1 
ATOM 31   O O    . ILE A 1 21 ? 0.068   -1.061  7.847   1.00 0.00 ? 58  ILE A O    1 
ATOM 32   C CB   . ILE A 1 21 ? 1.911   1.454   7.044   1.00 0.00 ? 58  ILE A CB   1 
ATOM 33   C CG1  . ILE A 1 21 ? 1.197   2.258   5.955   1.00 0.00 ? 58  ILE A CG1  1 
ATOM 34   C CG2  . ILE A 1 21 ? 2.455   0.161   6.436   1.00 0.00 ? 58  ILE A CG2  1 
ATOM 35   C CD1  . ILE A 1 21 ? 1.128   3.726   6.370   1.00 0.00 ? 58  ILE A CD1  1 
ATOM 36   H H    . ILE A 1 21 ? 2.409   -0.117  9.101   1.00 0.00 ? 58  ILE A H    1 
ATOM 37   H HA   . ILE A 1 21 ? 0.449   2.065   8.505   1.00 0.00 ? 58  ILE A HA   1 
ATOM 38   H HB   . ILE A 1 21 ? 2.735   2.035   7.434   1.00 0.00 ? 58  ILE A HB   1 
ATOM 39   H HG12 . ILE A 1 21 ? 1.741   2.169   5.026   1.00 0.00 ? 58  ILE A HG12 1 
ATOM 40   H HG13 . ILE A 1 21 ? 0.196   1.875   5.824   1.00 0.00 ? 58  ILE A HG13 1 
ATOM 41   H HG21 . ILE A 1 21 ? 2.457   -0.615  7.185   1.00 0.00 ? 58  ILE A HG21 1 
ATOM 42   H HG22 . ILE A 1 21 ? 1.823   -0.136  5.612   1.00 0.00 ? 58  ILE A HG22 1 
ATOM 43   H HG23 . ILE A 1 21 ? 3.462   0.327   6.080   1.00 0.00 ? 58  ILE A HG23 1 
ATOM 44   H HD11 . ILE A 1 21 ? 2.116   4.072   6.631   1.00 0.00 ? 58  ILE A HD11 1 
ATOM 45   H HD12 . ILE A 1 21 ? 0.745   4.315   5.548   1.00 0.00 ? 58  ILE A HD12 1 
ATOM 46   H HD13 . ILE A 1 21 ? 0.473   3.830   7.222   1.00 0.00 ? 58  ILE A HD13 1 
ATOM 47   N N    . ARG A 1 22 ? -1.283  0.593   7.310   1.00 0.00 ? 59  ARG A N    1 
ATOM 48   C CA   . ARG A 1 22 ? -2.364  -0.358  6.902   1.00 0.00 ? 59  ARG A CA   1 
ATOM 49   C C    . ARG A 1 22 ? -2.492  -0.426  5.379   1.00 0.00 ? 59  ARG A C    1 
ATOM 50   O O    . ARG A 1 22 ? -3.184  0.366   4.769   1.00 0.00 ? 59  ARG A O    1 
ATOM 51   C CB   . ARG A 1 22 ? -3.647  0.199   7.526   1.00 0.00 ? 59  ARG A CB   1 
ATOM 52   C CG   . ARG A 1 22 ? -3.503  0.247   9.048   1.00 0.00 ? 59  ARG A CG   1 
ATOM 53   C CD   . ARG A 1 22 ? -4.535  1.211   9.636   1.00 0.00 ? 59  ARG A CD   1 
ATOM 54   N NE   . ARG A 1 22 ? -4.484  0.985   11.114  1.00 0.00 ? 59  ARG A NE   1 
ATOM 55   C CZ   . ARG A 1 22 ? -5.470  1.366   11.903  1.00 0.00 ? 59  ARG A CZ   1 
ATOM 56   N NH1  . ARG A 1 22 ? -6.540  1.963   11.428  1.00 0.00 ? 59  ARG A NH1  1 
ATOM 57   N NH2  . ARG A 1 22 ? -5.381  1.148   13.187  1.00 0.00 ? 59  ARG A NH2  1 
ATOM 58   H H    . ARG A 1 22 ? -1.430  1.560   7.253   1.00 0.00 ? 59  ARG A H    1 
ATOM 59   H HA   . ARG A 1 22 ? -2.164  -1.339  7.302   1.00 0.00 ? 59  ARG A HA   1 
ATOM 60   H HB2  . ARG A 1 22 ? -3.827  1.193   7.150   1.00 0.00 ? 59  ARG A HB2  1 
ATOM 61   H HB3  . ARG A 1 22 ? -4.477  -0.441  7.267   1.00 0.00 ? 59  ARG A HB3  1 
ATOM 62   H HG2  . ARG A 1 22 ? -3.664  -0.740  9.452   1.00 0.00 ? 59  ARG A HG2  1 
ATOM 63   H HG3  . ARG A 1 22 ? -2.511  0.587   9.306   1.00 0.00 ? 59  ARG A HG3  1 
ATOM 64   H HD2  . ARG A 1 22 ? -4.270  2.233   9.401   1.00 0.00 ? 59  ARG A HD2  1 
ATOM 65   H HD3  . ARG A 1 22 ? -5.520  0.981   9.261   1.00 0.00 ? 59  ARG A HD3  1 
ATOM 66   H HE   . ARG A 1 22 ? -3.702  0.544   11.507  1.00 0.00 ? 59  ARG A HE   1 
ATOM 67   H HH11 . ARG A 1 22 ? -6.629  2.142   10.449  1.00 0.00 ? 59  ARG A HH11 1 
ATOM 68   H HH12 . ARG A 1 22 ? -7.271  2.242   12.052  1.00 0.00 ? 59  ARG A HH12 1 
ATOM 69   H HH21 . ARG A 1 22 ? -4.572  0.696   13.561  1.00 0.00 ? 59  ARG A HH21 1 
ATOM 70   H HH22 . ARG A 1 22 ? -6.121  1.433   13.795  1.00 0.00 ? 59  ARG A HH22 1 
ATOM 71   N N    . VAL A 1 23 ? -1.844  -1.385  4.768   1.00 0.00 ? 60  VAL A N    1 
ATOM 72   C CA   . VAL A 1 23 ? -1.934  -1.534  3.283   1.00 0.00 ? 60  VAL A CA   1 
ATOM 73   C C    . VAL A 1 23 ? -3.050  -2.528  2.942   1.00 0.00 ? 60  VAL A C    1 
ATOM 74   O O    . VAL A 1 23 ? -2.956  -3.701  3.248   1.00 0.00 ? 60  VAL A O    1 
ATOM 75   C CB   . VAL A 1 23 ? -0.570  -2.083  2.851   1.00 0.00 ? 60  VAL A CB   1 
ATOM 76   C CG1  . VAL A 1 23 ? -0.549  -2.272  1.331   1.00 0.00 ? 60  VAL A CG1  1 
ATOM 77   C CG2  . VAL A 1 23 ? 0.532   -1.097  3.255   1.00 0.00 ? 60  VAL A CG2  1 
ATOM 78   H H    . VAL A 1 23 ? -1.306  -2.017  5.288   1.00 0.00 ? 60  VAL A H    1 
ATOM 79   H HA   . VAL A 1 23 ? -2.118  -0.580  2.816   1.00 0.00 ? 60  VAL A HA   1 
ATOM 80   H HB   . VAL A 1 23 ? -0.397  -3.035  3.333   1.00 0.00 ? 60  VAL A HB   1 
ATOM 81   H HG11 . VAL A 1 23 ? -1.266  -1.606  0.876   1.00 0.00 ? 60  VAL A HG11 1 
ATOM 82   H HG12 . VAL A 1 23 ? 0.439   -2.050  0.952   1.00 0.00 ? 60  VAL A HG12 1 
ATOM 83   H HG13 . VAL A 1 23 ? -0.805  -3.293  1.093   1.00 0.00 ? 60  VAL A HG13 1 
ATOM 84   H HG21 . VAL A 1 23 ? 0.116   -0.104  3.335   1.00 0.00 ? 60  VAL A HG21 1 
ATOM 85   H HG22 . VAL A 1 23 ? 0.946   -1.391  4.209   1.00 0.00 ? 60  VAL A HG22 1 
ATOM 86   H HG23 . VAL A 1 23 ? 1.313   -1.102  2.509   1.00 0.00 ? 60  VAL A HG23 1 
ATOM 87   N N    . PHE A 1 24 ? -4.108  -2.064  2.326   1.00 0.00 ? 61  PHE A N    1 
ATOM 88   C CA   . PHE A 1 24 ? -5.237  -2.981  1.980   1.00 0.00 ? 61  PHE A CA   1 
ATOM 89   C C    . PHE A 1 24 ? -4.881  -3.843  0.767   1.00 0.00 ? 61  PHE A C    1 
ATOM 90   O O    . PHE A 1 24 ? -4.484  -3.343  -0.271  1.00 0.00 ? 61  PHE A O    1 
ATOM 91   C CB   . PHE A 1 24 ? -6.421  -2.070  1.651   1.00 0.00 ? 61  PHE A CB   1 
ATOM 92   C CG   . PHE A 1 24 ? -7.102  -1.623  2.923   1.00 0.00 ? 61  PHE A CG   1 
ATOM 93   C CD1  . PHE A 1 24 ? -6.383  -0.928  3.905   1.00 0.00 ? 61  PHE A CD1  1 
ATOM 94   C CD2  . PHE A 1 24 ? -8.460  -1.902  3.117   1.00 0.00 ? 61  PHE A CD2  1 
ATOM 95   C CE1  . PHE A 1 24 ? -7.024  -0.513  5.079   1.00 0.00 ? 61  PHE A CE1  1 
ATOM 96   C CE2  . PHE A 1 24 ? -9.101  -1.486  4.291   1.00 0.00 ? 61  PHE A CE2  1 
ATOM 97   C CZ   . PHE A 1 24 ? -8.383  -0.792  5.271   1.00 0.00 ? 61  PHE A CZ   1 
ATOM 98   H H    . PHE A 1 24 ? -4.164  -1.112  2.099   1.00 0.00 ? 61  PHE A H    1 
ATOM 99   H HA   . PHE A 1 24 ? -5.479  -3.605  2.825   1.00 0.00 ? 61  PHE A HA   1 
ATOM 100  H HB2  . PHE A 1 24 ? -6.070  -1.204  1.108   1.00 0.00 ? 61  PHE A HB2  1 
ATOM 101  H HB3  . PHE A 1 24 ? -7.129  -2.615  1.041   1.00 0.00 ? 61  PHE A HB3  1 
ATOM 102  H HD1  . PHE A 1 24 ? -5.337  -0.713  3.759   1.00 0.00 ? 61  PHE A HD1  1 
ATOM 103  H HD2  . PHE A 1 24 ? -9.015  -2.439  2.362   1.00 0.00 ? 61  PHE A HD2  1 
ATOM 104  H HE1  . PHE A 1 24 ? -6.471  0.023   5.835   1.00 0.00 ? 61  PHE A HE1  1 
ATOM 105  H HE2  . PHE A 1 24 ? -10.149 -1.701  4.439   1.00 0.00 ? 61  PHE A HE2  1 
ATOM 106  H HZ   . PHE A 1 24 ? -8.878  -0.470  6.174   1.00 0.00 ? 61  PHE A HZ   1 
ATOM 107  N N    . LEU A 1 25 ? -5.036  -5.135  0.896   1.00 0.00 ? 62  LEU A N    1 
ATOM 108  C CA   . LEU A 1 25 ? -4.726  -6.057  -0.244  1.00 0.00 ? 62  LEU A CA   1 
ATOM 109  C C    . LEU A 1 25 ? -5.620  -5.711  -1.446  1.00 0.00 ? 62  LEU A C    1 
ATOM 110  O O    . LEU A 1 25 ? -6.427  -4.806  -1.358  1.00 0.00 ? 62  LEU A O    1 
ATOM 111  C CB   . LEU A 1 25 ? -5.042  -7.466  0.286   1.00 0.00 ? 62  LEU A CB   1 
ATOM 112  C CG   . LEU A 1 25 ? -3.752  -8.283  0.389   1.00 0.00 ? 62  LEU A CG   1 
ATOM 113  C CD1  . LEU A 1 25 ? -2.902  -7.750  1.542   1.00 0.00 ? 62  LEU A CD1  1 
ATOM 114  C CD2  . LEU A 1 25 ? -4.098  -9.751  0.647   1.00 0.00 ? 62  LEU A CD2  1 
ATOM 115  H H    . LEU A 1 25 ? -5.370  -5.497  1.744   1.00 0.00 ? 62  LEU A H    1 
ATOM 116  H HA   . LEU A 1 25 ? -3.684  -5.984  -0.515  1.00 0.00 ? 62  LEU A HA   1 
ATOM 117  H HB2  . LEU A 1 25 ? -5.497  -7.393  1.262   1.00 0.00 ? 62  LEU A HB2  1 
ATOM 118  H HB3  . LEU A 1 25 ? -5.724  -7.960  -0.389  1.00 0.00 ? 62  LEU A HB3  1 
ATOM 119  H HG   . LEU A 1 25 ? -3.198  -8.198  -0.536  1.00 0.00 ? 62  LEU A HG   1 
ATOM 120  H HD11 . LEU A 1 25 ? -3.545  -7.307  2.289   1.00 0.00 ? 62  LEU A HD11 1 
ATOM 121  H HD12 . LEU A 1 25 ? -2.343  -8.561  1.984   1.00 0.00 ? 62  LEU A HD12 1 
ATOM 122  H HD13 . LEU A 1 25 ? -2.216  -7.002  1.170   1.00 0.00 ? 62  LEU A HD13 1 
ATOM 123  H HD21 . LEU A 1 25 ? -4.986  -9.809  1.259   1.00 0.00 ? 62  LEU A HD21 1 
ATOM 124  H HD22 . LEU A 1 25 ? -4.276  -10.249 -0.293  1.00 0.00 ? 62  LEU A HD22 1 
ATOM 125  H HD23 . LEU A 1 25 ? -3.277  -10.230 1.159   1.00 0.00 ? 62  LEU A HD23 1 
ATOM 126  N N    . PRO A 1 26 ? -5.464  -6.433  -2.539  1.00 0.00 ? 63  PRO A N    1 
ATOM 127  C CA   . PRO A 1 26 ? -6.297  -6.153  -3.737  1.00 0.00 ? 63  PRO A CA   1 
ATOM 128  C C    . PRO A 1 26 ? -7.761  -6.492  -3.453  1.00 0.00 ? 63  PRO A C    1 
ATOM 129  O O    . PRO A 1 26 ? -8.109  -6.876  -2.356  1.00 0.00 ? 63  PRO A O    1 
ATOM 130  C CB   . PRO A 1 26 ? -5.704  -7.062  -4.813  1.00 0.00 ? 63  PRO A CB   1 
ATOM 131  C CG   . PRO A 1 26 ? -5.037  -8.161  -4.057  1.00 0.00 ? 63  PRO A CG   1 
ATOM 132  C CD   . PRO A 1 26 ? -4.532  -7.552  -2.776  1.00 0.00 ? 63  PRO A CD   1 
ATOM 133  H HA   . PRO A 1 26 ? -6.199  -5.122  -4.032  1.00 0.00 ? 63  PRO A HA   1 
ATOM 134  H HB2  . PRO A 1 26 ? -6.490  -7.456  -5.444  1.00 0.00 ? 63  PRO A HB2  1 
ATOM 135  H HB3  . PRO A 1 26 ? -4.979  -6.524  -5.403  1.00 0.00 ? 63  PRO A HB3  1 
ATOM 136  H HG2  . PRO A 1 26 ? -5.748  -8.948  -3.843  1.00 0.00 ? 63  PRO A HG2  1 
ATOM 137  H HG3  . PRO A 1 26 ? -4.207  -8.553  -4.625  1.00 0.00 ? 63  PRO A HG3  1 
ATOM 138  H HD2  . PRO A 1 26 ? -4.580  -8.275  -1.977  1.00 0.00 ? 63  PRO A HD2  1 
ATOM 139  H HD3  . PRO A 1 26 ? -3.527  -7.181  -2.899  1.00 0.00 ? 63  PRO A HD3  1 
ATOM 140  N N    . ASN A 1 27 ? -8.619  -6.338  -4.435  1.00 0.00 ? 64  ASN A N    1 
ATOM 141  C CA   . ASN A 1 27 ? -10.078 -6.632  -4.242  1.00 0.00 ? 64  ASN A CA   1 
ATOM 142  C C    . ASN A 1 27 ? -10.647 -5.778  -3.093  1.00 0.00 ? 64  ASN A C    1 
ATOM 143  O O    . ASN A 1 27 ? -11.184 -4.710  -3.325  1.00 0.00 ? 64  ASN A O    1 
ATOM 144  C CB   . ASN A 1 27 ? -10.171 -8.138  -3.939  1.00 0.00 ? 64  ASN A CB   1 
ATOM 145  C CG   . ASN A 1 27 ? -11.631 -8.527  -3.688  1.00 0.00 ? 64  ASN A CG   1 
ATOM 146  O OD1  . ASN A 1 27 ? -12.525 -8.032  -4.345  1.00 0.00 ? 64  ASN A OD1  1 
ATOM 147  N ND2  . ASN A 1 27 ? -11.911 -9.398  -2.758  1.00 0.00 ? 64  ASN A ND2  1 
ATOM 148  H H    . ASN A 1 27 ? -8.303  -6.018  -5.305  1.00 0.00 ? 64  ASN A H    1 
ATOM 149  H HA   . ASN A 1 27 ? -10.614 -6.415  -5.154  1.00 0.00 ? 64  ASN A HA   1 
ATOM 150  H HB2  . ASN A 1 27 ? -9.793  -8.695  -4.784  1.00 0.00 ? 64  ASN A HB2  1 
ATOM 151  H HB3  . ASN A 1 27 ? -9.583  -8.373  -3.067  1.00 0.00 ? 64  ASN A HB3  1 
ATOM 152  H HD21 . ASN A 1 27 ? -11.190 -9.798  -2.228  1.00 0.00 ? 64  ASN A HD21 1 
ATOM 153  H HD22 . ASN A 1 27 ? -12.841 -9.654  -2.590  1.00 0.00 ? 64  ASN A HD22 1 
ATOM 154  N N    . LYS A 1 28 ? -10.534 -6.226  -1.864  1.00 0.00 ? 65  LYS A N    1 
ATOM 155  C CA   . LYS A 1 28 ? -11.068 -5.428  -0.716  1.00 0.00 ? 65  LYS A CA   1 
ATOM 156  C C    . LYS A 1 28 ? -10.610 -6.041  0.614   1.00 0.00 ? 65  LYS A C    1 
ATOM 157  O O    . LYS A 1 28 ? -11.372 -6.697  1.299   1.00 0.00 ? 65  LYS A O    1 
ATOM 158  C CB   . LYS A 1 28 ? -12.595 -5.497  -0.846  1.00 0.00 ? 65  LYS A CB   1 
ATOM 159  C CG   . LYS A 1 28 ? -13.066 -6.962  -0.835  1.00 0.00 ? 65  LYS A CG   1 
ATOM 160  C CD   . LYS A 1 28 ? -13.914 -7.228  0.412   1.00 0.00 ? 65  LYS A CD   1 
ATOM 161  C CE   . LYS A 1 28 ? -15.393 -7.028  0.075   1.00 0.00 ? 65  LYS A CE   1 
ATOM 162  N NZ   . LYS A 1 28 ? -16.131 -7.549  1.259   1.00 0.00 ? 65  LYS A NZ   1 
ATOM 163  H H    . LYS A 1 28 ? -10.095 -7.083  -1.694  1.00 0.00 ? 65  LYS A H    1 
ATOM 164  H HA   . LYS A 1 28 ? -10.739 -4.403  -0.788  1.00 0.00 ? 65  LYS A HA   1 
ATOM 165  H HB2  . LYS A 1 28 ? -13.048 -4.963  -0.022  1.00 0.00 ? 65  LYS A HB2  1 
ATOM 166  H HB3  . LYS A 1 28 ? -12.894 -5.035  -1.775  1.00 0.00 ? 65  LYS A HB3  1 
ATOM 167  H HG2  . LYS A 1 28 ? -13.657 -7.153  -1.719  1.00 0.00 ? 65  LYS A HG2  1 
ATOM 168  H HG3  . LYS A 1 28 ? -12.207 -7.618  -0.830  1.00 0.00 ? 65  LYS A HG3  1 
ATOM 169  H HD2  . LYS A 1 28 ? -13.755 -8.243  0.746   1.00 0.00 ? 65  LYS A HD2  1 
ATOM 170  H HD3  . LYS A 1 28 ? -13.629 -6.542  1.195   1.00 0.00 ? 65  LYS A HD3  1 
ATOM 171  H HE2  . LYS A 1 28 ? -15.606 -5.977  -0.070  1.00 0.00 ? 65  LYS A HE2  1 
ATOM 172  H HE3  . LYS A 1 28 ? -15.660 -7.593  -0.804  1.00 0.00 ? 65  LYS A HE3  1 
ATOM 173  H HZ1  . LYS A 1 28 ? -15.773 -7.089  2.120   1.00 0.00 ? 65  LYS A HZ1  1 
ATOM 174  H HZ2  . LYS A 1 28 ? -17.145 -7.349  1.153   1.00 0.00 ? 65  LYS A HZ2  1 
ATOM 175  H HZ3  . LYS A 1 28 ? -15.990 -8.577  1.331   1.00 0.00 ? 65  LYS A HZ3  1 
ATOM 176  N N    . GLN A 1 29 ? -9.367  -5.834  0.979   1.00 0.00 ? 66  GLN A N    1 
ATOM 177  C CA   . GLN A 1 29 ? -8.857  -6.408  2.259   1.00 0.00 ? 66  GLN A CA   1 
ATOM 178  C C    . GLN A 1 29 ? -8.094  -5.353  3.064   1.00 0.00 ? 66  GLN A C    1 
ATOM 179  O O    . GLN A 1 29 ? -7.524  -4.430  2.514   1.00 0.00 ? 66  GLN A O    1 
ATOM 180  C CB   . GLN A 1 29 ? -7.920  -7.538  1.833   1.00 0.00 ? 66  GLN A CB   1 
ATOM 181  C CG   . GLN A 1 29 ? -8.676  -8.868  1.858   1.00 0.00 ? 66  GLN A CG   1 
ATOM 182  C CD   . GLN A 1 29 ? -8.641  -9.449  3.272   1.00 0.00 ? 66  GLN A CD   1 
ATOM 183  O OE1  . GLN A 1 29 ? -9.584  -9.304  4.024   1.00 0.00 ? 66  GLN A OE1  1 
ATOM 184  N NE2  . GLN A 1 29 ? -7.586  -10.108 3.668   1.00 0.00 ? 66  GLN A NE2  1 
ATOM 185  H H    . GLN A 1 29 ? -8.771  -5.306  0.409   1.00 0.00 ? 66  GLN A H    1 
ATOM 186  H HA   . GLN A 1 29 ? -9.670  -6.805  2.841   1.00 0.00 ? 66  GLN A HA   1 
ATOM 187  H HB2  . GLN A 1 29 ? -7.559  -7.346  0.833   1.00 0.00 ? 66  GLN A HB2  1 
ATOM 188  H HB3  . GLN A 1 29 ? -7.085  -7.587  2.513   1.00 0.00 ? 66  GLN A HB3  1 
ATOM 189  H HG2  . GLN A 1 29 ? -9.701  -8.703  1.560   1.00 0.00 ? 66  GLN A HG2  1 
ATOM 190  H HG3  . GLN A 1 29 ? -8.209  -9.560  1.174   1.00 0.00 ? 66  GLN A HG3  1 
ATOM 191  H HE21 . GLN A 1 29 ? -6.826  -10.225 3.061   1.00 0.00 ? 66  GLN A HE21 1 
ATOM 192  H HE22 . GLN A 1 29 ? -7.555  -10.485 4.572   1.00 0.00 ? 66  GLN A HE22 1 
ATOM 193  N N    . ARG A 1 30 ? -8.083  -5.491  4.367   1.00 0.00 ? 67  ARG A N    1 
ATOM 194  C CA   . ARG A 1 30 ? -7.362  -4.507  5.232   1.00 0.00 ? 67  ARG A CA   1 
ATOM 195  C C    . ARG A 1 30 ? -6.193  -5.197  5.945   1.00 0.00 ? 67  ARG A C    1 
ATOM 196  O O    . ARG A 1 30 ? -6.385  -5.960  6.873   1.00 0.00 ? 67  ARG A O    1 
ATOM 197  C CB   . ARG A 1 30 ? -8.414  -4.035  6.243   1.00 0.00 ? 67  ARG A CB   1 
ATOM 198  C CG   . ARG A 1 30 ? -7.781  -3.062  7.246   1.00 0.00 ? 67  ARG A CG   1 
ATOM 199  C CD   . ARG A 1 30 ? -8.877  -2.258  7.956   1.00 0.00 ? 67  ARG A CD   1 
ATOM 200  N NE   . ARG A 1 30 ? -8.949  -2.829  9.338   1.00 0.00 ? 67  ARG A NE   1 
ATOM 201  C CZ   . ARG A 1 30 ? -9.680  -3.892  9.615   1.00 0.00 ? 67  ARG A CZ   1 
ATOM 202  N NH1  . ARG A 1 30 ? -10.386 -4.509  8.695   1.00 0.00 ? 67  ARG A NH1  1 
ATOM 203  N NH2  . ARG A 1 30 ? -9.701  -4.345  10.839  1.00 0.00 ? 67  ARG A NH2  1 
ATOM 204  H H    . ARG A 1 30 ? -8.551  -6.247  4.778   1.00 0.00 ? 67  ARG A H    1 
ATOM 205  H HA   . ARG A 1 30 ? -7.011  -3.674  4.646   1.00 0.00 ? 67  ARG A HA   1 
ATOM 206  H HB2  . ARG A 1 30 ? -9.217  -3.538  5.720   1.00 0.00 ? 67  ARG A HB2  1 
ATOM 207  H HB3  . ARG A 1 30 ? -8.807  -4.889  6.774   1.00 0.00 ? 67  ARG A HB3  1 
ATOM 208  H HG2  . ARG A 1 30 ? -7.214  -3.620  7.977   1.00 0.00 ? 67  ARG A HG2  1 
ATOM 209  H HG3  . ARG A 1 30 ? -7.124  -2.386  6.723   1.00 0.00 ? 67  ARG A HG3  1 
ATOM 210  H HD2  . ARG A 1 30 ? -8.600  -1.213  7.998   1.00 0.00 ? 67  ARG A HD2  1 
ATOM 211  H HD3  . ARG A 1 30 ? -9.823  -2.374  7.454   1.00 0.00 ? 67  ARG A HD3  1 
ATOM 212  H HE   . ARG A 1 30 ? -8.438  -2.402  10.057  1.00 0.00 ? 67  ARG A HE   1 
ATOM 213  H HH11 . ARG A 1 30 ? -10.388 -4.184  7.753   1.00 0.00 ? 67  ARG A HH11 1 
ATOM 214  H HH12 . ARG A 1 30 ? -10.928 -5.312  8.942   1.00 0.00 ? 67  ARG A HH12 1 
ATOM 215  H HH21 . ARG A 1 30 ? -9.168  -3.887  11.551  1.00 0.00 ? 67  ARG A HH21 1 
ATOM 216  H HH22 . ARG A 1 30 ? -10.250 -5.150  11.065  1.00 0.00 ? 67  ARG A HH22 1 
ATOM 217  N N    . THR A 1 31 ? -4.984  -4.933  5.517   1.00 0.00 ? 68  THR A N    1 
ATOM 218  C CA   . THR A 1 31 ? -3.800  -5.565  6.156   1.00 0.00 ? 68  THR A CA   1 
ATOM 219  C C    . THR A 1 31 ? -2.854  -4.475  6.690   1.00 0.00 ? 68  THR A C    1 
ATOM 220  O O    . THR A 1 31 ? -2.728  -3.414  6.112   1.00 0.00 ? 68  THR A O    1 
ATOM 221  C CB   . THR A 1 31 ? -3.158  -6.370  5.016   1.00 0.00 ? 68  THR A CB   1 
ATOM 222  O OG1  . THR A 1 31 ? -3.981  -7.487  4.711   1.00 0.00 ? 68  THR A OG1  1 
ATOM 223  C CG2  . THR A 1 31 ? -1.771  -6.861  5.424   1.00 0.00 ? 68  THR A CG2  1 
ATOM 224  H H    . THR A 1 31 ? -4.852  -4.321  4.767   1.00 0.00 ? 68  THR A H    1 
ATOM 225  H HA   . THR A 1 31 ? -4.107  -6.226  6.951   1.00 0.00 ? 68  THR A HA   1 
ATOM 226  H HB   . THR A 1 31 ? -3.069  -5.745  4.142   1.00 0.00 ? 68  THR A HB   1 
ATOM 227  H HG1  . THR A 1 31 ? -4.759  -7.166  4.250   1.00 0.00 ? 68  THR A HG1  1 
ATOM 228  H HG21 . THR A 1 31 ? -1.159  -6.011  5.683   1.00 0.00 ? 68  THR A HG21 1 
ATOM 229  H HG22 . THR A 1 31 ? -1.859  -7.517  6.276   1.00 0.00 ? 68  THR A HG22 1 
ATOM 230  H HG23 . THR A 1 31 ? -1.322  -7.393  4.601   1.00 0.00 ? 68  THR A HG23 1 
ATOM 231  N N    . VAL A 1 32 ? -2.191  -4.742  7.788   1.00 0.00 ? 69  VAL A N    1 
ATOM 232  C CA   . VAL A 1 32 ? -1.246  -3.740  8.368   1.00 0.00 ? 69  VAL A CA   1 
ATOM 233  C C    . VAL A 1 32 ? -0.041  -4.461  8.986   1.00 0.00 ? 69  VAL A C    1 
ATOM 234  O O    . VAL A 1 32 ? -0.193  -5.410  9.731   1.00 0.00 ? 69  VAL A O    1 
ATOM 235  C CB   . VAL A 1 32 ? -2.057  -2.992  9.438   1.00 0.00 ? 69  VAL A CB   1 
ATOM 236  C CG1  . VAL A 1 32 ? -2.563  -3.980  10.495  1.00 0.00 ? 69  VAL A CG1  1 
ATOM 237  C CG2  . VAL A 1 32 ? -1.176  -1.931  10.114  1.00 0.00 ? 69  VAL A CG2  1 
ATOM 238  H H    . VAL A 1 32 ? -2.311  -5.610  8.229   1.00 0.00 ? 69  VAL A H    1 
ATOM 239  H HA   . VAL A 1 32 ? -0.920  -3.051  7.605   1.00 0.00 ? 69  VAL A HA   1 
ATOM 240  H HB   . VAL A 1 32 ? -2.903  -2.510  8.968   1.00 0.00 ? 69  VAL A HB   1 
ATOM 241  H HG11 . VAL A 1 32 ? -2.950  -4.863  10.008  1.00 0.00 ? 69  VAL A HG11 1 
ATOM 242  H HG12 . VAL A 1 32 ? -1.748  -4.257  11.148  1.00 0.00 ? 69  VAL A HG12 1 
ATOM 243  H HG13 . VAL A 1 32 ? -3.348  -3.516  11.075  1.00 0.00 ? 69  VAL A HG13 1 
ATOM 244  H HG21 . VAL A 1 32 ? -0.137  -2.207  10.017  1.00 0.00 ? 69  VAL A HG21 1 
ATOM 245  H HG22 . VAL A 1 32 ? -1.337  -0.974  9.640   1.00 0.00 ? 69  VAL A HG22 1 
ATOM 246  H HG23 . VAL A 1 32 ? -1.434  -1.860  11.160  1.00 0.00 ? 69  VAL A HG23 1 
ATOM 247  N N    . VAL A 1 33 ? 1.152   -4.021  8.673   1.00 0.00 ? 70  VAL A N    1 
ATOM 248  C CA   . VAL A 1 33 ? 2.370   -4.683  9.233   1.00 0.00 ? 70  VAL A CA   1 
ATOM 249  C C    . VAL A 1 33 ? 3.332   -3.641  9.817   1.00 0.00 ? 70  VAL A C    1 
ATOM 250  O O    . VAL A 1 33 ? 3.088   -2.451  9.752   1.00 0.00 ? 70  VAL A O    1 
ATOM 251  C CB   . VAL A 1 33 ? 3.016   -5.409  8.048   1.00 0.00 ? 70  VAL A CB   1 
ATOM 252  C CG1  . VAL A 1 33 ? 2.048   -6.464  7.509   1.00 0.00 ? 70  VAL A CG1  1 
ATOM 253  C CG2  . VAL A 1 33 ? 3.345   -4.408  6.934   1.00 0.00 ? 70  VAL A CG2  1 
ATOM 254  H H    . VAL A 1 33 ? 1.247   -3.257  8.066   1.00 0.00 ? 70  VAL A H    1 
ATOM 255  H HA   . VAL A 1 33 ? 2.091   -5.397  9.990   1.00 0.00 ? 70  VAL A HA   1 
ATOM 256  H HB   . VAL A 1 33 ? 3.924   -5.893  8.378   1.00 0.00 ? 70  VAL A HB   1 
ATOM 257  H HG11 . VAL A 1 33 ? 1.609   -7.006  8.334   1.00 0.00 ? 70  VAL A HG11 1 
ATOM 258  H HG12 . VAL A 1 33 ? 1.266   -5.979  6.942   1.00 0.00 ? 70  VAL A HG12 1 
ATOM 259  H HG13 . VAL A 1 33 ? 2.583   -7.150  6.870   1.00 0.00 ? 70  VAL A HG13 1 
ATOM 260  H HG21 . VAL A 1 33 ? 3.900   -3.579  7.349   1.00 0.00 ? 70  VAL A HG21 1 
ATOM 261  H HG22 . VAL A 1 33 ? 3.939   -4.895  6.175   1.00 0.00 ? 70  VAL A HG22 1 
ATOM 262  H HG23 . VAL A 1 33 ? 2.428   -4.043  6.495   1.00 0.00 ? 70  VAL A HG23 1 
ATOM 263  N N    . ASN A 1 34 ? 4.425   -4.089  10.385  1.00 0.00 ? 71  ASN A N    1 
ATOM 264  C CA   . ASN A 1 34 ? 5.413   -3.139  10.977  1.00 0.00 ? 71  ASN A CA   1 
ATOM 265  C C    . ASN A 1 34 ? 6.321   -2.571  9.884   1.00 0.00 ? 71  ASN A C    1 
ATOM 266  O O    . ASN A 1 34 ? 7.083   -3.286  9.263   1.00 0.00 ? 71  ASN A O    1 
ATOM 267  C CB   . ASN A 1 34 ? 6.226   -3.973  11.967  1.00 0.00 ? 71  ASN A CB   1 
ATOM 268  C CG   . ASN A 1 34 ? 5.303   -4.512  13.060  1.00 0.00 ? 71  ASN A CG   1 
ATOM 269  O OD1  . ASN A 1 34 ? 5.089   -3.864  14.066  1.00 0.00 ? 71  ASN A OD1  1 
ATOM 270  N ND2  . ASN A 1 34 ? 4.743   -5.681  12.906  1.00 0.00 ? 71  ASN A ND2  1 
ATOM 271  H H    . ASN A 1 34 ? 4.594   -5.054  10.421  1.00 0.00 ? 71  ASN A H    1 
ATOM 272  H HA   . ASN A 1 34 ? 4.906   -2.343  11.496  1.00 0.00 ? 71  ASN A HA   1 
ATOM 273  H HB2  . ASN A 1 34 ? 6.691   -4.796  11.447  1.00 0.00 ? 71  ASN A HB2  1 
ATOM 274  H HB3  . ASN A 1 34 ? 6.988   -3.352  12.416  1.00 0.00 ? 71  ASN A HB3  1 
ATOM 275  H HD21 . ASN A 1 34 ? 4.916   -6.203  12.095  1.00 0.00 ? 71  ASN A HD21 1 
ATOM 276  H HD22 . ASN A 1 34 ? 4.151   -6.036  13.601  1.00 0.00 ? 71  ASN A HD22 1 
ATOM 277  N N    . VAL A 1 35 ? 6.236   -1.289  9.648   1.00 0.00 ? 72  VAL A N    1 
ATOM 278  C CA   . VAL A 1 35 ? 7.077   -0.652  8.598   1.00 0.00 ? 72  VAL A CA   1 
ATOM 279  C C    . VAL A 1 35 ? 7.988   0.408   9.217   1.00 0.00 ? 72  VAL A C    1 
ATOM 280  O O    . VAL A 1 35 ? 7.845   1.588   8.967   1.00 0.00 ? 72  VAL A O    1 
ATOM 281  C CB   . VAL A 1 35 ? 6.081   -0.014  7.632   1.00 0.00 ? 72  VAL A CB   1 
ATOM 282  C CG1  . VAL A 1 35 ? 5.248   -1.116  6.975   1.00 0.00 ? 72  VAL A CG1  1 
ATOM 283  C CG2  . VAL A 1 35 ? 5.161   0.952   8.389   1.00 0.00 ? 72  VAL A CG2  1 
ATOM 284  H H    . VAL A 1 35 ? 5.610   -0.741  10.158  1.00 0.00 ? 72  VAL A H    1 
ATOM 285  H HA   . VAL A 1 35 ? 7.661   -1.395  8.083   1.00 0.00 ? 72  VAL A HA   1 
ATOM 286  H HB   . VAL A 1 35 ? 6.617   0.528   6.877   1.00 0.00 ? 72  VAL A HB   1 
ATOM 287  H HG11 . VAL A 1 35 ? 5.794   -2.049  7.006   1.00 0.00 ? 72  VAL A HG11 1 
ATOM 288  H HG12 . VAL A 1 35 ? 4.315   -1.229  7.506   1.00 0.00 ? 72  VAL A HG12 1 
ATOM 289  H HG13 . VAL A 1 35 ? 5.049   -0.853  5.947   1.00 0.00 ? 72  VAL A HG13 1 
ATOM 290  H HG21 . VAL A 1 35 ? 5.645   1.266   9.302   1.00 0.00 ? 72  VAL A HG21 1 
ATOM 291  H HG22 . VAL A 1 35 ? 4.959   1.815   7.773   1.00 0.00 ? 72  VAL A HG22 1 
ATOM 292  H HG23 . VAL A 1 35 ? 4.234   0.455   8.626   1.00 0.00 ? 72  VAL A HG23 1 
ATOM 293  N N    . ARG A 1 36 ? 8.923   -0.014  10.024  1.00 0.00 ? 73  ARG A N    1 
ATOM 294  C CA   . ARG A 1 36 ? 9.858   0.953   10.669  1.00 0.00 ? 73  ARG A CA   1 
ATOM 295  C C    . ARG A 1 36 ? 11.088  1.163   9.783   1.00 0.00 ? 73  ARG A C    1 
ATOM 296  O O    . ARG A 1 36 ? 11.091  0.803   8.623   1.00 0.00 ? 73  ARG A O    1 
ATOM 297  C CB   . ARG A 1 36 ? 10.254  0.296   11.992  1.00 0.00 ? 73  ARG A CB   1 
ATOM 298  C CG   . ARG A 1 36 ? 10.391  1.370   13.073  1.00 0.00 ? 73  ARG A CG   1 
ATOM 299  C CD   . ARG A 1 36 ? 9.062   1.517   13.818  1.00 0.00 ? 73  ARG A CD   1 
ATOM 300  N NE   . ARG A 1 36 ? 8.980   0.316   14.703  1.00 0.00 ? 73  ARG A NE   1 
ATOM 301  C CZ   . ARG A 1 36 ? 9.701   0.222   15.804  1.00 0.00 ? 73  ARG A CZ   1 
ATOM 302  N NH1  . ARG A 1 36 ? 10.523  1.178   16.171  1.00 0.00 ? 73  ARG A NH1  1 
ATOM 303  N NH2  . ARG A 1 36 ? 9.595   -0.847  16.544  1.00 0.00 ? 73  ARG A NH2  1 
ATOM 304  H H    . ARG A 1 36 ? 9.008   -0.972  10.203  1.00 0.00 ? 73  ARG A H    1 
ATOM 305  H HA   . ARG A 1 36 ? 9.361   1.891   10.855  1.00 0.00 ? 73  ARG A HA   1 
ATOM 306  H HB2  . ARG A 1 36 ? 9.494   -0.415  12.280  1.00 0.00 ? 73  ARG A HB2  1 
ATOM 307  H HB3  . ARG A 1 36 ? 11.198  -0.213  11.870  1.00 0.00 ? 73  ARG A HB3  1 
ATOM 308  H HG2  . ARG A 1 36 ? 11.165  1.080   13.770  1.00 0.00 ? 73  ARG A HG2  1 
ATOM 309  H HG3  . ARG A 1 36 ? 10.651  2.311   12.616  1.00 0.00 ? 73  ARG A HG3  1 
ATOM 310  H HD2  . ARG A 1 36 ? 9.063   2.424   14.407  1.00 0.00 ? 73  ARG A HD2  1 
ATOM 311  H HD3  . ARG A 1 36 ? 8.238   1.520   13.120  1.00 0.00 ? 73  ARG A HD3  1 
ATOM 312  H HE   . ARG A 1 36 ? 8.377   -0.418  14.461  1.00 0.00 ? 73  ARG A HE   1 
ATOM 313  H HH11 . ARG A 1 36 ? 10.618  2.005   15.619  1.00 0.00 ? 73  ARG A HH11 1 
ATOM 314  H HH12 . ARG A 1 36 ? 11.057  1.078   17.010  1.00 0.00 ? 73  ARG A HH12 1 
ATOM 315  H HH21 . ARG A 1 36 ? 8.974   -1.583  16.276  1.00 0.00 ? 73  ARG A HH21 1 
ATOM 316  H HH22 . ARG A 1 36 ? 10.137  -0.931  17.381  1.00 0.00 ? 73  ARG A HH22 1 
ATOM 317  N N    . ASN A 1 37 ? 12.133  1.743   10.325  1.00 0.00 ? 74  ASN A N    1 
ATOM 318  C CA   . ASN A 1 37 ? 13.383  1.992   9.532   1.00 0.00 ? 74  ASN A CA   1 
ATOM 319  C C    . ASN A 1 37 ? 13.074  2.825   8.276   1.00 0.00 ? 74  ASN A C    1 
ATOM 320  O O    . ASN A 1 37 ? 13.186  4.036   8.292   1.00 0.00 ? 74  ASN A O    1 
ATOM 321  C CB   . ASN A 1 37 ? 13.930  0.604   9.165   1.00 0.00 ? 74  ASN A CB   1 
ATOM 322  C CG   . ASN A 1 37 ? 14.825  0.092   10.295  1.00 0.00 ? 74  ASN A CG   1 
ATOM 323  O OD1  . ASN A 1 37 ? 15.446  0.869   10.994  1.00 0.00 ? 74  ASN A OD1  1 
ATOM 324  N ND2  . ASN A 1 37 ? 14.919  -1.192  10.505  1.00 0.00 ? 74  ASN A ND2  1 
ATOM 325  H H    . ASN A 1 37 ? 12.096  2.019   11.265  1.00 0.00 ? 74  ASN A H    1 
ATOM 326  H HA   . ASN A 1 37 ? 14.105  2.512   10.143  1.00 0.00 ? 74  ASN A HA   1 
ATOM 327  H HB2  . ASN A 1 37 ? 13.108  -0.081  9.017   1.00 0.00 ? 74  ASN A HB2  1 
ATOM 328  H HB3  . ASN A 1 37 ? 14.508  0.675   8.256   1.00 0.00 ? 74  ASN A HB3  1 
ATOM 329  H HD21 . ASN A 1 37 ? 14.419  -1.819  9.941   1.00 0.00 ? 74  ASN A HD21 1 
ATOM 330  H HD22 . ASN A 1 37 ? 15.490  -1.530  11.227  1.00 0.00 ? 74  ASN A HD22 1 
ATOM 331  N N    . GLY A 1 38 ? 12.677  2.195   7.193   1.00 0.00 ? 75  GLY A N    1 
ATOM 332  C CA   . GLY A 1 38 ? 12.356  2.948   5.952   1.00 0.00 ? 75  GLY A CA   1 
ATOM 333  C C    . GLY A 1 38 ? 11.704  1.968   4.991   1.00 0.00 ? 75  GLY A C    1 
ATOM 334  O O    . GLY A 1 38 ? 11.960  1.972   3.803   1.00 0.00 ? 75  GLY A O    1 
ATOM 335  H H    . GLY A 1 38 ? 12.580  1.213   7.194   1.00 0.00 ? 75  GLY A H    1 
ATOM 336  H HA2  . GLY A 1 38 ? 11.673  3.756   6.179   1.00 0.00 ? 75  GLY A HA2  1 
ATOM 337  H HA3  . GLY A 1 38 ? 13.259  3.339   5.512   1.00 0.00 ? 75  GLY A HA3  1 
ATOM 338  N N    . MET A 1 39 ? 10.881  1.103   5.524   1.00 0.00 ? 76  MET A N    1 
ATOM 339  C CA   . MET A 1 39 ? 10.217  0.076   4.681   1.00 0.00 ? 76  MET A CA   1 
ATOM 340  C C    . MET A 1 39 ? 9.388   0.734   3.574   1.00 0.00 ? 76  MET A C    1 
ATOM 341  O O    . MET A 1 39 ? 8.215   1.006   3.746   1.00 0.00 ? 76  MET A O    1 
ATOM 342  C CB   . MET A 1 39 ? 9.312   -0.710  5.635   1.00 0.00 ? 76  MET A CB   1 
ATOM 343  C CG   . MET A 1 39 ? 10.079  -1.911  6.192   1.00 0.00 ? 76  MET A CG   1 
ATOM 344  S SD   . MET A 1 39 ? 8.925   -3.264  6.528   1.00 0.00 ? 76  MET A SD   1 
ATOM 345  C CE   . MET A 1 39 ? 10.072  -4.320  7.447   1.00 0.00 ? 76  MET A CE   1 
ATOM 346  H H    . MET A 1 39 ? 10.720  1.119   6.492   1.00 0.00 ? 76  MET A H    1 
ATOM 347  H HA   . MET A 1 39 ? 10.963  -0.577  4.265   1.00 0.00 ? 76  MET A HA   1 
ATOM 348  H HB2  . MET A 1 39 ? 9.005   -0.068  6.449   1.00 0.00 ? 76  MET A HB2  1 
ATOM 349  H HB3  . MET A 1 39 ? 8.440   -1.057  5.100   1.00 0.00 ? 76  MET A HB3  1 
ATOM 350  H HG2  . MET A 1 39 ? 10.813  -2.235  5.469   1.00 0.00 ? 76  MET A HG2  1 
ATOM 351  H HG3  . MET A 1 39 ? 10.576  -1.627  7.108   1.00 0.00 ? 76  MET A HG3  1 
ATOM 352  H HE1  . MET A 1 39 ? 11.088  -4.066  7.176   1.00 0.00 ? 76  MET A HE1  1 
ATOM 353  H HE2  . MET A 1 39 ? 9.937   -4.166  8.505   1.00 0.00 ? 76  MET A HE2  1 
ATOM 354  H HE3  . MET A 1 39 ? 9.878   -5.356  7.208   1.00 0.00 ? 76  MET A HE3  1 
ATOM 355  N N    . SER A 1 40 ? 9.992   0.988   2.441   1.00 0.00 ? 77  SER A N    1 
ATOM 356  C CA   . SER A 1 40 ? 9.242   1.628   1.317   1.00 0.00 ? 77  SER A CA   1 
ATOM 357  C C    . SER A 1 40 ? 8.101   0.715   0.867   1.00 0.00 ? 77  SER A C    1 
ATOM 358  O O    . SER A 1 40 ? 8.058   -0.452  1.212   1.00 0.00 ? 77  SER A O    1 
ATOM 359  C CB   . SER A 1 40 ? 10.264  1.801   0.194   1.00 0.00 ? 77  SER A CB   1 
ATOM 360  O OG   . SER A 1 40 ? 10.856  0.543   -0.101  1.00 0.00 ? 77  SER A OG   1 
ATOM 361  H H    . SER A 1 40 ? 10.938  0.756   2.331   1.00 0.00 ? 77  SER A H    1 
ATOM 362  H HA   . SER A 1 40 ? 8.859   2.589   1.619   1.00 0.00 ? 77  SER A HA   1 
ATOM 363  H HB2  . SER A 1 40 ? 9.773   2.177   -0.689  1.00 0.00 ? 77  SER A HB2  1 
ATOM 364  H HB3  . SER A 1 40 ? 11.025  2.504   0.506   1.00 0.00 ? 77  SER A HB3  1 
ATOM 365  H HG   . SER A 1 40 ? 11.728  0.704   -0.470  1.00 0.00 ? 77  SER A HG   1 
ATOM 366  N N    . LEU A 1 41 ? 7.177   1.235   0.099   1.00 0.00 ? 78  LEU A N    1 
ATOM 367  C CA   . LEU A 1 41 ? 6.033   0.398   -0.379  1.00 0.00 ? 78  LEU A CA   1 
ATOM 368  C C    . LEU A 1 41 ? 6.552   -0.792  -1.194  1.00 0.00 ? 78  LEU A C    1 
ATOM 369  O O    . LEU A 1 41 ? 5.932   -1.837  -1.247  1.00 0.00 ? 78  LEU A O    1 
ATOM 370  C CB   . LEU A 1 41 ? 5.194   1.326   -1.264  1.00 0.00 ? 78  LEU A CB   1 
ATOM 371  C CG   . LEU A 1 41 ? 3.990   1.854   -0.476  1.00 0.00 ? 78  LEU A CG   1 
ATOM 372  C CD1  . LEU A 1 41 ? 3.203   2.836   -1.350  1.00 0.00 ? 78  LEU A CD1  1 
ATOM 373  C CD2  . LEU A 1 41 ? 3.078   0.685   -0.067  1.00 0.00 ? 78  LEU A CD2  1 
ATOM 374  H H    . LEU A 1 41 ? 7.238   2.178   -0.163  1.00 0.00 ? 78  LEU A H    1 
ATOM 375  H HA   . LEU A 1 41 ? 5.445   0.054   0.458   1.00 0.00 ? 78  LEU A HA   1 
ATOM 376  H HB2  . LEU A 1 41 ? 5.803   2.157   -1.588  1.00 0.00 ? 78  LEU A HB2  1 
ATOM 377  H HB3  . LEU A 1 41 ? 4.845   0.781   -2.126  1.00 0.00 ? 78  LEU A HB3  1 
ATOM 378  H HG   . LEU A 1 41 ? 4.340   2.366   0.410   1.00 0.00 ? 78  LEU A HG   1 
ATOM 379  H HD11 . LEU A 1 41 ? 3.848   3.231   -2.121  1.00 0.00 ? 78  LEU A HD11 1 
ATOM 380  H HD12 . LEU A 1 41 ? 2.369   2.322   -1.807  1.00 0.00 ? 78  LEU A HD12 1 
ATOM 381  H HD13 . LEU A 1 41 ? 2.834   3.645   -0.739  1.00 0.00 ? 78  LEU A HD13 1 
ATOM 382  H HD21 . LEU A 1 41 ? 3.602   -0.248  -0.201  1.00 0.00 ? 78  LEU A HD21 1 
ATOM 383  H HD22 . LEU A 1 41 ? 2.800   0.795   0.971   1.00 0.00 ? 78  LEU A HD22 1 
ATOM 384  H HD23 . LEU A 1 41 ? 2.188   0.687   -0.678  1.00 0.00 ? 78  LEU A HD23 1 
ATOM 385  N N    . HIS A 1 42 ? 7.683   -0.631  -1.831  1.00 0.00 ? 79  HIS A N    1 
ATOM 386  C CA   . HIS A 1 42 ? 8.254   -1.743  -2.652  1.00 0.00 ? 79  HIS A CA   1 
ATOM 387  C C    . HIS A 1 42 ? 8.512   -2.982  -1.788  1.00 0.00 ? 79  HIS A C    1 
ATOM 388  O O    . HIS A 1 42 ? 8.372   -4.099  -2.246  1.00 0.00 ? 79  HIS A O    1 
ATOM 389  C CB   . HIS A 1 42 ? 9.575   -1.197  -3.203  1.00 0.00 ? 79  HIS A CB   1 
ATOM 390  C CG   . HIS A 1 42 ? 9.776   -1.680  -4.613  1.00 0.00 ? 79  HIS A CG   1 
ATOM 391  N ND1  . HIS A 1 42 ? 9.702   -3.022  -4.952  1.00 0.00 ? 79  HIS A ND1  1 
ATOM 392  C CD2  . HIS A 1 42 ? 10.048  -1.013  -5.782  1.00 0.00 ? 79  HIS A CD2  1 
ATOM 393  C CE1  . HIS A 1 42 ? 9.927   -3.119  -6.276  1.00 0.00 ? 79  HIS A CE1  1 
ATOM 394  N NE2  . HIS A 1 42 ? 10.143  -1.923  -6.830  1.00 0.00 ? 79  HIS A NE2  1 
ATOM 395  H H    . HIS A 1 42 ? 8.156   0.225   -1.772  1.00 0.00 ? 79  HIS A H    1 
ATOM 396  H HA   . HIS A 1 42 ? 7.590   -1.986  -3.467  1.00 0.00 ? 79  HIS A HA   1 
ATOM 397  H HB2  . HIS A 1 42 ? 9.549   -0.118  -3.192  1.00 0.00 ? 79  HIS A HB2  1 
ATOM 398  H HB3  . HIS A 1 42 ? 10.392  -1.543  -2.585  1.00 0.00 ? 79  HIS A HB3  1 
ATOM 399  H HD1  . HIS A 1 42 ? 9.521   -3.766  -4.340  1.00 0.00 ? 79  HIS A HD1  1 
ATOM 400  H HD2  . HIS A 1 42 ? 10.170  0.056   -5.873  1.00 0.00 ? 79  HIS A HD2  1 
ATOM 401  H HE1  . HIS A 1 42 ? 9.930   -4.050  -6.823  1.00 0.00 ? 79  HIS A HE1  1 
ATOM 402  N N    . ASP A 1 43 ? 8.898   -2.795  -0.550  1.00 0.00 ? 80  ASP A N    1 
ATOM 403  C CA   . ASP A 1 43 ? 9.178   -3.968  0.334   1.00 0.00 ? 80  ASP A CA   1 
ATOM 404  C C    . ASP A 1 43 ? 7.879   -4.546  0.907   1.00 0.00 ? 80  ASP A C    1 
ATOM 405  O O    . ASP A 1 43 ? 7.659   -5.744  0.875   1.00 0.00 ? 80  ASP A O    1 
ATOM 406  C CB   . ASP A 1 43 ? 10.055  -3.414  1.456   1.00 0.00 ? 80  ASP A CB   1 
ATOM 407  C CG   . ASP A 1 43 ? 11.367  -2.893  0.868   1.00 0.00 ? 80  ASP A CG   1 
ATOM 408  O OD1  . ASP A 1 43 ? 11.312  -1.970  0.070   1.00 0.00 ? 80  ASP A OD1  1 
ATOM 409  O OD2  . ASP A 1 43 ? 12.406  -3.423  1.226   1.00 0.00 ? 80  ASP A OD2  1 
ATOM 410  H H    . ASP A 1 43 ? 9.014   -1.884  -0.204  1.00 0.00 ? 80  ASP A H    1 
ATOM 411  H HA   . ASP A 1 43 ? 9.718   -4.726  -0.210  1.00 0.00 ? 80  ASP A HA   1 
ATOM 412  H HB2  . ASP A 1 43 ? 9.536   -2.606  1.953   1.00 0.00 ? 80  ASP A HB2  1 
ATOM 413  H HB3  . ASP A 1 43 ? 10.267  -4.197  2.165   1.00 0.00 ? 80  ASP A HB3  1 
ATOM 414  N N    . CYS A 1 44 ? 7.026   -3.710  1.440   1.00 0.00 ? 81  CYS A N    1 
ATOM 415  C CA   . CYS A 1 44 ? 5.744   -4.211  2.033   1.00 0.00 ? 81  CYS A CA   1 
ATOM 416  C C    . CYS A 1 44 ? 4.838   -4.806  0.949   1.00 0.00 ? 81  CYS A C    1 
ATOM 417  O O    . CYS A 1 44 ? 4.142   -5.781  1.179   1.00 0.00 ? 81  CYS A O    1 
ATOM 418  C CB   . CYS A 1 44 ? 5.085   -2.982  2.661   1.00 0.00 ? 81  CYS A CB   1 
ATOM 419  S SG   . CYS A 1 44 ? 6.123   -2.364  4.010   1.00 0.00 ? 81  CYS A SG   1 
ATOM 420  H H    . CYS A 1 44 ? 7.234   -2.751  1.461   1.00 0.00 ? 81  CYS A H    1 
ATOM 421  H HA   . CYS A 1 44 ? 5.947   -4.946  2.794   1.00 0.00 ? 81  CYS A HA   1 
ATOM 422  H HB2  . CYS A 1 44 ? 4.970   -2.212  1.913   1.00 0.00 ? 81  CYS A HB2  1 
ATOM 423  H HB3  . CYS A 1 44 ? 4.115   -3.254  3.051   1.00 0.00 ? 81  CYS A HB3  1 
ATOM 424  H HG   . CYS A 1 44 ? 5.839   -2.788  4.822   1.00 0.00 ? 81  CYS A HG   1 
ATOM 425  N N    . LEU A 1 45 ? 4.835   -4.226  -0.224  1.00 0.00 ? 82  LEU A N    1 
ATOM 426  C CA   . LEU A 1 45 ? 3.965   -4.751  -1.318  1.00 0.00 ? 82  LEU A CA   1 
ATOM 427  C C    . LEU A 1 45 ? 4.600   -5.981  -1.967  1.00 0.00 ? 82  LEU A C    1 
ATOM 428  O O    . LEU A 1 45 ? 3.969   -7.011  -2.095  1.00 0.00 ? 82  LEU A O    1 
ATOM 429  C CB   . LEU A 1 45 ? 3.853   -3.607  -2.325  1.00 0.00 ? 82  LEU A CB   1 
ATOM 430  C CG   . LEU A 1 45 ? 3.079   -2.445  -1.699  1.00 0.00 ? 82  LEU A CG   1 
ATOM 431  C CD1  . LEU A 1 45 ? 3.057   -1.269  -2.673  1.00 0.00 ? 82  LEU A CD1  1 
ATOM 432  C CD2  . LEU A 1 45 ? 1.640   -2.881  -1.404  1.00 0.00 ? 82  LEU A CD2  1 
ATOM 433  H H    . LEU A 1 45 ? 5.400   -3.441  -0.385  1.00 0.00 ? 82  LEU A H    1 
ATOM 434  H HA   . LEU A 1 45 ? 2.988   -4.996  -0.933  1.00 0.00 ? 82  LEU A HA   1 
ATOM 435  H HB2  . LEU A 1 45 ? 4.843   -3.273  -2.601  1.00 0.00 ? 82  LEU A HB2  1 
ATOM 436  H HB3  . LEU A 1 45 ? 3.334   -3.951  -3.205  1.00 0.00 ? 82  LEU A HB3  1 
ATOM 437  H HG   . LEU A 1 45 ? 3.562   -2.145  -0.782  1.00 0.00 ? 82  LEU A HG   1 
ATOM 438  H HD11 . LEU A 1 45 ? 2.662   -1.597  -3.622  1.00 0.00 ? 82  LEU A HD11 1 
ATOM 439  H HD12 . LEU A 1 45 ? 2.433   -0.480  -2.276  1.00 0.00 ? 82  LEU A HD12 1 
ATOM 440  H HD13 . LEU A 1 45 ? 4.062   -0.899  -2.811  1.00 0.00 ? 82  LEU A HD13 1 
ATOM 441  H HD21 . LEU A 1 45 ? 1.222   -3.358  -2.277  1.00 0.00 ? 82  LEU A HD21 1 
ATOM 442  H HD22 . LEU A 1 45 ? 1.637   -3.576  -0.576  1.00 0.00 ? 82  LEU A HD22 1 
ATOM 443  H HD23 . LEU A 1 45 ? 1.048   -2.016  -1.147  1.00 0.00 ? 82  LEU A HD23 1 
ATOM 444  N N    . MET A 1 46 ? 5.847   -5.890  -2.371  1.00 0.00 ? 83  MET A N    1 
ATOM 445  C CA   . MET A 1 46 ? 6.530   -7.066  -3.010  1.00 0.00 ? 83  MET A CA   1 
ATOM 446  C C    . MET A 1 46 ? 6.368   -8.322  -2.138  1.00 0.00 ? 83  MET A C    1 
ATOM 447  O O    . MET A 1 46 ? 6.385   -9.432  -2.629  1.00 0.00 ? 83  MET A O    1 
ATOM 448  C CB   . MET A 1 46 ? 8.006   -6.667  -3.110  1.00 0.00 ? 83  MET A CB   1 
ATOM 449  C CG   . MET A 1 46 ? 8.806   -7.796  -3.769  1.00 0.00 ? 83  MET A CG   1 
ATOM 450  S SD   . MET A 1 46 ? 10.188  -7.095  -4.705  1.00 0.00 ? 83  MET A SD   1 
ATOM 451  C CE   . MET A 1 46 ? 11.495  -7.502  -3.523  1.00 0.00 ? 83  MET A CE   1 
ATOM 452  H H    . MET A 1 46 ? 6.336   -5.048  -2.249  1.00 0.00 ? 83  MET A H    1 
ATOM 453  H HA   . MET A 1 46 ? 6.129   -7.240  -3.996  1.00 0.00 ? 83  MET A HA   1 
ATOM 454  H HB2  . MET A 1 46 ? 8.093   -5.770  -3.707  1.00 0.00 ? 83  MET A HB2  1 
ATOM 455  H HB3  . MET A 1 46 ? 8.397   -6.480  -2.122  1.00 0.00 ? 83  MET A HB3  1 
ATOM 456  H HG2  . MET A 1 46 ? 9.189   -8.456  -3.004  1.00 0.00 ? 83  MET A HG2  1 
ATOM 457  H HG3  . MET A 1 46 ? 8.163   -8.351  -4.434  1.00 0.00 ? 83  MET A HG3  1 
ATOM 458  H HE1  . MET A 1 46 ? 11.325  -8.489  -3.123  1.00 0.00 ? 83  MET A HE1  1 
ATOM 459  H HE2  . MET A 1 46 ? 12.453  -7.479  -4.025  1.00 0.00 ? 83  MET A HE2  1 
ATOM 460  H HE3  . MET A 1 46 ? 11.487  -6.783  -2.716  1.00 0.00 ? 83  MET A HE3  1 
ATOM 461  N N    . LYS A 1 47 ? 6.198   -8.138  -0.854  1.00 0.00 ? 84  LYS A N    1 
ATOM 462  C CA   . LYS A 1 47 ? 6.017   -9.303  0.071   1.00 0.00 ? 84  LYS A CA   1 
ATOM 463  C C    . LYS A 1 47 ? 4.612   -9.876  -0.088  1.00 0.00 ? 84  LYS A C    1 
ATOM 464  O O    . LYS A 1 47 ? 4.424   -10.951 -0.623  1.00 0.00 ? 84  LYS A O    1 
ATOM 465  C CB   . LYS A 1 47 ? 6.167   -8.710  1.461   1.00 0.00 ? 84  LYS A CB   1 
ATOM 466  C CG   . LYS A 1 47 ? 7.632   -8.357  1.722   1.00 0.00 ? 84  LYS A CG   1 
ATOM 467  C CD   . LYS A 1 47 ? 8.335   -9.545  2.382   1.00 0.00 ? 84  LYS A CD   1 
ATOM 468  C CE   . LYS A 1 47 ? 9.650   -9.076  3.009   1.00 0.00 ? 84  LYS A CE   1 
ATOM 469  N NZ   . LYS A 1 47 ? 10.426  -10.325 3.250   1.00 0.00 ? 84  LYS A NZ   1 
ATOM 470  H H    . LYS A 1 47 ? 6.181   -7.226  -0.495  1.00 0.00 ? 84  LYS A H    1 
ATOM 471  H HA   . LYS A 1 47 ? 6.768   -10.060 -0.104  1.00 0.00 ? 84  LYS A HA   1 
ATOM 472  H HB2  . LYS A 1 47 ? 5.558   -7.820  1.517   1.00 0.00 ? 84  LYS A HB2  1 
ATOM 473  H HB3  . LYS A 1 47 ? 5.828   -9.425  2.193   1.00 0.00 ? 84  LYS A HB3  1 
ATOM 474  H HG2  . LYS A 1 47 ? 8.118   -8.125  0.785   1.00 0.00 ? 84  LYS A HG2  1 
ATOM 475  H HG3  . LYS A 1 47 ? 7.685   -7.501  2.376   1.00 0.00 ? 84  LYS A HG3  1 
ATOM 476  H HD2  . LYS A 1 47 ? 7.697   -9.959  3.150   1.00 0.00 ? 84  LYS A HD2  1 
ATOM 477  H HD3  . LYS A 1 47 ? 8.541   -10.300 1.639   1.00 0.00 ? 84  LYS A HD3  1 
ATOM 478  H HE2  . LYS A 1 47 ? 10.181  -8.427  2.326   1.00 0.00 ? 84  LYS A HE2  1 
ATOM 479  H HE3  . LYS A 1 47 ? 9.464   -8.570  3.943   1.00 0.00 ? 84  LYS A HE3  1 
ATOM 480  H HZ1  . LYS A 1 47 ? 9.858   -10.982 3.821   1.00 0.00 ? 84  LYS A HZ1  1 
ATOM 481  H HZ2  . LYS A 1 47 ? 10.661  -10.768 2.339   1.00 0.00 ? 84  LYS A HZ2  1 
ATOM 482  H HZ3  . LYS A 1 47 ? 11.303  -10.095 3.761   1.00 0.00 ? 84  LYS A HZ3  1 
ATOM 483  N N    . ALA A 1 48 ? 3.609   -9.149  0.355   1.00 0.00 ? 85  ALA A N    1 
ATOM 484  C CA   . ALA A 1 48 ? 2.203   -9.639  0.201   1.00 0.00 ? 85  ALA A CA   1 
ATOM 485  C C    . ALA A 1 48 ? 1.933   -9.935  -1.281  1.00 0.00 ? 85  ALA A C    1 
ATOM 486  O O    . ALA A 1 48 ? 1.072   -10.724 -1.623  1.00 0.00 ? 85  ALA A O    1 
ATOM 487  C CB   . ALA A 1 48 ? 1.315   -8.490  0.689   1.00 0.00 ? 85  ALA A CB   1 
ATOM 488  H H    . ALA A 1 48 ? 3.782   -8.273  0.766   1.00 0.00 ? 85  ALA A H    1 
ATOM 489  H HA   . ALA A 1 48 ? 2.039   -10.519 0.801   1.00 0.00 ? 85  ALA A HA   1 
ATOM 490  H HB1  . ALA A 1 48 ? 1.896   -7.581  0.738   1.00 0.00 ? 85  ALA A HB1  1 
ATOM 491  H HB2  . ALA A 1 48 ? 0.490   -8.354  0.005   1.00 0.00 ? 85  ALA A HB2  1 
ATOM 492  H HB3  . ALA A 1 48 ? 0.932   -8.725  1.671   1.00 0.00 ? 85  ALA A HB3  1 
ATOM 493  N N    . LEU A 1 49 ? 2.689   -9.312  -2.155  1.00 0.00 ? 86  LEU A N    1 
ATOM 494  C CA   . LEU A 1 49 ? 2.506   -9.557  -3.616  1.00 0.00 ? 86  LEU A CA   1 
ATOM 495  C C    . LEU A 1 49 ? 3.009   -10.960 -3.972  1.00 0.00 ? 86  LEU A C    1 
ATOM 496  O O    . LEU A 1 49 ? 2.354   -11.696 -4.687  1.00 0.00 ? 86  LEU A O    1 
ATOM 497  C CB   . LEU A 1 49 ? 3.349   -8.480  -4.306  1.00 0.00 ? 86  LEU A CB   1 
ATOM 498  C CG   . LEU A 1 49 ? 3.281   -8.649  -5.824  1.00 0.00 ? 86  LEU A CG   1 
ATOM 499  C CD1  . LEU A 1 49 ? 3.487   -7.291  -6.496  1.00 0.00 ? 86  LEU A CD1  1 
ATOM 500  C CD2  . LEU A 1 49 ? 4.379   -9.617  -6.273  1.00 0.00 ? 86  LEU A CD2  1 
ATOM 501  H H    . LEU A 1 49 ? 3.390   -8.687  -1.844  1.00 0.00 ? 86  LEU A H    1 
ATOM 502  H HA   . LEU A 1 49 ? 1.468   -9.447  -3.890  1.00 0.00 ? 86  LEU A HA   1 
ATOM 503  H HB2  . LEU A 1 49 ? 2.972   -7.504  -4.038  1.00 0.00 ? 86  LEU A HB2  1 
ATOM 504  H HB3  . LEU A 1 49 ? 4.376   -8.568  -3.983  1.00 0.00 ? 86  LEU A HB3  1 
ATOM 505  H HG   . LEU A 1 49 ? 2.314   -9.044  -6.099  1.00 0.00 ? 86  LEU A HG   1 
ATOM 506  H HD11 . LEU A 1 49 ? 4.023   -6.633  -5.826  1.00 0.00 ? 86  LEU A HD11 1 
ATOM 507  H HD12 . LEU A 1 49 ? 4.057   -7.420  -7.403  1.00 0.00 ? 86  LEU A HD12 1 
ATOM 508  H HD13 . LEU A 1 49 ? 2.527   -6.857  -6.733  1.00 0.00 ? 86  LEU A HD13 1 
ATOM 509  H HD21 . LEU A 1 49 ? 5.182   -9.611  -5.550  1.00 0.00 ? 86  LEU A HD21 1 
ATOM 510  H HD22 . LEU A 1 49 ? 3.971   -10.614 -6.349  1.00 0.00 ? 86  LEU A HD22 1 
ATOM 511  H HD23 . LEU A 1 49 ? 4.759   -9.309  -7.236  1.00 0.00 ? 86  LEU A HD23 1 
ATOM 512  N N    . LYS A 1 50 ? 4.165   -11.337 -3.477  1.00 0.00 ? 87  LYS A N    1 
ATOM 513  C CA   . LYS A 1 50 ? 4.703   -12.696 -3.789  1.00 0.00 ? 87  LYS A CA   1 
ATOM 514  C C    . LYS A 1 50 ? 3.986   -13.751 -2.938  1.00 0.00 ? 87  LYS A C    1 
ATOM 515  O O    . LYS A 1 50 ? 3.845   -14.891 -3.338  1.00 0.00 ? 87  LYS A O    1 
ATOM 516  C CB   . LYS A 1 50 ? 6.210   -12.633 -3.471  1.00 0.00 ? 87  LYS A CB   1 
ATOM 517  C CG   . LYS A 1 50 ? 6.459   -12.442 -1.969  1.00 0.00 ? 87  LYS A CG   1 
ATOM 518  C CD   . LYS A 1 50 ? 7.913   -12.797 -1.648  1.00 0.00 ? 87  LYS A CD   1 
ATOM 519  C CE   . LYS A 1 50 ? 8.078   -14.318 -1.639  1.00 0.00 ? 87  LYS A CE   1 
ATOM 520  N NZ   . LYS A 1 50 ? 9.528   -14.548 -1.889  1.00 0.00 ? 87  LYS A NZ   1 
ATOM 521  H H    . LYS A 1 50 ? 4.674   -10.729 -2.902  1.00 0.00 ? 87  LYS A H    1 
ATOM 522  H HA   . LYS A 1 50 ? 4.560   -12.913 -4.838  1.00 0.00 ? 87  LYS A HA   1 
ATOM 523  H HB2  . LYS A 1 50 ? 6.676   -13.551 -3.787  1.00 0.00 ? 87  LYS A HB2  1 
ATOM 524  H HB3  . LYS A 1 50 ? 6.650   -11.808 -4.009  1.00 0.00 ? 87  LYS A HB3  1 
ATOM 525  H HG2  . LYS A 1 50 ? 6.277   -11.417 -1.701  1.00 0.00 ? 87  LYS A HG2  1 
ATOM 526  H HG3  . LYS A 1 50 ? 5.805   -13.085 -1.403  1.00 0.00 ? 87  LYS A HG3  1 
ATOM 527  H HD2  . LYS A 1 50 ? 8.562   -12.368 -2.399  1.00 0.00 ? 87  LYS A HD2  1 
ATOM 528  H HD3  . LYS A 1 50 ? 8.175   -12.403 -0.678  1.00 0.00 ? 87  LYS A HD3  1 
ATOM 529  H HE2  . LYS A 1 50 ? 7.790   -14.721 -0.677  1.00 0.00 ? 87  LYS A HE2  1 
ATOM 530  H HE3  . LYS A 1 50 ? 7.491   -14.765 -2.426  1.00 0.00 ? 87  LYS A HE3  1 
ATOM 531  H HZ1  . LYS A 1 50 ? 9.825   -14.012 -2.727  1.00 0.00 ? 87  LYS A HZ1  1 
ATOM 532  H HZ2  . LYS A 1 50 ? 10.076  -14.231 -1.065  1.00 0.00 ? 87  LYS A HZ2  1 
ATOM 533  H HZ3  . LYS A 1 50 ? 9.695   -15.563 -2.048  1.00 0.00 ? 87  LYS A HZ3  1 
ATOM 534  N N    . VAL A 1 51 ? 3.527   -13.371 -1.771  1.00 0.00 ? 88  VAL A N    1 
ATOM 535  C CA   . VAL A 1 51 ? 2.808   -14.342 -0.891  1.00 0.00 ? 88  VAL A CA   1 
ATOM 536  C C    . VAL A 1 51 ? 1.538   -14.824 -1.596  1.00 0.00 ? 88  VAL A C    1 
ATOM 537  O O    . VAL A 1 51 ? 1.105   -15.947 -1.417  1.00 0.00 ? 88  VAL A O    1 
ATOM 538  C CB   . VAL A 1 51 ? 2.463   -13.562 0.383   1.00 0.00 ? 88  VAL A CB   1 
ATOM 539  C CG1  . VAL A 1 51 ? 1.709   -14.470 1.359   1.00 0.00 ? 88  VAL A CG1  1 
ATOM 540  C CG2  . VAL A 1 51 ? 3.752   -13.066 1.047   1.00 0.00 ? 88  VAL A CG2  1 
ATOM 541  H H    . VAL A 1 51 ? 3.653   -12.443 -1.480  1.00 0.00 ? 88  VAL A H    1 
ATOM 542  H HA   . VAL A 1 51 ? 3.448   -15.178 -0.651  1.00 0.00 ? 88  VAL A HA   1 
ATOM 543  H HB   . VAL A 1 51 ? 1.841   -12.716 0.127   1.00 0.00 ? 88  VAL A HB   1 
ATOM 544  H HG11 . VAL A 1 51 ? 2.205   -15.427 1.417   1.00 0.00 ? 88  VAL A HG11 1 
ATOM 545  H HG12 . VAL A 1 51 ? 1.692   -14.013 2.337   1.00 0.00 ? 88  VAL A HG12 1 
ATOM 546  H HG13 . VAL A 1 51 ? 0.696   -14.610 1.010   1.00 0.00 ? 88  VAL A HG13 1 
ATOM 547  H HG21 . VAL A 1 51 ? 4.534   -12.991 0.307   1.00 0.00 ? 88  VAL A HG21 1 
ATOM 548  H HG22 . VAL A 1 51 ? 3.580   -12.097 1.489   1.00 0.00 ? 88  VAL A HG22 1 
ATOM 549  H HG23 . VAL A 1 51 ? 4.053   -13.764 1.815   1.00 0.00 ? 88  VAL A HG23 1 
ATOM 550  N N    . ARG A 1 52 ? 0.948   -13.980 -2.404  1.00 0.00 ? 89  ARG A N    1 
ATOM 551  C CA   . ARG A 1 52 ? -0.287  -14.376 -3.139  1.00 0.00 ? 89  ARG A CA   1 
ATOM 552  C C    . ARG A 1 52 ? 0.066   -14.838 -4.559  1.00 0.00 ? 89  ARG A C    1 
ATOM 553  O O    . ARG A 1 52 ? -0.724  -15.484 -5.221  1.00 0.00 ? 89  ARG A O    1 
ATOM 554  C CB   . ARG A 1 52 ? -1.141  -13.108 -3.185  1.00 0.00 ? 89  ARG A CB   1 
ATOM 555  C CG   . ARG A 1 52 ? -1.907  -12.957 -1.868  1.00 0.00 ? 89  ARG A CG   1 
ATOM 556  C CD   . ARG A 1 52 ? -3.315  -13.539 -2.023  1.00 0.00 ? 89  ARG A CD   1 
ATOM 557  N NE   . ARG A 1 52 ? -3.577  -14.273 -0.745  1.00 0.00 ? 89  ARG A NE   1 
ATOM 558  C CZ   . ARG A 1 52 ? -4.804  -14.581 -0.369  1.00 0.00 ? 89  ARG A CZ   1 
ATOM 559  N NH1  . ARG A 1 52 ? -5.848  -14.261 -1.097  1.00 0.00 ? 89  ARG A NH1  1 
ATOM 560  N NH2  . ARG A 1 52 ? -4.982  -15.221 0.755   1.00 0.00 ? 89  ARG A NH2  1 
ATOM 561  H H    . ARG A 1 52 ? 1.326   -13.082 -2.536  1.00 0.00 ? 89  ARG A H    1 
ATOM 562  H HA   . ARG A 1 52 ? -0.811  -15.155 -2.607  1.00 0.00 ? 89  ARG A HA   1 
ATOM 563  H HB2  . ARG A 1 52 ? -0.502  -12.249 -3.331  1.00 0.00 ? 89  ARG A HB2  1 
ATOM 564  H HB3  . ARG A 1 52 ? -1.844  -13.177 -4.002  1.00 0.00 ? 89  ARG A HB3  1 
ATOM 565  H HG2  . ARG A 1 52 ? -1.383  -13.485 -1.083  1.00 0.00 ? 89  ARG A HG2  1 
ATOM 566  H HG3  . ARG A 1 52 ? -1.978  -11.911 -1.612  1.00 0.00 ? 89  ARG A HG3  1 
ATOM 567  H HD2  . ARG A 1 52 ? -4.034  -12.743 -2.157  1.00 0.00 ? 89  ARG A HD2  1 
ATOM 568  H HD3  . ARG A 1 52 ? -3.350  -14.224 -2.855  1.00 0.00 ? 89  ARG A HD3  1 
ATOM 569  H HE   . ARG A 1 52 ? -2.823  -14.530 -0.174  1.00 0.00 ? 89  ARG A HE   1 
ATOM 570  H HH11 . ARG A 1 52 ? -5.734  -13.772 -1.961  1.00 0.00 ? 89  ARG A HH11 1 
ATOM 571  H HH12 . ARG A 1 52 ? -6.766  -14.509 -0.786  1.00 0.00 ? 89  ARG A HH12 1 
ATOM 572  H HH21 . ARG A 1 52 ? -4.195  -15.471 1.318   1.00 0.00 ? 89  ARG A HH21 1 
ATOM 573  H HH22 . ARG A 1 52 ? -5.907  -15.461 1.051   1.00 0.00 ? 89  ARG A HH22 1 
ATOM 574  N N    . GLY A 1 53 ? 1.244   -14.505 -5.034  1.00 0.00 ? 90  GLY A N    1 
ATOM 575  C CA   . GLY A 1 53 ? 1.648   -14.915 -6.410  1.00 0.00 ? 90  GLY A CA   1 
ATOM 576  C C    . GLY A 1 53 ? 1.200   -13.845 -7.407  1.00 0.00 ? 90  GLY A C    1 
ATOM 577  O O    . GLY A 1 53 ? 0.945   -14.131 -8.562  1.00 0.00 ? 90  GLY A O    1 
ATOM 578  H H    . GLY A 1 53 ? 1.863   -13.978 -4.489  1.00 0.00 ? 90  GLY A H    1 
ATOM 579  H HA2  . GLY A 1 53 ? 2.722   -15.024 -6.453  1.00 0.00 ? 90  GLY A HA2  1 
ATOM 580  H HA3  . GLY A 1 53 ? 1.178   -15.853 -6.660  1.00 0.00 ? 90  GLY A HA3  1 
ATOM 581  N N    . LEU A 1 54 ? 1.093   -12.614 -6.966  1.00 0.00 ? 91  LEU A N    1 
ATOM 582  C CA   . LEU A 1 54 ? 0.651   -11.523 -7.884  1.00 0.00 ? 91  LEU A CA   1 
ATOM 583  C C    . LEU A 1 54 ? 1.857   -10.877 -8.582  1.00 0.00 ? 91  LEU A C    1 
ATOM 584  O O    . LEU A 1 54 ? 2.887   -11.500 -8.760  1.00 0.00 ? 91  LEU A O    1 
ATOM 585  C CB   . LEU A 1 54 ? -0.050  -10.509 -6.981  1.00 0.00 ? 91  LEU A CB   1 
ATOM 586  C CG   . LEU A 1 54 ? -1.227  -11.152 -6.256  1.00 0.00 ? 91  LEU A CG   1 
ATOM 587  C CD1  . LEU A 1 54 ? -1.878  -10.087 -5.385  1.00 0.00 ? 91  LEU A CD1  1 
ATOM 588  C CD2  . LEU A 1 54 ? -2.250  -11.672 -7.273  1.00 0.00 ? 91  LEU A CD2  1 
ATOM 589  H H    . LEU A 1 54 ? 1.295   -12.408 -6.027  1.00 0.00 ? 91  LEU A H    1 
ATOM 590  H HA   . LEU A 1 54 ? -0.043  -11.905 -8.614  1.00 0.00 ? 91  LEU A HA   1 
ATOM 591  H HB2  . LEU A 1 54 ? 0.653   -10.134 -6.252  1.00 0.00 ? 91  LEU A HB2  1 
ATOM 592  H HB3  . LEU A 1 54 ? -0.415  -9.688  -7.576  1.00 0.00 ? 91  LEU A HB3  1 
ATOM 593  H HG   . LEU A 1 54 ? -0.875  -11.966 -5.637  1.00 0.00 ? 91  LEU A HG   1 
ATOM 594  H HD11 . LEU A 1 54 ? -1.744  -9.118  -5.853  1.00 0.00 ? 91  LEU A HD11 1 
ATOM 595  H HD12 . LEU A 1 54 ? -2.932  -10.297 -5.283  1.00 0.00 ? 91  LEU A HD12 1 
ATOM 596  H HD13 . LEU A 1 54 ? -1.411  -10.085 -4.413  1.00 0.00 ? 91  LEU A HD13 1 
ATOM 597  H HD21 . LEU A 1 54 ? -2.159  -11.113 -8.192  1.00 0.00 ? 91  LEU A HD21 1 
ATOM 598  H HD22 . LEU A 1 54 ? -2.063  -12.717 -7.469  1.00 0.00 ? 91  LEU A HD22 1 
ATOM 599  H HD23 . LEU A 1 54 ? -3.247  -11.552 -6.876  1.00 0.00 ? 91  LEU A HD23 1 
ATOM 600  N N    . GLN A 1 55 ? 1.731   -9.631  -8.978  1.00 0.00 ? 92  GLN A N    1 
ATOM 601  C CA   . GLN A 1 55 ? 2.862   -8.937  -9.665  1.00 0.00 ? 92  GLN A CA   1 
ATOM 602  C C    . GLN A 1 55 ? 2.675   -7.412  -9.588  1.00 0.00 ? 92  GLN A C    1 
ATOM 603  O O    . GLN A 1 55 ? 1.558   -6.937  -9.512  1.00 0.00 ? 92  GLN A O    1 
ATOM 604  C CB   . GLN A 1 55 ? 2.809   -9.419  -11.120 1.00 0.00 ? 92  GLN A CB   1 
ATOM 605  C CG   . GLN A 1 55 ? 1.447   -9.085  -11.736 1.00 0.00 ? 92  GLN A CG   1 
ATOM 606  C CD   . GLN A 1 55 ? 1.495   -9.328  -13.245 1.00 0.00 ? 92  GLN A CD   1 
ATOM 607  O OE1  . GLN A 1 55 ? 2.512   -9.117  -13.875 1.00 0.00 ? 92  GLN A OE1  1 
ATOM 608  N NE2  . GLN A 1 55 ? 0.429   -9.767  -13.857 1.00 0.00 ? 92  GLN A NE2  1 
ATOM 609  H H    . GLN A 1 55 ? 0.889   -9.150  -8.820  1.00 0.00 ? 92  GLN A H    1 
ATOM 610  H HA   . GLN A 1 55 ? 3.802   -9.221  -9.218  1.00 0.00 ? 92  GLN A HA   1 
ATOM 611  H HB2  . GLN A 1 55 ? 3.589   -8.932  -11.687 1.00 0.00 ? 92  GLN A HB2  1 
ATOM 612  H HB3  . GLN A 1 55 ? 2.961   -10.488 -11.149 1.00 0.00 ? 92  GLN A HB3  1 
ATOM 613  H HG2  . GLN A 1 55 ? 0.688   -9.713  -11.292 1.00 0.00 ? 92  GLN A HG2  1 
ATOM 614  H HG3  . GLN A 1 55 ? 1.211   -8.048  -11.547 1.00 0.00 ? 92  GLN A HG3  1 
ATOM 615  H HE21 . GLN A 1 55 ? -0.392  -9.938  -13.350 1.00 0.00 ? 92  GLN A HE21 1 
ATOM 616  H HE22 . GLN A 1 55 ? 0.450   -9.927  -14.824 1.00 0.00 ? 92  GLN A HE22 1 
ATOM 617  N N    . PRO A 1 56 ? 3.771   -6.684  -9.606  1.00 0.00 ? 93  PRO A N    1 
ATOM 618  C CA   . PRO A 1 56 ? 3.690   -5.204  -9.530  1.00 0.00 ? 93  PRO A CA   1 
ATOM 619  C C    . PRO A 1 56 ? 3.252   -4.620  -10.877 1.00 0.00 ? 93  PRO A C    1 
ATOM 620  O O    . PRO A 1 56 ? 2.565   -3.617  -10.933 1.00 0.00 ? 93  PRO A O    1 
ATOM 621  C CB   . PRO A 1 56 ? 5.118   -4.780  -9.199  1.00 0.00 ? 93  PRO A CB   1 
ATOM 622  C CG   . PRO A 1 56 ? 5.986   -5.887  -9.708  1.00 0.00 ? 93  PRO A CG   1 
ATOM 623  C CD   . PRO A 1 56 ? 5.166   -7.152  -9.692  1.00 0.00 ? 93  PRO A CD   1 
ATOM 624  H HA   . PRO A 1 56 ? 3.021   -4.897  -8.743  1.00 0.00 ? 93  PRO A HA   1 
ATOM 625  H HB2  . PRO A 1 56 ? 5.357   -3.852  -9.701  1.00 0.00 ? 93  PRO A HB2  1 
ATOM 626  H HB3  . PRO A 1 56 ? 5.241   -4.676  -8.133  1.00 0.00 ? 93  PRO A HB3  1 
ATOM 627  H HG2  . PRO A 1 56 ? 6.307   -5.668  -10.718 1.00 0.00 ? 93  PRO A HG2  1 
ATOM 628  H HG3  . PRO A 1 56 ? 6.846   -6.005  -9.067  1.00 0.00 ? 93  PRO A HG3  1 
ATOM 629  H HD2  . PRO A 1 56 ? 5.323   -7.714  -10.602 1.00 0.00 ? 93  PRO A HD2  1 
ATOM 630  H HD3  . PRO A 1 56 ? 5.411   -7.751  -8.829  1.00 0.00 ? 93  PRO A HD3  1 
ATOM 631  N N    . GLU A 1 57 ? 3.651   -5.239  -11.958 1.00 0.00 ? 94  GLU A N    1 
ATOM 632  C CA   . GLU A 1 57 ? 3.269   -4.723  -13.310 1.00 0.00 ? 94  GLU A CA   1 
ATOM 633  C C    . GLU A 1 57 ? 1.744   -4.684  -13.466 1.00 0.00 ? 94  GLU A C    1 
ATOM 634  O O    . GLU A 1 57 ? 1.218   -3.936  -14.269 1.00 0.00 ? 94  GLU A O    1 
ATOM 635  C CB   . GLU A 1 57 ? 3.880   -5.712  -14.306 1.00 0.00 ? 94  GLU A CB   1 
ATOM 636  C CG   . GLU A 1 57 ? 5.392   -5.496  -14.379 1.00 0.00 ? 94  GLU A CG   1 
ATOM 637  C CD   . GLU A 1 57 ? 6.038   -6.659  -15.134 1.00 0.00 ? 94  GLU A CD   1 
ATOM 638  O OE1  . GLU A 1 57 ? 5.660   -6.885  -16.272 1.00 0.00 ? 94  GLU A OE1  1 
ATOM 639  O OE2  . GLU A 1 57 ? 6.899   -7.305  -14.561 1.00 0.00 ? 94  GLU A OE2  1 
ATOM 640  H H    . GLU A 1 57 ? 4.209   -6.041  -11.880 1.00 0.00 ? 94  GLU A H    1 
ATOM 641  H HA   . GLU A 1 57 ? 3.686   -3.741  -13.468 1.00 0.00 ? 94  GLU A HA   1 
ATOM 642  H HB2  . GLU A 1 57 ? 3.674   -6.722  -13.982 1.00 0.00 ? 94  GLU A HB2  1 
ATOM 643  H HB3  . GLU A 1 57 ? 3.448   -5.552  -15.282 1.00 0.00 ? 94  GLU A HB3  1 
ATOM 644  H HG2  . GLU A 1 57 ? 5.598   -4.570  -14.897 1.00 0.00 ? 94  GLU A HG2  1 
ATOM 645  H HG3  . GLU A 1 57 ? 5.798   -5.447  -13.380 1.00 0.00 ? 94  GLU A HG3  1 
ATOM 646  N N    . CYS A 1 58 ? 1.033   -5.485  -12.711 1.00 0.00 ? 95  CYS A N    1 
ATOM 647  C CA   . CYS A 1 58 ? -0.457  -5.498  -12.823 1.00 0.00 ? 95  CYS A CA   1 
ATOM 648  C C    . CYS A 1 58 ? -1.099  -4.822  -11.607 1.00 0.00 ? 95  CYS A C    1 
ATOM 649  O O    . CYS A 1 58 ? -2.208  -4.327  -11.681 1.00 0.00 ? 95  CYS A O    1 
ATOM 650  C CB   . CYS A 1 58 ? -0.836  -6.978  -12.874 1.00 0.00 ? 95  CYS A CB   1 
ATOM 651  S SG   . CYS A 1 58 ? -2.543  -7.145  -13.452 1.00 0.00 ? 95  CYS A SG   1 
ATOM 652  H H    . CYS A 1 58 ? 1.479   -6.082  -12.075 1.00 0.00 ? 95  CYS A H    1 
ATOM 653  H HA   . CYS A 1 58 ? -0.769  -5.010  -13.731 1.00 0.00 ? 95  CYS A HA   1 
ATOM 654  H HB2  . CYS A 1 58 ? -0.174  -7.495  -13.553 1.00 0.00 ? 95  CYS A HB2  1 
ATOM 655  H HB3  . CYS A 1 58 ? -0.747  -7.408  -11.887 1.00 0.00 ? 95  CYS A HB3  1 
ATOM 656  H HG   . CYS A 1 58 ? -2.711  -6.444  -14.086 1.00 0.00 ? 95  CYS A HG   1 
ATOM 657  N N    . CYS A 1 59 ? -0.416  -4.803  -10.490 1.00 0.00 ? 96  CYS A N    1 
ATOM 658  C CA   . CYS A 1 59 ? -0.988  -4.166  -9.268  1.00 0.00 ? 96  CYS A CA   1 
ATOM 659  C C    . CYS A 1 59 ? -0.460  -2.737  -9.113  1.00 0.00 ? 96  CYS A C    1 
ATOM 660  O O    . CYS A 1 59 ? 0.684   -2.452  -9.412  1.00 0.00 ? 96  CYS A O    1 
ATOM 661  C CB   . CYS A 1 59 ? -0.516  -5.042  -8.109  1.00 0.00 ? 96  CYS A CB   1 
ATOM 662  S SG   . CYS A 1 59 ? -1.465  -6.582  -8.091  1.00 0.00 ? 96  CYS A SG   1 
ATOM 663  H H    . CYS A 1 59 ? 0.473   -5.212  -10.454 1.00 0.00 ? 96  CYS A H    1 
ATOM 664  H HA   . CYS A 1 59 ? -2.065  -4.166  -9.313  1.00 0.00 ? 96  CYS A HA   1 
ATOM 665  H HB2  . CYS A 1 59 ? 0.534   -5.266  -8.232  1.00 0.00 ? 96  CYS A HB2  1 
ATOM 666  H HB3  . CYS A 1 59 ? -0.664  -4.517  -7.179  1.00 0.00 ? 96  CYS A HB3  1 
ATOM 667  H HG   . CYS A 1 59 ? -1.593  -6.863  -9.000  1.00 0.00 ? 96  CYS A HG   1 
ATOM 668  N N    . ALA A 1 60 ? -1.290  -1.840  -8.643  1.00 0.00 ? 97  ALA A N    1 
ATOM 669  C CA   . ALA A 1 60 ? -0.851  -0.425  -8.458  1.00 0.00 ? 97  ALA A CA   1 
ATOM 670  C C    . ALA A 1 60 ? -1.052  0.003   -7.004  1.00 0.00 ? 97  ALA A C    1 
ATOM 671  O O    . ALA A 1 60 ? -1.848  -0.574  -6.287  1.00 0.00 ? 97  ALA A O    1 
ATOM 672  C CB   . ALA A 1 60 ? -1.754  0.393   -9.379  1.00 0.00 ? 97  ALA A CB   1 
ATOM 673  H H    . ALA A 1 60 ? -2.205  -2.100  -8.408  1.00 0.00 ? 97  ALA A H    1 
ATOM 674  H HA   . ALA A 1 60 ? 0.180   -0.306  -8.750  1.00 0.00 ? 97  ALA A HA   1 
ATOM 675  H HB1  . ALA A 1 60 ? -2.660  -0.160  -9.578  1.00 0.00 ? 97  ALA A HB1  1 
ATOM 676  H HB2  . ALA A 1 60 ? -2.001  1.329   -8.898  1.00 0.00 ? 97  ALA A HB2  1 
ATOM 677  H HB3  . ALA A 1 60 ? -1.239  0.590   -10.308 1.00 0.00 ? 97  ALA A HB3  1 
ATOM 678  N N    . VAL A 1 61 ? -0.337  1.007   -6.564  1.00 0.00 ? 98  VAL A N    1 
ATOM 679  C CA   . VAL A 1 61 ? -0.484  1.471   -5.156  1.00 0.00 ? 98  VAL A CA   1 
ATOM 680  C C    . VAL A 1 61 ? -1.378  2.715   -5.097  1.00 0.00 ? 98  VAL A C    1 
ATOM 681  O O    . VAL A 1 61 ? -1.435  3.496   -6.029  1.00 0.00 ? 98  VAL A O    1 
ATOM 682  C CB   . VAL A 1 61 ? 0.943   1.786   -4.688  1.00 0.00 ? 98  VAL A CB   1 
ATOM 683  C CG1  . VAL A 1 61 ? 1.801   0.523   -4.784  1.00 0.00 ? 98  VAL A CG1  1 
ATOM 684  C CG2  . VAL A 1 61 ? 1.560   2.888   -5.559  1.00 0.00 ? 98  VAL A CG2  1 
ATOM 685  H H    . VAL A 1 61 ? 0.298   1.454   -7.156  1.00 0.00 ? 98  VAL A H    1 
ATOM 686  H HA   . VAL A 1 61 ? -0.901  0.685   -4.549  1.00 0.00 ? 98  VAL A HA   1 
ATOM 687  H HB   . VAL A 1 61 ? 0.913   2.111   -3.663  1.00 0.00 ? 98  VAL A HB   1 
ATOM 688  H HG11 . VAL A 1 61 ? 1.252   -0.315  -4.382  1.00 0.00 ? 98  VAL A HG11 1 
ATOM 689  H HG12 . VAL A 1 61 ? 2.043   0.331   -5.819  1.00 0.00 ? 98  VAL A HG12 1 
ATOM 690  H HG13 . VAL A 1 61 ? 2.712   0.664   -4.221  1.00 0.00 ? 98  VAL A HG13 1 
ATOM 691  H HG21 . VAL A 1 61 ? 0.781   3.413   -6.088  1.00 0.00 ? 98  VAL A HG21 1 
ATOM 692  H HG22 . VAL A 1 61 ? 2.095   3.583   -4.929  1.00 0.00 ? 98  VAL A HG22 1 
ATOM 693  H HG23 . VAL A 1 61 ? 2.244   2.449   -6.271  1.00 0.00 ? 98  VAL A HG23 1 
ATOM 694  N N    . PHE A 1 62 ? -2.080  2.898   -4.008  1.00 0.00 ? 99  PHE A N    1 
ATOM 695  C CA   . PHE A 1 62 ? -2.976  4.085   -3.879  1.00 0.00 ? 99  PHE A CA   1 
ATOM 696  C C    . PHE A 1 62 ? -3.098  4.494   -2.411  1.00 0.00 ? 99  PHE A C    1 
ATOM 697  O O    . PHE A 1 62 ? -3.272  3.662   -1.543  1.00 0.00 ? 99  PHE A O    1 
ATOM 698  C CB   . PHE A 1 62 ? -4.329  3.621   -4.416  1.00 0.00 ? 99  PHE A CB   1 
ATOM 699  C CG   . PHE A 1 62 ? -4.256  3.484   -5.918  1.00 0.00 ? 99  PHE A CG   1 
ATOM 700  C CD1  . PHE A 1 62 ? -4.217  4.627   -6.723  1.00 0.00 ? 99  PHE A CD1  1 
ATOM 701  C CD2  . PHE A 1 62 ? -4.229  2.212   -6.504  1.00 0.00 ? 99  PHE A CD2  1 
ATOM 702  C CE1  . PHE A 1 62 ? -4.149  4.500   -8.116  1.00 0.00 ? 99  PHE A CE1  1 
ATOM 703  C CE2  . PHE A 1 62 ? -4.162  2.085   -7.896  1.00 0.00 ? 99  PHE A CE2  1 
ATOM 704  C CZ   . PHE A 1 62 ? -4.122  3.228   -8.702  1.00 0.00 ? 99  PHE A CZ   1 
ATOM 705  H H    . PHE A 1 62 ? -2.019  2.251   -3.274  1.00 0.00 ? 99  PHE A H    1 
ATOM 706  H HA   . PHE A 1 62 ? -2.604  4.906   -4.472  1.00 0.00 ? 99  PHE A HA   1 
ATOM 707  H HB2  . PHE A 1 62 ? -4.581  2.666   -3.979  1.00 0.00 ? 99  PHE A HB2  1 
ATOM 708  H HB3  . PHE A 1 62 ? -5.087  4.345   -4.159  1.00 0.00 ? 99  PHE A HB3  1 
ATOM 709  H HD1  . PHE A 1 62 ? -4.238  5.607   -6.270  1.00 0.00 ? 99  PHE A HD1  1 
ATOM 710  H HD2  . PHE A 1 62 ? -4.259  1.330   -5.881  1.00 0.00 ? 99  PHE A HD2  1 
ATOM 711  H HE1  . PHE A 1 62 ? -4.119  5.382   -8.738  1.00 0.00 ? 99  PHE A HE1  1 
ATOM 712  H HE2  . PHE A 1 62 ? -4.141  1.105   -8.348  1.00 0.00 ? 99  PHE A HE2  1 
ATOM 713  H HZ   . PHE A 1 62 ? -4.071  3.130   -9.777  1.00 0.00 ? 99  PHE A HZ   1 
ATOM 714  N N    . ARG A 1 63 ? -3.013  5.769   -2.128  1.00 0.00 ? 100 ARG A N    1 
ATOM 715  C CA   . ARG A 1 63 ? -3.132  6.230   -0.714  1.00 0.00 ? 100 ARG A CA   1 
ATOM 716  C C    . ARG A 1 63 ? -4.604  6.517   -0.386  1.00 0.00 ? 100 ARG A C    1 
ATOM 717  O O    . ARG A 1 63 ? -5.383  6.856   -1.257  1.00 0.00 ? 100 ARG A O    1 
ATOM 718  C CB   . ARG A 1 63 ? -2.266  7.499   -0.630  1.00 0.00 ? 100 ARG A CB   1 
ATOM 719  C CG   . ARG A 1 63 ? -2.868  8.626   -1.480  1.00 0.00 ? 100 ARG A CG   1 
ATOM 720  C CD   . ARG A 1 63 ? -2.122  9.932   -1.198  1.00 0.00 ? 100 ARG A CD   1 
ATOM 721  N NE   . ARG A 1 63 ? -2.719  10.456  0.070   1.00 0.00 ? 100 ARG A NE   1 
ATOM 722  C CZ   . ARG A 1 63 ? -2.088  11.347  0.810   1.00 0.00 ? 100 ARG A CZ   1 
ATOM 723  N NH1  . ARG A 1 63 ? -0.910  11.817  0.468   1.00 0.00 ? 100 ARG A NH1  1 
ATOM 724  N NH2  . ARG A 1 63 ? -2.648  11.773  1.909   1.00 0.00 ? 100 ARG A NH2  1 
ATOM 725  H H    . ARG A 1 63 ? -2.877  6.420   -2.846  1.00 0.00 ? 100 ARG A H    1 
ATOM 726  H HA   . ARG A 1 63 ? -2.744  5.477   -0.047  1.00 0.00 ? 100 ARG A HA   1 
ATOM 727  H HB2  . ARG A 1 63 ? -2.201  7.820   0.399   1.00 0.00 ? 100 ARG A HB2  1 
ATOM 728  H HB3  . ARG A 1 63 ? -1.275  7.276   -0.993  1.00 0.00 ? 100 ARG A HB3  1 
ATOM 729  H HG2  . ARG A 1 63 ? -2.775  8.377   -2.527  1.00 0.00 ? 100 ARG A HG2  1 
ATOM 730  H HG3  . ARG A 1 63 ? -3.911  8.750   -1.231  1.00 0.00 ? 100 ARG A HG3  1 
ATOM 731  H HD2  . ARG A 1 63 ? -1.066  9.739   -1.068  1.00 0.00 ? 100 ARG A HD2  1 
ATOM 732  H HD3  . ARG A 1 63 ? -2.279  10.637  -2.000  1.00 0.00 ? 100 ARG A HD3  1 
ATOM 733  H HE   . ARG A 1 63 ? -3.598  10.132  0.358   1.00 0.00 ? 100 ARG A HE   1 
ATOM 734  H HH11 . ARG A 1 63 ? -0.463  11.506  -0.369  1.00 0.00 ? 100 ARG A HH11 1 
ATOM 735  H HH12 . ARG A 1 63 ? -0.457  12.491  1.051   1.00 0.00 ? 100 ARG A HH12 1 
ATOM 736  H HH21 . ARG A 1 63 ? -3.546  11.424  2.180   1.00 0.00 ? 100 ARG A HH21 1 
ATOM 737  H HH22 . ARG A 1 63 ? -2.181  12.448  2.480   1.00 0.00 ? 100 ARG A HH22 1 
ATOM 738  N N    . LEU A 1 64 ? -4.994  6.372   0.858   1.00 0.00 ? 101 LEU A N    1 
ATOM 739  C CA   . LEU A 1 64 ? -6.425  6.625   1.242   1.00 0.00 ? 101 LEU A CA   1 
ATOM 740  C C    . LEU A 1 64 ? -6.896  7.996   0.737   1.00 0.00 ? 101 LEU A C    1 
ATOM 741  O O    . LEU A 1 64 ? -6.149  8.956   0.729   1.00 0.00 ? 101 LEU A O    1 
ATOM 742  C CB   . LEU A 1 64 ? -6.441  6.595   2.771   1.00 0.00 ? 101 LEU A CB   1 
ATOM 743  C CG   . LEU A 1 64 ? -7.885  6.671   3.266   1.00 0.00 ? 101 LEU A CG   1 
ATOM 744  C CD1  . LEU A 1 64 ? -8.628  5.393   2.872   1.00 0.00 ? 101 LEU A CD1  1 
ATOM 745  C CD2  . LEU A 1 64 ? -7.893  6.816   4.790   1.00 0.00 ? 101 LEU A CD2  1 
ATOM 746  H H    . LEU A 1 64 ? -4.350  6.089   1.541   1.00 0.00 ? 101 LEU A H    1 
ATOM 747  H HA   . LEU A 1 64 ? -7.059  5.842   0.853   1.00 0.00 ? 101 LEU A HA   1 
ATOM 748  H HB2  . LEU A 1 64 ? -5.989  5.677   3.117   1.00 0.00 ? 101 LEU A HB2  1 
ATOM 749  H HB3  . LEU A 1 64 ? -5.886  7.437   3.155   1.00 0.00 ? 101 LEU A HB3  1 
ATOM 750  H HG   . LEU A 1 64 ? -8.375  7.524   2.819   1.00 0.00 ? 101 LEU A HG   1 
ATOM 751  H HD11 . LEU A 1 64 ? -7.920  4.583   2.770   1.00 0.00 ? 101 LEU A HD11 1 
ATOM 752  H HD12 . LEU A 1 64 ? -9.350  5.146   3.636   1.00 0.00 ? 101 LEU A HD12 1 
ATOM 753  H HD13 . LEU A 1 64 ? -9.136  5.547   1.932   1.00 0.00 ? 101 LEU A HD13 1 
ATOM 754  H HD21 . LEU A 1 64 ? -7.002  6.364   5.198   1.00 0.00 ? 101 LEU A HD21 1 
ATOM 755  H HD22 . LEU A 1 64 ? -7.917  7.864   5.051   1.00 0.00 ? 101 LEU A HD22 1 
ATOM 756  H HD23 . LEU A 1 64 ? -8.765  6.323   5.195   1.00 0.00 ? 101 LEU A HD23 1 
ATOM 757  N N    . LEU A 1 65 ? -8.133  8.088   0.314   1.00 0.00 ? 102 LEU A N    1 
ATOM 758  C CA   . LEU A 1 65 ? -8.669  9.391   -0.197  1.00 0.00 ? 102 LEU A CA   1 
ATOM 759  C C    . LEU A 1 65 ? -8.510  10.494  0.856   1.00 0.00 ? 102 LEU A C    1 
ATOM 760  O O    . LEU A 1 65 ? -9.259  10.562  1.813   1.00 0.00 ? 102 LEU A O    1 
ATOM 761  C CB   . LEU A 1 65 ? -10.153 9.136   -0.469  1.00 0.00 ? 102 LEU A CB   1 
ATOM 762  C CG   . LEU A 1 65 ? -10.308 8.370   -1.783  1.00 0.00 ? 102 LEU A CG   1 
ATOM 763  C CD1  . LEU A 1 65 ? -10.367 6.869   -1.496  1.00 0.00 ? 102 LEU A CD1  1 
ATOM 764  C CD2  . LEU A 1 65 ? -11.600 8.806   -2.477  1.00 0.00 ? 102 LEU A CD2  1 
ATOM 765  H H    . LEU A 1 65 ? -8.710  7.295   0.330   1.00 0.00 ? 102 LEU A H    1 
ATOM 766  H HA   . LEU A 1 65 ? -8.171  9.669   -1.112  1.00 0.00 ? 102 LEU A HA   1 
ATOM 767  H HB2  . LEU A 1 65 ? -10.572 8.554   0.339   1.00 0.00 ? 102 LEU A HB2  1 
ATOM 768  H HB3  . LEU A 1 65 ? -10.673 10.080  -0.541  1.00 0.00 ? 102 LEU A HB3  1 
ATOM 769  H HG   . LEU A 1 65 ? -9.464  8.581   -2.423  1.00 0.00 ? 102 LEU A HG   1 
ATOM 770  H HD11 . LEU A 1 65 ? -10.872 6.702   -0.555  1.00 0.00 ? 102 LEU A HD11 1 
ATOM 771  H HD12 . LEU A 1 65 ? -10.906 6.372   -2.288  1.00 0.00 ? 102 LEU A HD12 1 
ATOM 772  H HD13 . LEU A 1 65 ? -9.363  6.474   -1.439  1.00 0.00 ? 102 LEU A HD13 1 
ATOM 773  H HD21 . LEU A 1 65 ? -12.375 8.947   -1.738  1.00 0.00 ? 102 LEU A HD21 1 
ATOM 774  H HD22 . LEU A 1 65 ? -11.430 9.734   -3.003  1.00 0.00 ? 102 LEU A HD22 1 
ATOM 775  H HD23 . LEU A 1 65 ? -11.906 8.044   -3.179  1.00 0.00 ? 102 LEU A HD23 1 
ATOM 776  N N    . GLN A 1 66 ? -7.543  11.358  0.679   1.00 0.00 ? 103 GLN A N    1 
ATOM 777  C CA   . GLN A 1 66 ? -7.332  12.463  1.662   1.00 0.00 ? 103 GLN A CA   1 
ATOM 778  C C    . GLN A 1 66 ? -8.431  13.520  1.508   1.00 0.00 ? 103 GLN A C    1 
ATOM 779  O O    . GLN A 1 66 ? -8.183  14.632  1.087   1.00 0.00 ? 103 GLN A O    1 
ATOM 780  C CB   . GLN A 1 66 ? -5.956  13.052  1.322   1.00 0.00 ? 103 GLN A CB   1 
ATOM 781  C CG   . GLN A 1 66 ? -5.934  13.546  -0.132  1.00 0.00 ? 103 GLN A CG   1 
ATOM 782  C CD   . GLN A 1 66 ? -5.235  14.907  -0.205  1.00 0.00 ? 103 GLN A CD   1 
ATOM 783  O OE1  . GLN A 1 66 ? -5.766  15.901  0.248   1.00 0.00 ? 103 GLN A OE1  1 
ATOM 784  N NE2  . GLN A 1 66 ? -4.058  14.992  -0.762  1.00 0.00 ? 103 GLN A NE2  1 
ATOM 785  H H    . GLN A 1 66 ? -6.957  11.280  -0.102  1.00 0.00 ? 103 GLN A H    1 
ATOM 786  H HA   . GLN A 1 66 ? -7.325  12.073  2.668   1.00 0.00 ? 103 GLN A HA   1 
ATOM 787  H HB2  . GLN A 1 66 ? -5.750  13.876  1.987   1.00 0.00 ? 103 GLN A HB2  1 
ATOM 788  H HB3  . GLN A 1 66 ? -5.201  12.292  1.451   1.00 0.00 ? 103 GLN A HB3  1 
ATOM 789  H HG2  . GLN A 1 66 ? -5.401  12.834  -0.744  1.00 0.00 ? 103 GLN A HG2  1 
ATOM 790  H HG3  . GLN A 1 66 ? -6.946  13.645  -0.496  1.00 0.00 ? 103 GLN A HG3  1 
ATOM 791  H HE21 . GLN A 1 66 ? -3.630  14.190  -1.128  1.00 0.00 ? 103 GLN A HE21 1 
ATOM 792  H HE22 . GLN A 1 66 ? -3.602  15.858  -0.814  1.00 0.00 ? 103 GLN A HE22 1 
ATOM 793  N N    . GLU A 1 67 ? -9.652  13.174  1.847   1.00 0.00 ? 104 GLU A N    1 
ATOM 794  C CA   . GLU A 1 67 ? -10.791 14.145  1.725   1.00 0.00 ? 104 GLU A CA   1 
ATOM 795  C C    . GLU A 1 67 ? -10.873 14.700  0.297   1.00 0.00 ? 104 GLU A C    1 
ATOM 796  O O    . GLU A 1 67 ? -10.689 15.881  0.067   1.00 0.00 ? 104 GLU A O    1 
ATOM 797  C CB   . GLU A 1 67 ? -10.486 15.265  2.726   1.00 0.00 ? 104 GLU A CB   1 
ATOM 798  C CG   . GLU A 1 67 ? -11.763 16.059  3.007   1.00 0.00 ? 104 GLU A CG   1 
ATOM 799  C CD   . GLU A 1 67 ? -11.401 17.506  3.348   1.00 0.00 ? 104 GLU A CD   1 
ATOM 800  O OE1  . GLU A 1 67 ? -11.171 18.271  2.427   1.00 0.00 ? 104 GLU A OE1  1 
ATOM 801  O OE2  . GLU A 1 67 ? -11.360 17.823  4.526   1.00 0.00 ? 104 GLU A OE2  1 
ATOM 802  H H    . GLU A 1 67 ? -9.823  12.268  2.182   1.00 0.00 ? 104 GLU A H    1 
ATOM 803  H HA   . GLU A 1 67 ? -11.718 13.662  1.989   1.00 0.00 ? 104 GLU A HA   1 
ATOM 804  H HB2  . GLU A 1 67 ? -10.119 14.836  3.646   1.00 0.00 ? 104 GLU A HB2  1 
ATOM 805  H HB3  . GLU A 1 67 ? -9.738  15.925  2.313   1.00 0.00 ? 104 GLU A HB3  1 
ATOM 806  H HG2  . GLU A 1 67 ? -12.397 16.043  2.132   1.00 0.00 ? 104 GLU A HG2  1 
ATOM 807  H HG3  . GLU A 1 67 ? -12.288 15.616  3.840   1.00 0.00 ? 104 GLU A HG3  1 
ATOM 808  N N    . HIS A 1 68 ? -11.148 13.850  -0.661  1.00 0.00 ? 105 HIS A N    1 
ATOM 809  C CA   . HIS A 1 68 ? -11.245 14.314  -2.078  1.00 0.00 ? 105 HIS A CA   1 
ATOM 810  C C    . HIS A 1 68 ? -12.656 14.063  -2.620  1.00 0.00 ? 105 HIS A C    1 
ATOM 811  O O    . HIS A 1 68 ? -13.607 13.950  -1.869  1.00 0.00 ? 105 HIS A O    1 
ATOM 812  C CB   . HIS A 1 68 ? -10.217 13.472  -2.838  1.00 0.00 ? 105 HIS A CB   1 
ATOM 813  C CG   . HIS A 1 68 ? -9.561  14.314  -3.899  1.00 0.00 ? 105 HIS A CG   1 
ATOM 814  N ND1  . HIS A 1 68 ? -8.335  13.981  -4.452  1.00 0.00 ? 105 HIS A ND1  1 
ATOM 815  C CD2  . HIS A 1 68 ? -9.947  15.477  -4.517  1.00 0.00 ? 105 HIS A CD2  1 
ATOM 816  C CE1  . HIS A 1 68 ? -8.029  14.926  -5.360  1.00 0.00 ? 105 HIS A CE1  1 
ATOM 817  N NE2  . HIS A 1 68 ? -8.979  15.861  -5.440  1.00 0.00 ? 105 HIS A NE2  1 
ATOM 818  H H    . HIS A 1 68 ? -11.292 12.905  -0.447  1.00 0.00 ? 105 HIS A H    1 
ATOM 819  H HA   . HIS A 1 68 ? -10.993 15.360  -2.150  1.00 0.00 ? 105 HIS A HA   1 
ATOM 820  H HB2  . HIS A 1 68 ? -9.467  13.113  -2.149  1.00 0.00 ? 105 HIS A HB2  1 
ATOM 821  H HB3  . HIS A 1 68 ? -10.711 12.633  -3.301  1.00 0.00 ? 105 HIS A HB3  1 
ATOM 822  H HD1  . HIS A 1 68 ? -7.788  13.199  -4.223  1.00 0.00 ? 105 HIS A HD1  1 
ATOM 823  H HD2  . HIS A 1 68 ? -10.864 16.012  -4.319  1.00 0.00 ? 105 HIS A HD2  1 
ATOM 824  H HE1  . HIS A 1 68 ? -7.126  14.927  -5.953  1.00 0.00 ? 105 HIS A HE1  1 
ATOM 825  N N    . LYS A 1 69 ? -12.796 13.976  -3.920  1.00 0.00 ? 106 LYS A N    1 
ATOM 826  C CA   . LYS A 1 69 ? -14.146 13.733  -4.518  1.00 0.00 ? 106 LYS A CA   1 
ATOM 827  C C    . LYS A 1 69 ? -14.677 12.361  -4.086  1.00 0.00 ? 106 LYS A C    1 
ATOM 828  O O    . LYS A 1 69 ? -15.539 12.263  -3.233  1.00 0.00 ? 106 LYS A O    1 
ATOM 829  C CB   . LYS A 1 69 ? -13.931 13.776  -6.034  1.00 0.00 ? 106 LYS A CB   1 
ATOM 830  C CG   . LYS A 1 69 ? -14.233 15.184  -6.553  1.00 0.00 ? 106 LYS A CG   1 
ATOM 831  C CD   . LYS A 1 69 ? -14.601 15.113  -8.037  1.00 0.00 ? 106 LYS A CD   1 
ATOM 832  C CE   . LYS A 1 69 ? -16.119 14.985  -8.181  1.00 0.00 ? 106 LYS A CE   1 
ATOM 833  N NZ   . LYS A 1 69 ? -16.360 14.908  -9.648  1.00 0.00 ? 106 LYS A NZ   1 
ATOM 834  H H    . LYS A 1 69 ? -12.012 14.072  -4.501  1.00 0.00 ? 106 LYS A H    1 
ATOM 835  H HA   . LYS A 1 69 ? -14.833 14.510  -4.221  1.00 0.00 ? 106 LYS A HA   1 
ATOM 836  H HB2  . LYS A 1 69 ? -12.905 13.521  -6.259  1.00 0.00 ? 106 LYS A HB2  1 
ATOM 837  H HB3  . LYS A 1 69 ? -14.592 13.069  -6.512  1.00 0.00 ? 106 LYS A HB3  1 
ATOM 838  H HG2  . LYS A 1 69 ? -15.058 15.603  -5.995  1.00 0.00 ? 106 LYS A HG2  1 
ATOM 839  H HG3  . LYS A 1 69 ? -13.361 15.808  -6.430  1.00 0.00 ? 106 LYS A HG3  1 
ATOM 840  H HD2  . LYS A 1 69 ? -14.266 16.012  -8.533  1.00 0.00 ? 106 LYS A HD2  1 
ATOM 841  H HD3  . LYS A 1 69 ? -14.125 14.254  -8.485  1.00 0.00 ? 106 LYS A HD3  1 
ATOM 842  H HE2  . LYS A 1 69 ? -16.468 14.085  -7.691  1.00 0.00 ? 106 LYS A HE2  1 
ATOM 843  H HE3  . LYS A 1 69 ? -16.612 15.853  -7.770  1.00 0.00 ? 106 LYS A HE3  1 
ATOM 844  H HZ1  . LYS A 1 69 ? -15.927 15.729  -10.115 1.00 0.00 ? 106 LYS A HZ1  1 
ATOM 845  H HZ2  . LYS A 1 69 ? -15.938 14.036  -10.024 1.00 0.00 ? 106 LYS A HZ2  1 
ATOM 846  H HZ3  . LYS A 1 69 ? -17.385 14.905  -9.831  1.00 0.00 ? 106 LYS A HZ3  1 
ATOM 847  N N    . GLY A 1 70 ? -14.167 11.304  -4.669  1.00 0.00 ? 107 GLY A N    1 
ATOM 848  C CA   . GLY A 1 70 ? -14.638 9.937   -4.296  1.00 0.00 ? 107 GLY A CA   1 
ATOM 849  C C    . GLY A 1 70 ? -13.769 8.884   -4.987  1.00 0.00 ? 107 GLY A C    1 
ATOM 850  O O    . GLY A 1 70 ? -14.242 7.829   -5.363  1.00 0.00 ? 107 GLY A O    1 
ATOM 851  H H    . GLY A 1 70 ? -13.475 11.411  -5.353  1.00 0.00 ? 107 GLY A H    1 
ATOM 852  H HA2  . GLY A 1 70 ? -14.569 9.814   -3.224  1.00 0.00 ? 107 GLY A HA2  1 
ATOM 853  H HA3  . GLY A 1 70 ? -15.664 9.812   -4.607  1.00 0.00 ? 107 GLY A HA3  1 
ATOM 854  N N    . LYS A 1 71 ? -12.501 9.165   -5.156  1.00 0.00 ? 108 LYS A N    1 
ATOM 855  C CA   . LYS A 1 71 ? -11.593 8.184   -5.822  1.00 0.00 ? 108 LYS A CA   1 
ATOM 856  C C    . LYS A 1 71 ? -10.264 8.091   -5.064  1.00 0.00 ? 108 LYS A C    1 
ATOM 857  O O    . LYS A 1 71 ? -9.743  9.082   -4.589  1.00 0.00 ? 108 LYS A O    1 
ATOM 858  C CB   . LYS A 1 71 ? -11.376 8.734   -7.237  1.00 0.00 ? 108 LYS A CB   1 
ATOM 859  C CG   . LYS A 1 71 ? -10.763 10.138  -7.168  1.00 0.00 ? 108 LYS A CG   1 
ATOM 860  C CD   . LYS A 1 71 ? -10.443 10.625  -8.583  1.00 0.00 ? 108 LYS A CD   1 
ATOM 861  C CE   . LYS A 1 71 ? -9.365  11.710  -8.518  1.00 0.00 ? 108 LYS A CE   1 
ATOM 862  N NZ   . LYS A 1 71 ? -8.079  10.986  -8.718  1.00 0.00 ? 108 LYS A NZ   1 
ATOM 863  H H    . LYS A 1 71 ? -12.146 10.022  -4.843  1.00 0.00 ? 108 LYS A H    1 
ATOM 864  H HA   . LYS A 1 71 ? -12.063 7.214   -5.874  1.00 0.00 ? 108 LYS A HA   1 
ATOM 865  H HB2  . LYS A 1 71 ? -10.710 8.078   -7.778  1.00 0.00 ? 108 LYS A HB2  1 
ATOM 866  H HB3  . LYS A 1 71 ? -12.324 8.784   -7.750  1.00 0.00 ? 108 LYS A HB3  1 
ATOM 867  H HG2  . LYS A 1 71 ? -11.467 10.814  -6.703  1.00 0.00 ? 108 LYS A HG2  1 
ATOM 868  H HG3  . LYS A 1 71 ? -9.855  10.107  -6.586  1.00 0.00 ? 108 LYS A HG3  1 
ATOM 869  H HD2  . LYS A 1 71 ? -10.086 9.796   -9.176  1.00 0.00 ? 108 LYS A HD2  1 
ATOM 870  H HD3  . LYS A 1 71 ? -11.335 11.033  -9.033  1.00 0.00 ? 108 LYS A HD3  1 
ATOM 871  H HE2  . LYS A 1 71 ? -9.517  12.437  -9.303  1.00 0.00 ? 108 LYS A HE2  1 
ATOM 872  H HE3  . LYS A 1 71 ? -9.373  12.190  -7.552  1.00 0.00 ? 108 LYS A HE3  1 
ATOM 873  H HZ1  . LYS A 1 71 ? -7.963  10.271  -7.971  1.00 0.00 ? 108 LYS A HZ1  1 
ATOM 874  H HZ2  . LYS A 1 71 ? -8.085  10.517  -9.645  1.00 0.00 ? 108 LYS A HZ2  1 
ATOM 875  H HZ3  . LYS A 1 71 ? -7.289  11.663  -8.676  1.00 0.00 ? 108 LYS A HZ3  1 
ATOM 876  N N    . LYS A 1 72 ? -9.714  6.907   -4.950  1.00 0.00 ? 109 LYS A N    1 
ATOM 877  C CA   . LYS A 1 72 ? -8.414  6.740   -4.223  1.00 0.00 ? 109 LYS A CA   1 
ATOM 878  C C    . LYS A 1 72 ? -7.330  7.616   -4.863  1.00 0.00 ? 109 LYS A C    1 
ATOM 879  O O    . LYS A 1 72 ? -7.355  7.877   -6.051  1.00 0.00 ? 109 LYS A O    1 
ATOM 880  C CB   . LYS A 1 72 ? -8.056  5.254   -4.358  1.00 0.00 ? 109 LYS A CB   1 
ATOM 881  C CG   . LYS A 1 72 ? -7.958  4.866   -5.843  1.00 0.00 ? 109 LYS A CG   1 
ATOM 882  C CD   . LYS A 1 72 ? -9.136  3.963   -6.224  1.00 0.00 ? 109 LYS A CD   1 
ATOM 883  C CE   . LYS A 1 72 ? -9.565  4.261   -7.664  1.00 0.00 ? 109 LYS A CE   1 
ATOM 884  N NZ   . LYS A 1 72 ? -9.849  2.927   -8.263  1.00 0.00 ? 109 LYS A NZ   1 
ATOM 885  H H    . LYS A 1 72 ? -10.157 6.127   -5.345  1.00 0.00 ? 109 LYS A H    1 
ATOM 886  H HA   . LYS A 1 72 ? -8.532  6.995   -3.181  1.00 0.00 ? 109 LYS A HA   1 
ATOM 887  H HB2  . LYS A 1 72 ? -7.106  5.072   -3.878  1.00 0.00 ? 109 LYS A HB2  1 
ATOM 888  H HB3  . LYS A 1 72 ? -8.819  4.659   -3.879  1.00 0.00 ? 109 LYS A HB3  1 
ATOM 889  H HG2  . LYS A 1 72 ? -7.976  5.757   -6.453  1.00 0.00 ? 109 LYS A HG2  1 
ATOM 890  H HG3  . LYS A 1 72 ? -7.034  4.334   -6.013  1.00 0.00 ? 109 LYS A HG3  1 
ATOM 891  H HD2  . LYS A 1 72 ? -8.837  2.928   -6.144  1.00 0.00 ? 109 LYS A HD2  1 
ATOM 892  H HD3  . LYS A 1 72 ? -9.965  4.152   -5.558  1.00 0.00 ? 109 LYS A HD3  1 
ATOM 893  H HE2  . LYS A 1 72 ? -10.454 4.876   -7.670  1.00 0.00 ? 109 LYS A HE2  1 
ATOM 894  H HE3  . LYS A 1 72 ? -8.766  4.746   -8.203  1.00 0.00 ? 109 LYS A HE3  1 
ATOM 895  H HZ1  . LYS A 1 72 ? -9.042  2.294   -8.099  1.00 0.00 ? 109 LYS A HZ1  1 
ATOM 896  H HZ2  . LYS A 1 72 ? -10.699 2.524   -7.824  1.00 0.00 ? 109 LYS A HZ2  1 
ATOM 897  H HZ3  . LYS A 1 72 ? -10.004 3.035   -9.287  1.00 0.00 ? 109 LYS A HZ3  1 
ATOM 898  N N    . ALA A 1 73 ? -6.383  8.070   -4.081  1.00 0.00 ? 110 ALA A N    1 
ATOM 899  C CA   . ALA A 1 73 ? -5.297  8.930   -4.637  1.00 0.00 ? 110 ALA A CA   1 
ATOM 900  C C    . ALA A 1 73 ? -4.128  8.062   -5.112  1.00 0.00 ? 110 ALA A C    1 
ATOM 901  O O    . ALA A 1 73 ? -3.860  7.011   -4.560  1.00 0.00 ? 110 ALA A O    1 
ATOM 902  C CB   . ALA A 1 73 ? -4.867  9.829   -3.476  1.00 0.00 ? 110 ALA A CB   1 
ATOM 903  H H    . ALA A 1 73 ? -6.389  7.844   -3.128  1.00 0.00 ? 110 ALA A H    1 
ATOM 904  H HA   . ALA A 1 73 ? -5.674  9.532   -5.448  1.00 0.00 ? 110 ALA A HA   1 
ATOM 905  H HB1  . ALA A 1 73 ? -5.244  9.424   -2.548  1.00 0.00 ? 110 ALA A HB1  1 
ATOM 906  H HB2  . ALA A 1 73 ? -3.788  9.876   -3.436  1.00 0.00 ? 110 ALA A HB2  1 
ATOM 907  H HB3  . ALA A 1 73 ? -5.266  10.821  -3.623  1.00 0.00 ? 110 ALA A HB3  1 
ATOM 908  N N    . ARG A 1 74 ? -3.433  8.497   -6.132  1.00 0.00 ? 111 ARG A N    1 
ATOM 909  C CA   . ARG A 1 74 ? -2.278  7.702   -6.654  1.00 0.00 ? 111 ARG A CA   1 
ATOM 910  C C    . ARG A 1 74 ? -1.108  7.756   -5.669  1.00 0.00 ? 111 ARG A C    1 
ATOM 911  O O    . ARG A 1 74 ? -1.071  8.586   -4.780  1.00 0.00 ? 111 ARG A O    1 
ATOM 912  C CB   . ARG A 1 74 ? -1.892  8.372   -7.979  1.00 0.00 ? 111 ARG A CB   1 
ATOM 913  C CG   . ARG A 1 74 ? -1.685  7.306   -9.061  1.00 0.00 ? 111 ARG A CG   1 
ATOM 914  C CD   . ARG A 1 74 ? -2.933  7.219   -9.944  1.00 0.00 ? 111 ARG A CD   1 
ATOM 915  N NE   . ARG A 1 74 ? -2.652  8.115   -11.109 1.00 0.00 ? 111 ARG A NE   1 
ATOM 916  C CZ   . ARG A 1 74 ? -3.324  8.007   -12.239 1.00 0.00 ? 111 ARG A CZ   1 
ATOM 917  N NH1  . ARG A 1 74 ? -4.272  7.112   -12.393 1.00 0.00 ? 111 ARG A NH1  1 
ATOM 918  N NH2  . ARG A 1 74 ? -3.041  8.811   -13.227 1.00 0.00 ? 111 ARG A NH2  1 
ATOM 919  H H    . ARG A 1 74 ? -3.673  9.347   -6.558  1.00 0.00 ? 111 ARG A H    1 
ATOM 920  H HA   . ARG A 1 74 ? -2.575  6.679   -6.829  1.00 0.00 ? 111 ARG A HA   1 
ATOM 921  H HB2  . ARG A 1 74 ? -2.679  9.047   -8.282  1.00 0.00 ? 111 ARG A HB2  1 
ATOM 922  H HB3  . ARG A 1 74 ? -0.974  8.928   -7.847  1.00 0.00 ? 111 ARG A HB3  1 
ATOM 923  H HG2  . ARG A 1 74 ? -0.833  7.573   -9.669  1.00 0.00 ? 111 ARG A HG2  1 
ATOM 924  H HG3  . ARG A 1 74 ? -1.509  6.348   -8.597  1.00 0.00 ? 111 ARG A HG3  1 
ATOM 925  H HD2  . ARG A 1 74 ? -3.085  6.201   -10.278 1.00 0.00 ? 111 ARG A HD2  1 
ATOM 926  H HD3  . ARG A 1 74 ? -3.800  7.572   -9.408  1.00 0.00 ? 111 ARG A HD3  1 
ATOM 927  H HE   . ARG A 1 74 ? -1.952  8.798   -11.032 1.00 0.00 ? 111 ARG A HE   1 
ATOM 928  H HH11 . ARG A 1 74 ? -4.505  6.488   -11.649 1.00 0.00 ? 111 ARG A HH11 1 
ATOM 929  H HH12 . ARG A 1 74 ? -4.764  7.054   -13.262 1.00 0.00 ? 111 ARG A HH12 1 
ATOM 930  H HH21 . ARG A 1 74 ? -2.321  9.498   -13.123 1.00 0.00 ? 111 ARG A HH21 1 
ATOM 931  H HH22 . ARG A 1 74 ? -3.543  8.739   -14.089 1.00 0.00 ? 111 ARG A HH22 1 
ATOM 932  N N    . LEU A 1 75 ? -0.151  6.879   -5.829  1.00 0.00 ? 112 LEU A N    1 
ATOM 933  C CA   . LEU A 1 75 ? 1.028   6.874   -4.913  1.00 0.00 ? 112 LEU A CA   1 
ATOM 934  C C    . LEU A 1 75 ? 2.265   6.356   -5.653  1.00 0.00 ? 112 LEU A C    1 
ATOM 935  O O    . LEU A 1 75 ? 2.180   5.448   -6.459  1.00 0.00 ? 112 LEU A O    1 
ATOM 936  C CB   . LEU A 1 75 ? 0.650   5.923   -3.767  1.00 0.00 ? 112 LEU A CB   1 
ATOM 937  C CG   . LEU A 1 75 ? 0.914   6.595   -2.414  1.00 0.00 ? 112 LEU A CG   1 
ATOM 938  C CD1  . LEU A 1 75 ? 0.558   5.624   -1.289  1.00 0.00 ? 112 LEU A CD1  1 
ATOM 939  C CD2  . LEU A 1 75 ? 2.395   6.975   -2.298  1.00 0.00 ? 112 LEU A CD2  1 
ATOM 940  H H    . LEU A 1 75 ? -0.205  6.226   -6.557  1.00 0.00 ? 112 LEU A H    1 
ATOM 941  H HA   . LEU A 1 75 ? 1.208   7.864   -4.528  1.00 0.00 ? 112 LEU A HA   1 
ATOM 942  H HB2  . LEU A 1 75 ? -0.398  5.671   -3.842  1.00 0.00 ? 112 LEU A HB2  1 
ATOM 943  H HB3  . LEU A 1 75 ? 1.239   5.020   -3.837  1.00 0.00 ? 112 LEU A HB3  1 
ATOM 944  H HG   . LEU A 1 75 ? 0.304   7.483   -2.329  1.00 0.00 ? 112 LEU A HG   1 
ATOM 945  H HD11 . LEU A 1 75 ? -0.271  5.004   -1.598  1.00 0.00 ? 112 LEU A HD11 1 
ATOM 946  H HD12 . LEU A 1 75 ? 1.411   4.999   -1.070  1.00 0.00 ? 112 LEU A HD12 1 
ATOM 947  H HD13 . LEU A 1 75 ? 0.282   6.180   -0.406  1.00 0.00 ? 112 LEU A HD13 1 
ATOM 948  H HD21 . LEU A 1 75 ? 3.006   6.143   -2.618  1.00 0.00 ? 112 LEU A HD21 1 
ATOM 949  H HD22 . LEU A 1 75 ? 2.596   7.830   -2.925  1.00 0.00 ? 112 LEU A HD22 1 
ATOM 950  H HD23 . LEU A 1 75 ? 2.625   7.218   -1.271  1.00 0.00 ? 112 LEU A HD23 1 
ATOM 951  N N    . ASP A 1 76 ? 3.411   6.924   -5.378  1.00 0.00 ? 113 ASP A N    1 
ATOM 952  C CA   . ASP A 1 76 ? 4.660   6.465   -6.056  1.00 0.00 ? 113 ASP A CA   1 
ATOM 953  C C    . ASP A 1 76 ? 5.037   5.062   -5.565  1.00 0.00 ? 113 ASP A C    1 
ATOM 954  O O    . ASP A 1 76 ? 4.516   4.584   -4.574  1.00 0.00 ? 113 ASP A O    1 
ATOM 955  C CB   . ASP A 1 76 ? 5.736   7.486   -5.666  1.00 0.00 ? 113 ASP A CB   1 
ATOM 956  C CG   . ASP A 1 76 ? 5.879   7.545   -4.141  1.00 0.00 ? 113 ASP A CG   1 
ATOM 957  O OD1  . ASP A 1 76 ? 4.995   8.095   -3.505  1.00 0.00 ? 113 ASP A OD1  1 
ATOM 958  O OD2  . ASP A 1 76 ? 6.868   7.038   -3.639  1.00 0.00 ? 113 ASP A OD2  1 
ATOM 959  H H    . ASP A 1 76 ? 3.451   7.649   -4.720  1.00 0.00 ? 113 ASP A H    1 
ATOM 960  H HA   . ASP A 1 76 ? 4.526   6.463   -7.126  1.00 0.00 ? 113 ASP A HA   1 
ATOM 961  H HB2  . ASP A 1 76 ? 6.678   7.196   -6.103  1.00 0.00 ? 113 ASP A HB2  1 
ATOM 962  H HB3  . ASP A 1 76 ? 5.454   8.462   -6.035  1.00 0.00 ? 113 ASP A HB3  1 
ATOM 963  N N    . TRP A 1 77 ? 5.936   4.405   -6.250  1.00 0.00 ? 114 TRP A N    1 
ATOM 964  C CA   . TRP A 1 77 ? 6.351   3.033   -5.829  1.00 0.00 ? 114 TRP A CA   1 
ATOM 965  C C    . TRP A 1 77 ? 7.627   3.104   -4.984  1.00 0.00 ? 114 TRP A C    1 
ATOM 966  O O    . TRP A 1 77 ? 8.464   2.222   -5.039  1.00 0.00 ? 114 TRP A O    1 
ATOM 967  C CB   . TRP A 1 77 ? 6.617   2.278   -7.140  1.00 0.00 ? 114 TRP A CB   1 
ATOM 968  C CG   . TRP A 1 77 ? 5.544   1.260   -7.373  1.00 0.00 ? 114 TRP A CG   1 
ATOM 969  C CD1  . TRP A 1 77 ? 4.665   1.282   -8.401  1.00 0.00 ? 114 TRP A CD1  1 
ATOM 970  C CD2  . TRP A 1 77 ? 5.225   0.077   -6.585  1.00 0.00 ? 114 TRP A CD2  1 
ATOM 971  N NE1  . TRP A 1 77 ? 3.826   0.187   -8.294  1.00 0.00 ? 114 TRP A NE1  1 
ATOM 972  C CE2  . TRP A 1 77 ? 4.132   -0.586  -7.191  1.00 0.00 ? 114 TRP A CE2  1 
ATOM 973  C CE3  . TRP A 1 77 ? 5.772   -0.482  -5.415  1.00 0.00 ? 114 TRP A CE3  1 
ATOM 974  C CZ2  . TRP A 1 77 ? 3.601   -1.761  -6.658  1.00 0.00 ? 114 TRP A CZ2  1 
ATOM 975  C CZ3  . TRP A 1 77 ? 5.240   -1.664  -4.875  1.00 0.00 ? 114 TRP A CZ3  1 
ATOM 976  C CH2  . TRP A 1 77 ? 4.156   -2.302  -5.495  1.00 0.00 ? 114 TRP A CH2  1 
ATOM 977  H H    . TRP A 1 77 ? 6.339   4.815   -7.044  1.00 0.00 ? 114 TRP A H    1 
ATOM 978  H HA   . TRP A 1 77 ? 5.560   2.553   -5.276  1.00 0.00 ? 114 TRP A HA   1 
ATOM 979  H HB2  . TRP A 1 77 ? 6.629   2.978   -7.962  1.00 0.00 ? 114 TRP A HB2  1 
ATOM 980  H HB3  . TRP A 1 77 ? 7.574   1.780   -7.081  1.00 0.00 ? 114 TRP A HB3  1 
ATOM 981  H HD1  . TRP A 1 77 ? 4.624   2.031   -9.177  1.00 0.00 ? 114 TRP A HD1  1 
ATOM 982  H HE1  . TRP A 1 77 ? 3.099   -0.032  -8.914  1.00 0.00 ? 114 TRP A HE1  1 
ATOM 983  H HE3  . TRP A 1 77 ? 6.608   0.002   -4.928  1.00 0.00 ? 114 TRP A HE3  1 
ATOM 984  H HZ2  . TRP A 1 77 ? 2.766   -2.248  -7.140  1.00 0.00 ? 114 TRP A HZ2  1 
ATOM 985  H HZ3  . TRP A 1 77 ? 5.666   -2.083  -3.977  1.00 0.00 ? 114 TRP A HZ3  1 
ATOM 986  H HH2  . TRP A 1 77 ? 3.751   -3.210  -5.075  1.00 0.00 ? 114 TRP A HH2  1 
ATOM 987  N N    . ASN A 1 78 ? 7.784   4.149   -4.206  1.00 0.00 ? 115 ASN A N    1 
ATOM 988  C CA   . ASN A 1 78 ? 9.010   4.274   -3.363  1.00 0.00 ? 115 ASN A CA   1 
ATOM 989  C C    . ASN A 1 78 ? 8.763   5.202   -2.167  1.00 0.00 ? 115 ASN A C    1 
ATOM 990  O O    . ASN A 1 78 ? 9.694   5.756   -1.612  1.00 0.00 ? 115 ASN A O    1 
ATOM 991  C CB   . ASN A 1 78 ? 10.066  4.872   -4.292  1.00 0.00 ? 115 ASN A CB   1 
ATOM 992  C CG   . ASN A 1 78 ? 10.884  3.746   -4.928  1.00 0.00 ? 115 ASN A CG   1 
ATOM 993  O OD1  . ASN A 1 78 ? 10.645  3.369   -6.058  1.00 0.00 ? 115 ASN A OD1  1 
ATOM 994  N ND2  . ASN A 1 78 ? 11.847  3.190   -4.245  1.00 0.00 ? 115 ASN A ND2  1 
ATOM 995  H H    . ASN A 1 78 ? 7.099   4.847   -4.182  1.00 0.00 ? 115 ASN A H    1 
ATOM 996  H HA   . ASN A 1 78 ? 9.332   3.303   -3.023  1.00 0.00 ? 115 ASN A HA   1 
ATOM 997  H HB2  . ASN A 1 78 ? 9.578   5.446   -5.068  1.00 0.00 ? 115 ASN A HB2  1 
ATOM 998  H HB3  . ASN A 1 78 ? 10.722  5.515   -3.726  1.00 0.00 ? 115 ASN A HB3  1 
ATOM 999  H HD21 . ASN A 1 78 ? 12.040  3.495   -3.335  1.00 0.00 ? 115 ASN A HD21 1 
ATOM 1000 H HD22 . ASN A 1 78 ? 12.376  2.469   -4.644  1.00 0.00 ? 115 ASN A HD22 1 
ATOM 1001 N N    . THR A 1 79 ? 7.527   5.371   -1.762  1.00 0.00 ? 116 THR A N    1 
ATOM 1002 C CA   . THR A 1 79 ? 7.244   6.260   -0.593  1.00 0.00 ? 116 THR A CA   1 
ATOM 1003 C C    . THR A 1 79 ? 7.623   5.540   0.706   1.00 0.00 ? 116 THR A C    1 
ATOM 1004 O O    . THR A 1 79 ? 7.747   4.330   0.738   1.00 0.00 ? 116 THR A O    1 
ATOM 1005 C CB   . THR A 1 79 ? 5.739   6.565   -0.651  1.00 0.00 ? 116 THR A CB   1 
ATOM 1006 O OG1  . THR A 1 79 ? 5.405   7.470   0.391   1.00 0.00 ? 116 THR A OG1  1 
ATOM 1007 C CG2  . THR A 1 79 ? 4.920   5.281   -0.487  1.00 0.00 ? 116 THR A CG2  1 
ATOM 1008 H H    . THR A 1 79 ? 6.792   4.911   -2.218  1.00 0.00 ? 116 THR A H    1 
ATOM 1009 H HA   . THR A 1 79 ? 7.806   7.177   -0.684  1.00 0.00 ? 116 THR A HA   1 
ATOM 1010 H HB   . THR A 1 79 ? 5.503   7.015   -1.604  1.00 0.00 ? 116 THR A HB   1 
ATOM 1011 H HG1  . THR A 1 79 ? 5.989   8.230   0.323   1.00 0.00 ? 116 THR A HG1  1 
ATOM 1012 H HG21 . THR A 1 79 ? 5.292   4.723   0.359   1.00 0.00 ? 116 THR A HG21 1 
ATOM 1013 H HG22 . THR A 1 79 ? 3.882   5.536   -0.322  1.00 0.00 ? 116 THR A HG22 1 
ATOM 1014 H HG23 . THR A 1 79 ? 5.006   4.682   -1.380  1.00 0.00 ? 116 THR A HG23 1 
ATOM 1015 N N    . ASP A 1 80 ? 7.819   6.276   1.770   1.00 0.00 ? 117 ASP A N    1 
ATOM 1016 C CA   . ASP A 1 80 ? 8.206   5.639   3.065   1.00 0.00 ? 117 ASP A CA   1 
ATOM 1017 C C    . ASP A 1 80 ? 6.965   5.261   3.876   1.00 0.00 ? 117 ASP A C    1 
ATOM 1018 O O    . ASP A 1 80 ? 6.213   6.114   4.310   1.00 0.00 ? 117 ASP A O    1 
ATOM 1019 C CB   . ASP A 1 80 ? 9.021   6.704   3.799   1.00 0.00 ? 117 ASP A CB   1 
ATOM 1020 C CG   . ASP A 1 80 ? 10.504  6.533   3.464   1.00 0.00 ? 117 ASP A CG   1 
ATOM 1021 O OD1  . ASP A 1 80 ? 11.035  5.471   3.742   1.00 0.00 ? 117 ASP A OD1  1 
ATOM 1022 O OD2  . ASP A 1 80 ? 11.083  7.468   2.937   1.00 0.00 ? 117 ASP A OD2  1 
ATOM 1023 H H    . ASP A 1 80 ? 7.722   7.249   1.714   1.00 0.00 ? 117 ASP A H    1 
ATOM 1024 H HA   . ASP A 1 80 ? 8.817   4.769   2.887   1.00 0.00 ? 117 ASP A HA   1 
ATOM 1025 H HB2  . ASP A 1 80 ? 8.691   7.685   3.490   1.00 0.00 ? 117 ASP A HB2  1 
ATOM 1026 H HB3  . ASP A 1 80 ? 8.880   6.595   4.864   1.00 0.00 ? 117 ASP A HB3  1 
ATOM 1027 N N    . ALA A 1 81 ? 6.755   3.987   4.096   1.00 0.00 ? 118 ALA A N    1 
ATOM 1028 C CA   . ALA A 1 81 ? 5.572   3.544   4.894   1.00 0.00 ? 118 ALA A CA   1 
ATOM 1029 C C    . ALA A 1 81 ? 5.793   3.873   6.373   1.00 0.00 ? 118 ALA A C    1 
ATOM 1030 O O    . ALA A 1 81 ? 4.853   4.082   7.118   1.00 0.00 ? 118 ALA A O    1 
ATOM 1031 C CB   . ALA A 1 81 ? 5.484   2.031   4.688   1.00 0.00 ? 118 ALA A CB   1 
ATOM 1032 H H    . ALA A 1 81 ? 7.384   3.322   3.743   1.00 0.00 ? 118 ALA A H    1 
ATOM 1033 H HA   . ALA A 1 81 ? 4.674   4.020   4.532   1.00 0.00 ? 118 ALA A HA   1 
ATOM 1034 H HB1  . ALA A 1 81 ? 5.523   1.808   3.632   1.00 0.00 ? 118 ALA A HB1  1 
ATOM 1035 H HB2  . ALA A 1 81 ? 6.311   1.550   5.189   1.00 0.00 ? 118 ALA A HB2  1 
ATOM 1036 H HB3  . ALA A 1 81 ? 4.553   1.667   5.099   1.00 0.00 ? 118 ALA A HB3  1 
ATOM 1037 N N    . ALA A 1 82 ? 7.032   3.930   6.799   1.00 0.00 ? 119 ALA A N    1 
ATOM 1038 C CA   . ALA A 1 82 ? 7.325   4.259   8.229   1.00 0.00 ? 119 ALA A CA   1 
ATOM 1039 C C    . ALA A 1 82 ? 6.921   5.707   8.545   1.00 0.00 ? 119 ALA A C    1 
ATOM 1040 O O    . ALA A 1 82 ? 6.854   6.099   9.696   1.00 0.00 ? 119 ALA A O    1 
ATOM 1041 C CB   . ALA A 1 82 ? 8.831   4.073   8.384   1.00 0.00 ? 119 ALA A CB   1 
ATOM 1042 H H    . ALA A 1 82 ? 7.769   3.764   6.176   1.00 0.00 ? 119 ALA A H    1 
ATOM 1043 H HA   . ALA A 1 82 ? 6.803   3.576   8.882   1.00 0.00 ? 119 ALA A HA   1 
ATOM 1044 H HB1  . ALA A 1 82 ? 9.119   3.124   7.951   1.00 0.00 ? 119 ALA A HB1  1 
ATOM 1045 H HB2  . ALA A 1 82 ? 9.348   4.873   7.877   1.00 0.00 ? 119 ALA A HB2  1 
ATOM 1046 H HB3  . ALA A 1 82 ? 9.086   4.084   9.433   1.00 0.00 ? 119 ALA A HB3  1 
ATOM 1047 N N    . SER A 1 83 ? 6.635   6.498   7.539   1.00 0.00 ? 120 SER A N    1 
ATOM 1048 C CA   . SER A 1 83 ? 6.207   7.906   7.782   1.00 0.00 ? 120 SER A CA   1 
ATOM 1049 C C    . SER A 1 83 ? 4.705   8.039   7.496   1.00 0.00 ? 120 SER A C    1 
ATOM 1050 O O    . SER A 1 83 ? 4.052   8.948   7.974   1.00 0.00 ? 120 SER A O    1 
ATOM 1051 C CB   . SER A 1 83 ? 7.025   8.750   6.805   1.00 0.00 ? 120 SER A CB   1 
ATOM 1052 O OG   . SER A 1 83 ? 7.359   9.988   7.420   1.00 0.00 ? 120 SER A OG   1 
ATOM 1053 H H    . SER A 1 83 ? 6.685   6.166   6.622   1.00 0.00 ? 120 SER A H    1 
ATOM 1054 H HA   . SER A 1 83 ? 6.424   8.194   8.799   1.00 0.00 ? 120 SER A HA   1 
ATOM 1055 H HB2  . SER A 1 83 ? 7.930   8.228   6.544   1.00 0.00 ? 120 SER A HB2  1 
ATOM 1056 H HB3  . SER A 1 83 ? 6.442   8.926   5.910   1.00 0.00 ? 120 SER A HB3  1 
ATOM 1057 H HG   . SER A 1 83 ? 8.155   10.322  7.000   1.00 0.00 ? 120 SER A HG   1 
ATOM 1058 N N    . LEU A 1 84 ? 4.153   7.125   6.731   1.00 0.00 ? 121 LEU A N    1 
ATOM 1059 C CA   . LEU A 1 84 ? 2.697   7.172   6.418   1.00 0.00 ? 121 LEU A CA   1 
ATOM 1060 C C    . LEU A 1 84 ? 1.896   6.403   7.479   1.00 0.00 ? 121 LEU A C    1 
ATOM 1061 O O    . LEU A 1 84 ? 0.683   6.477   7.511   1.00 0.00 ? 121 LEU A O    1 
ATOM 1062 C CB   . LEU A 1 84 ? 2.574   6.479   5.065   1.00 0.00 ? 121 LEU A CB   1 
ATOM 1063 C CG   . LEU A 1 84 ? 1.279   6.914   4.380   1.00 0.00 ? 121 LEU A CG   1 
ATOM 1064 C CD1  . LEU A 1 84 ? 1.362   8.402   4.031   1.00 0.00 ? 121 LEU A CD1  1 
ATOM 1065 C CD2  . LEU A 1 84 ? 1.083   6.101   3.099   1.00 0.00 ? 121 LEU A CD2  1 
ATOM 1066 H H    . LEU A 1 84 ? 4.697   6.400   6.366   1.00 0.00 ? 121 LEU A H    1 
ATOM 1067 H HA   . LEU A 1 84 ? 2.354   8.191   6.344   1.00 0.00 ? 121 LEU A HA   1 
ATOM 1068 H HB2  . LEU A 1 84 ? 3.419   6.746   4.447   1.00 0.00 ? 121 LEU A HB2  1 
ATOM 1069 H HB3  . LEU A 1 84 ? 2.561   5.410   5.213   1.00 0.00 ? 121 LEU A HB3  1 
ATOM 1070 H HG   . LEU A 1 84 ? 0.445   6.748   5.046   1.00 0.00 ? 121 LEU A HG   1 
ATOM 1071 H HD11 . LEU A 1 84 ? 2.397   8.686   3.912   1.00 0.00 ? 121 LEU A HD11 1 
ATOM 1072 H HD12 . LEU A 1 84 ? 0.829   8.587   3.110   1.00 0.00 ? 121 LEU A HD12 1 
ATOM 1073 H HD13 . LEU A 1 84 ? 0.919   8.984   4.826   1.00 0.00 ? 121 LEU A HD13 1 
ATOM 1074 H HD21 . LEU A 1 84 ? 2.045   5.782   2.724   1.00 0.00 ? 121 LEU A HD21 1 
ATOM 1075 H HD22 . LEU A 1 84 ? 0.474   5.235   3.312   1.00 0.00 ? 121 LEU A HD22 1 
ATOM 1076 H HD23 . LEU A 1 84 ? 0.592   6.712   2.356   1.00 0.00 ? 121 LEU A HD23 1 
ATOM 1077 N N    . ILE A 1 85 ? 2.568   5.660   8.345   1.00 0.00 ? 122 ILE A N    1 
ATOM 1078 C CA   . ILE A 1 85 ? 1.866   4.871   9.428   1.00 0.00 ? 122 ILE A CA   1 
ATOM 1079 C C    . ILE A 1 85 ? 0.763   5.730   10.079  1.00 0.00 ? 122 ILE A C    1 
ATOM 1080 O O    . ILE A 1 85 ? 0.860   6.941   10.140  1.00 0.00 ? 122 ILE A O    1 
ATOM 1081 C CB   . ILE A 1 85 ? 2.974   4.400   10.449  1.00 0.00 ? 122 ILE A CB   1 
ATOM 1082 C CG1  . ILE A 1 85 ? 2.381   4.176   11.869  1.00 0.00 ? 122 ILE A CG1  1 
ATOM 1083 C CG2  . ILE A 1 85 ? 4.172   5.377   10.535  1.00 0.00 ? 122 ILE A CG2  1 
ATOM 1084 C CD1  . ILE A 1 85 ? 2.213   5.510   12.616  1.00 0.00 ? 122 ILE A CD1  1 
ATOM 1085 H H    . ILE A 1 85 ? 3.536   5.620   8.280   1.00 0.00 ? 122 ILE A H    1 
ATOM 1086 H HA   . ILE A 1 85 ? 1.407   3.995   8.984   1.00 0.00 ? 122 ILE A HA   1 
ATOM 1087 H HB   . ILE A 1 85 ? 3.356   3.452   10.096  1.00 0.00 ? 122 ILE A HB   1 
ATOM 1088 H HG12 . ILE A 1 85 ? 1.416   3.701   11.780  1.00 0.00 ? 122 ILE A HG12 1 
ATOM 1089 H HG13 . ILE A 1 85 ? 3.042   3.535   12.432  1.00 0.00 ? 122 ILE A HG13 1 
ATOM 1090 H HG21 . ILE A 1 85 ? 3.887   6.342   10.144  1.00 0.00 ? 122 ILE A HG21 1 
ATOM 1091 H HG22 . ILE A 1 85 ? 4.481   5.483   11.565  1.00 0.00 ? 122 ILE A HG22 1 
ATOM 1092 H HG23 . ILE A 1 85 ? 4.992   4.982   9.953   1.00 0.00 ? 122 ILE A HG23 1 
ATOM 1093 H HD11 . ILE A 1 85 ? 2.342   6.325   11.914  1.00 0.00 ? 122 ILE A HD11 1 
ATOM 1094 H HD12 . ILE A 1 85 ? 1.227   5.559   13.051  1.00 0.00 ? 122 ILE A HD12 1 
ATOM 1095 H HD13 . ILE A 1 85 ? 2.958   5.584   13.394  1.00 0.00 ? 122 ILE A HD13 1 
ATOM 1096 N N    . GLY A 1 86 ? -0.293  5.101   10.519  1.00 0.00 ? 123 GLY A N    1 
ATOM 1097 C CA   . GLY A 1 86 ? -1.426  5.858   11.119  1.00 0.00 ? 123 GLY A CA   1 
ATOM 1098 C C    . GLY A 1 86 ? -2.544  5.927   10.078  1.00 0.00 ? 123 GLY A C    1 
ATOM 1099 O O    . GLY A 1 86 ? -3.716  5.883   10.400  1.00 0.00 ? 123 GLY A O    1 
ATOM 1100 H H    . GLY A 1 86 ? -0.353  4.127   10.427  1.00 0.00 ? 123 GLY A H    1 
ATOM 1101 H HA2  . GLY A 1 86 ? -1.778  5.348   12.005  1.00 0.00 ? 123 GLY A HA2  1 
ATOM 1102 H HA3  . GLY A 1 86 ? -1.108  6.857   11.373  1.00 0.00 ? 123 GLY A HA3  1 
ATOM 1103 N N    . GLU A 1 87 ? -2.174  6.013   8.823   1.00 0.00 ? 124 GLU A N    1 
ATOM 1104 C CA   . GLU A 1 87 ? -3.184  6.062   7.731   1.00 0.00 ? 124 GLU A CA   1 
ATOM 1105 C C    . GLU A 1 87 ? -3.312  4.672   7.100   1.00 0.00 ? 124 GLU A C    1 
ATOM 1106 O O    . GLU A 1 87 ? -2.839  3.690   7.650   1.00 0.00 ? 124 GLU A O    1 
ATOM 1107 C CB   . GLU A 1 87 ? -2.628  7.065   6.719   1.00 0.00 ? 124 GLU A CB   1 
ATOM 1108 C CG   . GLU A 1 87 ? -3.240  8.443   6.975   1.00 0.00 ? 124 GLU A CG   1 
ATOM 1109 C CD   . GLU A 1 87 ? -2.589  9.472   6.051   1.00 0.00 ? 124 GLU A CD   1 
ATOM 1110 O OE1  . GLU A 1 87 ? -2.918  9.474   4.876   1.00 0.00 ? 124 GLU A OE1  1 
ATOM 1111 O OE2  . GLU A 1 87 ? -1.774  10.241  6.533   1.00 0.00 ? 124 GLU A OE2  1 
ATOM 1112 H H    . GLU A 1 87 ? -1.221  6.032   8.600   1.00 0.00 ? 124 GLU A H    1 
ATOM 1113 H HA   . GLU A 1 87 ? -4.137  6.399   8.107   1.00 0.00 ? 124 GLU A HA   1 
ATOM 1114 H HB2  . GLU A 1 87 ? -1.553  7.121   6.824   1.00 0.00 ? 124 GLU A HB2  1 
ATOM 1115 H HB3  . GLU A 1 87 ? -2.875  6.743   5.719   1.00 0.00 ? 124 GLU A HB3  1 
ATOM 1116 H HG2  . GLU A 1 87 ? -4.303  8.405   6.784   1.00 0.00 ? 124 GLU A HG2  1 
ATOM 1117 H HG3  . GLU A 1 87 ? -3.070  8.727   8.003   1.00 0.00 ? 124 GLU A HG3  1 
ATOM 1118 N N    . GLU A 1 88 ? -3.944  4.574   5.956   1.00 0.00 ? 125 GLU A N    1 
ATOM 1119 C CA   . GLU A 1 88 ? -4.095  3.233   5.309   1.00 0.00 ? 125 GLU A CA   1 
ATOM 1120 C C    . GLU A 1 88 ? -3.816  3.320   3.806   1.00 0.00 ? 125 GLU A C    1 
ATOM 1121 O O    . GLU A 1 88 ? -4.412  4.106   3.096   1.00 0.00 ? 125 GLU A O    1 
ATOM 1122 C CB   . GLU A 1 88 ? -5.552  2.803   5.551   1.00 0.00 ? 125 GLU A CB   1 
ATOM 1123 C CG   . GLU A 1 88 ? -5.937  2.989   7.025   1.00 0.00 ? 125 GLU A CG   1 
ATOM 1124 C CD   . GLU A 1 88 ? -7.265  2.278   7.302   1.00 0.00 ? 125 GLU A CD   1 
ATOM 1125 O OE1  . GLU A 1 88 ? -8.095  2.244   6.408   1.00 0.00 ? 125 GLU A OE1  1 
ATOM 1126 O OE2  . GLU A 1 88 ? -7.429  1.781   8.404   1.00 0.00 ? 125 GLU A OE2  1 
ATOM 1127 H H    . GLU A 1 88 ? -4.317  5.373   5.530   1.00 0.00 ? 125 GLU A H    1 
ATOM 1128 H HA   . GLU A 1 88 ? -3.426  2.524   5.767   1.00 0.00 ? 125 GLU A HA   1 
ATOM 1129 H HB2  . GLU A 1 88 ? -6.209  3.397   4.934   1.00 0.00 ? 125 GLU A HB2  1 
ATOM 1130 H HB3  . GLU A 1 88 ? -5.660  1.761   5.288   1.00 0.00 ? 125 GLU A HB3  1 
ATOM 1131 H HG2  . GLU A 1 88 ? -5.166  2.572   7.653   1.00 0.00 ? 125 GLU A HG2  1 
ATOM 1132 H HG3  . GLU A 1 88 ? -6.046  4.042   7.239   1.00 0.00 ? 125 GLU A HG3  1 
ATOM 1133 N N    . LEU A 1 89 ? -2.922  2.498   3.322   1.00 0.00 ? 126 LEU A N    1 
ATOM 1134 C CA   . LEU A 1 89 ? -2.603  2.497   1.865   1.00 0.00 ? 126 LEU A CA   1 
ATOM 1135 C C    . LEU A 1 89 ? -3.436  1.415   1.173   1.00 0.00 ? 126 LEU A C    1 
ATOM 1136 O O    . LEU A 1 89 ? -3.831  0.447   1.793   1.00 0.00 ? 126 LEU A O    1 
ATOM 1137 C CB   . LEU A 1 89 ? -1.108  2.169   1.788   1.00 0.00 ? 126 LEU A CB   1 
ATOM 1138 C CG   . LEU A 1 89 ? -0.655  2.102   0.319   1.00 0.00 ? 126 LEU A CG   1 
ATOM 1139 C CD1  . LEU A 1 89 ? 0.592   2.965   0.122   1.00 0.00 ? 126 LEU A CD1  1 
ATOM 1140 C CD2  . LEU A 1 89 ? -0.330  0.653   -0.057  1.00 0.00 ? 126 LEU A CD2  1 
ATOM 1141 H H    . LEU A 1 89 ? -2.469  1.866   3.919   1.00 0.00 ? 126 LEU A H    1 
ATOM 1142 H HA   . LEU A 1 89 ? -2.796  3.465   1.431   1.00 0.00 ? 126 LEU A HA   1 
ATOM 1143 H HB2  . LEU A 1 89 ? -0.550  2.936   2.306   1.00 0.00 ? 126 LEU A HB2  1 
ATOM 1144 H HB3  . LEU A 1 89 ? -0.928  1.216   2.265   1.00 0.00 ? 126 LEU A HB3  1 
ATOM 1145 H HG   . LEU A 1 89 ? -1.444  2.469   -0.321  1.00 0.00 ? 126 LEU A HG   1 
ATOM 1146 H HD11 . LEU A 1 89 ? 0.449   3.920   0.605   1.00 0.00 ? 126 LEU A HD11 1 
ATOM 1147 H HD12 . LEU A 1 89 ? 1.447   2.467   0.555   1.00 0.00 ? 126 LEU A HD12 1 
ATOM 1148 H HD13 . LEU A 1 89 ? 0.760   3.118   -0.933  1.00 0.00 ? 126 LEU A HD13 1 
ATOM 1149 H HD21 . LEU A 1 89 ? 0.271   0.206   0.720   1.00 0.00 ? 126 LEU A HD21 1 
ATOM 1150 H HD22 . LEU A 1 89 ? -1.248  0.095   -0.169  1.00 0.00 ? 126 LEU A HD22 1 
ATOM 1151 H HD23 . LEU A 1 89 ? 0.215   0.636   -0.989  1.00 0.00 ? 126 LEU A HD23 1 
ATOM 1152 N N    . GLN A 1 90 ? -3.713  1.573   -0.096  1.00 0.00 ? 127 GLN A N    1 
ATOM 1153 C CA   . GLN A 1 90 ? -4.529  0.548   -0.812  1.00 0.00 ? 127 GLN A CA   1 
ATOM 1154 C C    . GLN A 1 90 ? -3.857  0.152   -2.129  1.00 0.00 ? 127 GLN A C    1 
ATOM 1155 O O    . GLN A 1 90 ? -3.082  0.902   -2.692  1.00 0.00 ? 127 GLN A O    1 
ATOM 1156 C CB   . GLN A 1 90 ? -5.876  1.226   -1.076  1.00 0.00 ? 127 GLN A CB   1 
ATOM 1157 C CG   . GLN A 1 90 ? -6.778  0.274   -1.865  1.00 0.00 ? 127 GLN A CG   1 
ATOM 1158 C CD   . GLN A 1 90 ? -8.233  0.464   -1.432  1.00 0.00 ? 127 GLN A CD   1 
ATOM 1159 O OE1  . GLN A 1 90 ? -8.759  1.558   -1.490  1.00 0.00 ? 127 GLN A OE1  1 
ATOM 1160 N NE2  . GLN A 1 90 ? -8.912  -0.564  -0.999  1.00 0.00 ? 127 GLN A NE2  1 
ATOM 1161 H H    . GLN A 1 90 ? -3.390  2.364   -0.577  1.00 0.00 ? 127 GLN A H    1 
ATOM 1162 H HA   . GLN A 1 90 ? -4.671  -0.320  -0.189  1.00 0.00 ? 127 GLN A HA   1 
ATOM 1163 H HB2  . GLN A 1 90 ? -6.345  1.471   -0.134  1.00 0.00 ? 127 GLN A HB2  1 
ATOM 1164 H HB3  . GLN A 1 90 ? -5.720  2.127   -1.648  1.00 0.00 ? 127 GLN A HB3  1 
ATOM 1165 H HG2  . GLN A 1 90 ? -6.680  0.484   -2.919  1.00 0.00 ? 127 GLN A HG2  1 
ATOM 1166 H HG3  . GLN A 1 90 ? -6.474  -0.745  -1.673  1.00 0.00 ? 127 GLN A HG3  1 
ATOM 1167 H HE21 . GLN A 1 90 ? -8.488  -1.446  -0.952  1.00 0.00 ? 127 GLN A HE21 1 
ATOM 1168 H HE22 . GLN A 1 90 ? -9.844  -0.451  -0.719  1.00 0.00 ? 127 GLN A HE22 1 
ATOM 1169 N N    . VAL A 1 91 ? -4.152  -1.028  -2.615  1.00 0.00 ? 128 VAL A N    1 
ATOM 1170 C CA   . VAL A 1 91 ? -3.534  -1.489  -3.894  1.00 0.00 ? 128 VAL A CA   1 
ATOM 1171 C C    . VAL A 1 91 ? -4.538  -2.317  -4.697  1.00 0.00 ? 128 VAL A C    1 
ATOM 1172 O O    . VAL A 1 91 ? -5.304  -3.083  -4.145  1.00 0.00 ? 128 VAL A O    1 
ATOM 1173 C CB   . VAL A 1 91 ? -2.343  -2.349  -3.472  1.00 0.00 ? 128 VAL A CB   1 
ATOM 1174 C CG1  . VAL A 1 91 ? -1.579  -2.805  -4.713  1.00 0.00 ? 128 VAL A CG1  1 
ATOM 1175 C CG2  . VAL A 1 91 ? -1.416  -1.523  -2.576  1.00 0.00 ? 128 VAL A CG2  1 
ATOM 1176 H H    . VAL A 1 91 ? -4.774  -1.615  -2.134  1.00 0.00 ? 128 VAL A H    1 
ATOM 1177 H HA   . VAL A 1 91 ? -3.193  -0.645  -4.472  1.00 0.00 ? 128 VAL A HA   1 
ATOM 1178 H HB   . VAL A 1 91 ? -2.695  -3.213  -2.927  1.00 0.00 ? 128 VAL A HB   1 
ATOM 1179 H HG11 . VAL A 1 91 ? -2.254  -2.845  -5.555  1.00 0.00 ? 128 VAL A HG11 1 
ATOM 1180 H HG12 . VAL A 1 91 ? -0.783  -2.106  -4.923  1.00 0.00 ? 128 VAL A HG12 1 
ATOM 1181 H HG13 . VAL A 1 91 ? -1.162  -3.786  -4.539  1.00 0.00 ? 128 VAL A HG13 1 
ATOM 1182 H HG21 . VAL A 1 91 ? -1.182  -0.591  -3.067  1.00 0.00 ? 128 VAL A HG21 1 
ATOM 1183 H HG22 . VAL A 1 91 ? -1.916  -1.320  -1.639  1.00 0.00 ? 128 VAL A HG22 1 
ATOM 1184 H HG23 . VAL A 1 91 ? -0.507  -2.074  -2.390  1.00 0.00 ? 128 VAL A HG23 1 
ATOM 1185 N N    . ASP A 1 92 ? -4.538  -2.167  -5.998  1.00 0.00 ? 129 ASP A N    1 
ATOM 1186 C CA   . ASP A 1 92 ? -5.488  -2.943  -6.847  1.00 0.00 ? 129 ASP A CA   1 
ATOM 1187 C C    . ASP A 1 92 ? -4.878  -3.196  -8.227  1.00 0.00 ? 129 ASP A C    1 
ATOM 1188 O O    . ASP A 1 92 ? -3.719  -2.909  -8.463  1.00 0.00 ? 129 ASP A O    1 
ATOM 1189 C CB   . ASP A 1 92 ? -6.731  -2.059  -6.962  1.00 0.00 ? 129 ASP A CB   1 
ATOM 1190 C CG   . ASP A 1 92 ? -7.984  -2.935  -6.948  1.00 0.00 ? 129 ASP A CG   1 
ATOM 1191 O OD1  . ASP A 1 92 ? -8.291  -3.479  -5.900  1.00 0.00 ? 129 ASP A OD1  1 
ATOM 1192 O OD2  . ASP A 1 92 ? -8.617  -3.047  -7.985  1.00 0.00 ? 129 ASP A OD2  1 
ATOM 1193 H H    . ASP A 1 92 ? -3.909  -1.542  -6.415  1.00 0.00 ? 129 ASP A H    1 
ATOM 1194 H HA   . ASP A 1 92 ? -5.742  -3.877  -6.371  1.00 0.00 ? 129 ASP A HA   1 
ATOM 1195 H HB2  . ASP A 1 92 ? -6.761  -1.372  -6.129  1.00 0.00 ? 129 ASP A HB2  1 
ATOM 1196 H HB3  . ASP A 1 92 ? -6.693  -1.503  -7.888  1.00 0.00 ? 129 ASP A HB3  1 
ATOM 1197 N N    . PHE A 1 93 ? -5.651  -3.730  -9.139  1.00 0.00 ? 130 PHE A N    1 
ATOM 1198 C CA   . PHE A 1 93 ? -5.124  -4.006  -10.508 1.00 0.00 ? 130 PHE A CA   1 
ATOM 1199 C C    . PHE A 1 93 ? -5.277  -2.766  -11.394 1.00 0.00 ? 130 PHE A C    1 
ATOM 1200 O O    . PHE A 1 93 ? -6.374  -2.386  -11.759 1.00 0.00 ? 130 PHE A O    1 
ATOM 1201 C CB   . PHE A 1 93 ? -5.981  -5.155  -11.039 1.00 0.00 ? 130 PHE A CB   1 
ATOM 1202 C CG   . PHE A 1 93 ? -5.497  -6.458  -10.451 1.00 0.00 ? 130 PHE A CG   1 
ATOM 1203 C CD1  . PHE A 1 93 ? -4.156  -6.837  -10.593 1.00 0.00 ? 130 PHE A CD1  1 
ATOM 1204 C CD2  . PHE A 1 93 ? -6.389  -7.290  -9.762  1.00 0.00 ? 130 PHE A CD2  1 
ATOM 1205 C CE1  . PHE A 1 93 ? -3.708  -8.045  -10.047 1.00 0.00 ? 130 PHE A CE1  1 
ATOM 1206 C CE2  . PHE A 1 93 ? -5.940  -8.498  -9.216  1.00 0.00 ? 130 PHE A CE2  1 
ATOM 1207 C CZ   . PHE A 1 93 ? -4.600  -8.876  -9.359  1.00 0.00 ? 130 PHE A CZ   1 
ATOM 1208 H H    . PHE A 1 93 ? -6.580  -3.950  -8.921  1.00 0.00 ? 130 PHE A H    1 
ATOM 1209 H HA   . PHE A 1 93 ? -4.091  -4.309  -10.460 1.00 0.00 ? 130 PHE A HA   1 
ATOM 1210 H HB2  . PHE A 1 93 ? -7.012  -4.993  -10.759 1.00 0.00 ? 130 PHE A HB2  1 
ATOM 1211 H HB3  . PHE A 1 93 ? -5.902  -5.195  -12.115 1.00 0.00 ? 130 PHE A HB3  1 
ATOM 1212 H HD1  . PHE A 1 93 ? -3.468  -6.195  -11.123 1.00 0.00 ? 130 PHE A HD1  1 
ATOM 1213 H HD2  . PHE A 1 93 ? -7.423  -6.999  -9.652  1.00 0.00 ? 130 PHE A HD2  1 
ATOM 1214 H HE1  . PHE A 1 93 ? -2.673  -8.336  -10.157 1.00 0.00 ? 130 PHE A HE1  1 
ATOM 1215 H HE2  . PHE A 1 93 ? -6.628  -9.139  -8.685  1.00 0.00 ? 130 PHE A HE2  1 
ATOM 1216 H HZ   . PHE A 1 93 ? -4.253  -9.808  -8.938  1.00 0.00 ? 130 PHE A HZ   1 
ATOM 1217 N N    . LEU A 1 94 ? -4.183  -2.137  -11.739 1.00 0.00 ? 131 LEU A N    1 
ATOM 1218 C CA   . LEU A 1 94 ? -4.255  -0.918  -12.603 1.00 0.00 ? 131 LEU A CA   1 
ATOM 1219 C C    . LEU A 1 94 ? -4.832  -1.274  -13.977 1.00 0.00 ? 131 LEU A C    1 
ATOM 1220 O O    . LEU A 1 94 ? -5.012  -0.369  -14.775 1.00 0.00 ? 131 LEU A O    1 
ATOM 1221 C CB   . LEU A 1 94 ? -2.808  -0.421  -12.732 1.00 0.00 ? 131 LEU A CB   1 
ATOM 1222 C CG   . LEU A 1 94 ? -1.931  -1.511  -13.361 1.00 0.00 ? 131 LEU A CG   1 
ATOM 1223 C CD1  . LEU A 1 94 ? -1.810  -1.265  -14.865 1.00 0.00 ? 131 LEU A CD1  1 
ATOM 1224 C CD2  . LEU A 1 94 ? -0.538  -1.473  -12.726 1.00 0.00 ? 131 LEU A CD2  1 
ATOM 1225 H H    . LEU A 1 94 ? -3.313  -2.467  -11.429 1.00 0.00 ? 131 LEU A H    1 
ATOM 1226 H HA   . LEU A 1 94 ? -4.861  -0.162  -12.129 1.00 0.00 ? 131 LEU A HA   1 
ATOM 1227 H HB2  . LEU A 1 94 ? -2.788  0.461   -13.354 1.00 0.00 ? 131 LEU A HB2  1 
ATOM 1228 H HB3  . LEU A 1 94 ? -2.427  -0.176  -11.752 1.00 0.00 ? 131 LEU A HB3  1 
ATOM 1229 H HG   . LEU A 1 94 ? -2.380  -2.478  -13.191 1.00 0.00 ? 131 LEU A HG   1 
ATOM 1230 H HD11 . LEU A 1 94 ? -1.748  -0.204  -15.053 1.00 0.00 ? 131 LEU A HD11 1 
ATOM 1231 H HD12 . LEU A 1 94 ? -0.920  -1.750  -15.239 1.00 0.00 ? 131 LEU A HD12 1 
ATOM 1232 H HD13 . LEU A 1 94 ? -2.677  -1.669  -15.367 1.00 0.00 ? 131 LEU A HD13 1 
ATOM 1233 H HD21 . LEU A 1 94 ? -0.631  -1.506  -11.651 1.00 0.00 ? 131 LEU A HD21 1 
ATOM 1234 H HD22 . LEU A 1 94 ? 0.034   -2.325  -13.065 1.00 0.00 ? 131 LEU A HD22 1 
ATOM 1235 H HD23 . LEU A 1 94 ? -0.034  -0.563  -13.017 1.00 0.00 ? 131 LEU A HD23 1 
# 
